data_7MVY
#
_entry.id   7MVY
#
_cell.length_a   1.00
_cell.length_b   1.00
_cell.length_c   1.00
_cell.angle_alpha   90.00
_cell.angle_beta   90.00
_cell.angle_gamma   90.00
#
_symmetry.space_group_name_H-M   'P 1'
#
loop_
_entity.id
_entity.type
_entity.pdbx_description
1 polymer 'Nucleoporin NUP188'
2 polymer 'Nucleoporin NIC96'
#
loop_
_entity_poly.entity_id
_entity_poly.type
_entity_poly.pdbx_seq_one_letter_code
_entity_poly.pdbx_strand_id
1 'polypeptide(L)'
;GPHNMATLTDRTYLPPLEDCLTGRTVILSWRLVASALEDADLARLTSPALSTFLRDGFVHELLKHPARVFEPKDLKQEFE
TKTSSIQTVAPGVDTIKKDALWLADAVAINQVAALRIVLIEYQTRAHSHLVLPLSTQDVANIQEAAGVGDAHASSILSLL
NPASAVDAETMWCDFETEARRRERILATYLSERRSFTAAVDALVTFLLHSAPGQHKDLDSLRRALLKDAFAFDEDLDVPD
RSKLLTMAPTYMNLVEDCIARAQALPAKLGESFKTEAFELDWLRTAITEAVHSLSIAFQALDLDTPYFAPHELLSEWFEL
MNSSLFLESILGFEVVADLAMPARSLVSAICLKMLNIDRTIQFLHDFDYPDGEEPYLLSSQTLNKIHTAVTNAVNSGVAA
SLPVAFAWSLIVHQMHLGYQERAERRDLLVNQRAQAGFELEFQPSASTPNRRRRNSAGSIVSLEASPYDDFLREQRLDND
IAPVEQIAMLATSRGQVYQVMSEMALCLGTTHEAAFRPAVGARARLVFQDLLKRSAYLIPYQDEPVFSLLAILATGRQYW
DVTDALSASSLNQVYTDMLDDETLFTQFTMQAINRFPYEFNPFSVLCRVLAAALITNKDKADVVTGWLWRTPTLTVDWNP
AWDRSYELCFEDENTNSFRLTRDVDLFGSASPARPRHLAAEERFIIPEGTLGRFVTDVGRTARLEFEHSALALLGKRLEV
KAAEEICDSGMAPLDVDEQAEAVAMLATVLRAESLKSTAKGGDPEAPLKFLKEASRLLPHNKDILTVISDTIDGLVEKEL
LELDGPQIAVLASCLQFLHAALAVCPGRVWAYMSRCALIAGDARPGRLSRITGSLDMYAERFDLLSSAVKLFAALIDSAA
CSAVQRRAGSTALVSVRSAVENPWLGTSEKILSRVALAIAQAALDVYESTTTWRFRSELDRSILVRDVVGLMHKLVVHAH
TLSSHLTSTLSPAAAHIISSFLTPPPSASSLRFQPLLGTLLVALITPRATLYPGQSRILAERVTSVLAFCTSLLRAADFL
GQTHIPLQTHLFQSACLLARLPAANAVYRAPVLELLRALVEVAGRAANGSGEPPSLLGYLGSHAARSFISLVEGIDKPFG
RVEHAVVTWRFFAAVIRNRQQWMAGCLLTGRTPREALKGGGEQKIERKVGEGSVLAAAMERLREVKSLDVQEAVAVMDFV
VSAQNYWPWTIFAVRKEKEVVDALRGYVRGLKAPGMVMKTDGAAAAAFQARIAAYVAETFAMQLYHMRQMRQAEKFAGEL
VADLDYFLREGVMVWGYNASLHGNFARNFAKRFPGVEVDDFKRTMWLPRELGKGYYYALEVAEQMLGFDAGWGGVKQSGF
RKEMETANLNLSLVEAQVSLFHAWEYLLLELTLSLLPKKENAAFARQVLQVVEQCLEANQRSQPPENIFVVLGHARAGLA
LTLLQRLADANQLPRDVTHLLALVSSAIHAVENPFGANDLPYFRTLLKILFVVLRAAKQGTAKPGESNVAITQQVLTILD
RVVARCFRALAALVHEQQQNATDGTTTAPEDLALITAILQACLSVPGIEQCQVQVLNIMAAHDVFQVAVALFSWADRLLP
ANPSPASSSTSTSATNPASGDPVYGELALLFLLELSALPALAEHLACDGLLGHLAAARLAGYMRRTNVGPFAENAGAARC
YAIWAKCLLPLLLNILAALGSTVAPEVAWVLNQFPNLLQSSVERIEPPGFSRPTLSLASTPPRQKFISLLEISEIHSLAL
LTRVLAACRAQNARDVPEVTWDGAKVLECVEYWLRGRKVLRERLVPLGPREVEWRGMVATGGVVGVAGDGGEGCENRLEE
KAVGLLVGVREVLEGGLEGEGE
;
A
2 'polypeptide(L)' SGTGLGEVDVDTYLSNLQTKTTLSMIADGLERSARDFDAFLEENVTLEWEAQRKRIYQHFGIK B
#
# COMPACT_ATOMS: atom_id res chain seq x y z
N THR A 7 26.88 4.95 -36.22
CA THR A 7 25.52 4.43 -36.08
C THR A 7 25.00 4.66 -34.66
N LEU A 8 25.37 5.79 -34.07
CA LEU A 8 24.97 6.17 -32.73
C LEU A 8 24.13 7.45 -32.84
N THR A 9 22.82 7.29 -32.92
CA THR A 9 21.90 8.40 -33.05
C THR A 9 21.24 8.70 -31.70
N ASP A 10 20.40 9.71 -31.69
CA ASP A 10 19.67 10.14 -30.49
C ASP A 10 18.22 9.72 -30.55
N ARG A 11 17.95 8.54 -31.11
CA ARG A 11 16.58 8.06 -31.22
C ARG A 11 15.92 7.94 -29.85
N THR A 12 16.65 7.43 -28.86
CA THR A 12 16.13 7.31 -27.50
C THR A 12 16.54 8.46 -26.60
N TYR A 13 17.65 9.13 -26.90
CA TYR A 13 18.08 10.26 -26.08
C TYR A 13 17.17 11.45 -26.28
N LEU A 14 16.92 11.84 -27.53
CA LEU A 14 16.03 12.94 -27.89
C LEU A 14 14.94 12.40 -28.79
N PRO A 15 13.86 11.85 -28.23
CA PRO A 15 12.78 11.31 -29.06
C PRO A 15 12.19 12.37 -29.97
N PRO A 16 11.38 11.98 -30.95
CA PRO A 16 10.78 12.98 -31.84
C PRO A 16 9.97 14.00 -31.08
N LEU A 17 9.89 15.21 -31.64
CA LEU A 17 9.14 16.28 -30.98
C LEU A 17 7.66 15.96 -30.90
N GLU A 18 7.14 15.13 -31.81
CA GLU A 18 5.72 14.81 -31.79
C GLU A 18 5.34 14.09 -30.50
N ASP A 19 6.19 13.17 -30.04
CA ASP A 19 5.89 12.44 -28.82
C ASP A 19 6.03 13.34 -27.59
N CYS A 20 7.02 14.25 -27.61
CA CYS A 20 7.23 15.13 -26.47
C CYS A 20 6.05 16.09 -26.29
N LEU A 21 5.50 16.60 -27.39
CA LEU A 21 4.37 17.52 -27.31
C LEU A 21 3.08 16.78 -26.99
N THR A 22 2.79 15.71 -27.72
CA THR A 22 1.57 14.94 -27.49
C THR A 22 1.60 14.21 -26.15
N GLY A 23 2.78 13.98 -25.58
CA GLY A 23 2.90 13.29 -24.31
C GLY A 23 2.96 11.78 -24.40
N ARG A 24 3.02 11.22 -25.61
CA ARG A 24 3.08 9.77 -25.75
C ARG A 24 4.36 9.19 -25.18
N THR A 25 5.41 10.00 -25.05
CA THR A 25 6.68 9.53 -24.49
C THR A 25 7.37 10.72 -23.85
N VAL A 26 7.35 10.77 -22.52
CA VAL A 26 7.99 11.85 -21.78
C VAL A 26 9.50 11.64 -21.80
N ILE A 27 10.24 12.72 -22.04
CA ILE A 27 11.70 12.62 -22.08
C ILE A 27 12.20 12.15 -20.72
N LEU A 28 13.10 11.17 -20.74
CA LEU A 28 13.75 10.68 -19.51
C LEU A 28 14.82 11.68 -19.12
N SER A 29 14.38 12.83 -18.63
CA SER A 29 15.28 13.89 -18.24
C SER A 29 16.23 13.41 -17.14
N TRP A 30 17.34 14.13 -16.99
CA TRP A 30 18.34 13.75 -15.99
C TRP A 30 17.81 13.88 -14.57
N ARG A 31 16.80 14.73 -14.36
CA ARG A 31 16.19 14.87 -13.04
C ARG A 31 15.71 13.51 -12.53
N LEU A 32 14.99 12.77 -13.37
CA LEU A 32 14.50 11.46 -12.97
C LEU A 32 15.64 10.45 -12.86
N VAL A 33 16.59 10.49 -13.81
CA VAL A 33 17.70 9.55 -13.79
C VAL A 33 18.54 9.76 -12.53
N ALA A 34 18.79 11.01 -12.17
CA ALA A 34 19.59 11.28 -10.97
C ALA A 34 18.90 10.76 -9.72
N SER A 35 17.57 10.91 -9.64
CA SER A 35 16.85 10.40 -8.48
C SER A 35 16.89 8.88 -8.42
N ALA A 36 16.72 8.23 -9.57
CA ALA A 36 16.75 6.76 -9.59
C ALA A 36 18.11 6.23 -9.20
N LEU A 37 19.18 6.87 -9.68
CA LEU A 37 20.53 6.42 -9.34
C LEU A 37 20.91 6.79 -7.92
N GLU A 38 20.30 7.85 -7.37
CA GLU A 38 20.62 8.26 -6.01
C GLU A 38 19.90 7.40 -4.99
N ASP A 39 18.60 7.14 -5.20
CA ASP A 39 17.83 6.31 -4.29
C ASP A 39 18.07 4.82 -4.49
N ALA A 40 18.69 4.41 -5.60
CA ALA A 40 18.96 3.01 -5.87
C ALA A 40 17.68 2.19 -5.91
N ASP A 41 16.62 2.78 -6.44
CA ASP A 41 15.34 2.08 -6.55
C ASP A 41 15.45 0.93 -7.54
N LEU A 42 14.91 -0.22 -7.15
CA LEU A 42 14.99 -1.40 -8.02
C LEU A 42 14.05 -1.27 -9.21
N ALA A 43 12.79 -0.90 -8.96
CA ALA A 43 11.80 -0.85 -10.04
C ALA A 43 12.22 0.15 -11.12
N ARG A 44 12.54 1.37 -10.73
CA ARG A 44 12.89 2.40 -11.71
C ARG A 44 14.15 2.01 -12.48
N LEU A 45 15.18 1.53 -11.77
CA LEU A 45 16.42 1.16 -12.44
C LEU A 45 16.23 -0.04 -13.35
N THR A 46 15.23 -0.88 -13.09
CA THR A 46 14.95 -2.06 -13.91
C THR A 46 13.76 -1.84 -14.84
N SER A 47 13.36 -0.59 -15.07
CA SER A 47 12.23 -0.33 -15.95
C SER A 47 12.66 -0.41 -17.41
N PRO A 48 11.72 -0.74 -18.32
CA PRO A 48 12.11 -0.82 -19.74
C PRO A 48 12.61 0.48 -20.30
N ALA A 49 11.96 1.60 -19.99
CA ALA A 49 12.34 2.89 -20.57
C ALA A 49 13.77 3.25 -20.17
N LEU A 50 14.04 3.32 -18.86
CA LEU A 50 15.39 3.68 -18.42
C LEU A 50 16.41 2.64 -18.82
N SER A 51 16.02 1.36 -18.85
CA SER A 51 16.94 0.32 -19.28
C SER A 51 17.39 0.56 -20.72
N THR A 52 16.44 0.79 -21.62
CA THR A 52 16.79 1.07 -23.01
C THR A 52 17.56 2.38 -23.14
N PHE A 53 17.24 3.36 -22.30
CA PHE A 53 17.95 4.64 -22.37
C PHE A 53 19.42 4.48 -21.99
N LEU A 54 19.69 3.73 -20.92
CA LEU A 54 21.07 3.56 -20.47
C LEU A 54 21.83 2.56 -21.33
N ARG A 55 21.17 1.52 -21.83
CA ARG A 55 21.83 0.51 -22.64
C ARG A 55 22.23 1.02 -24.02
N ASP A 56 21.79 2.22 -24.40
CA ASP A 56 22.14 2.77 -25.70
C ASP A 56 23.58 3.27 -25.70
N GLY A 57 24.27 3.07 -26.83
CA GLY A 57 25.64 3.53 -26.94
C GLY A 57 25.77 5.03 -27.02
N PHE A 58 24.73 5.71 -27.51
CA PHE A 58 24.76 7.16 -27.59
C PHE A 58 24.86 7.78 -26.21
N VAL A 59 24.04 7.32 -25.26
CA VAL A 59 24.09 7.83 -23.91
C VAL A 59 25.44 7.53 -23.27
N HIS A 60 26.01 6.37 -23.60
CA HIS A 60 27.33 6.02 -23.08
C HIS A 60 28.39 7.00 -23.58
N GLU A 61 28.40 7.27 -24.89
CA GLU A 61 29.35 8.22 -25.43
C GLU A 61 29.14 9.61 -24.87
N LEU A 62 27.89 9.99 -24.59
CA LEU A 62 27.63 11.31 -24.04
C LEU A 62 28.13 11.42 -22.60
N LEU A 63 27.82 10.43 -21.77
CA LEU A 63 28.27 10.48 -20.38
C LEU A 63 29.78 10.29 -20.25
N LYS A 64 30.42 9.63 -21.20
CA LYS A 64 31.87 9.53 -21.21
C LYS A 64 32.54 10.80 -21.74
N HIS A 65 31.78 11.69 -22.36
CA HIS A 65 32.30 12.96 -22.88
C HIS A 65 31.28 14.05 -22.63
N PRO A 66 31.08 14.43 -21.36
CA PRO A 66 30.09 15.47 -21.06
C PRO A 66 30.37 16.80 -21.74
N ALA A 67 31.64 17.08 -22.08
CA ALA A 67 31.95 18.31 -22.78
C ALA A 67 31.22 18.39 -24.12
N ARG A 68 30.91 17.24 -24.72
CA ARG A 68 30.21 17.23 -26.00
C ARG A 68 28.73 17.54 -25.84
N VAL A 69 28.16 17.29 -24.67
CA VAL A 69 26.73 17.52 -24.47
C VAL A 69 26.40 19.00 -24.61
N PHE A 70 27.24 19.86 -24.03
CA PHE A 70 27.01 21.30 -24.04
C PHE A 70 28.15 22.04 -24.74
N GLU A 71 28.74 21.43 -25.76
CA GLU A 71 29.83 22.05 -26.50
C GLU A 71 29.26 22.99 -27.55
N PRO A 72 30.03 24.02 -27.96
CA PRO A 72 29.59 24.86 -29.08
C PRO A 72 29.98 24.27 -30.42
N LYS A 73 28.98 24.03 -31.27
CA LYS A 73 29.23 23.45 -32.59
C LYS A 73 28.07 23.83 -33.50
N ASP A 74 28.30 23.71 -34.80
CA ASP A 74 27.31 24.07 -35.81
C ASP A 74 26.40 22.87 -36.05
N LEU A 75 25.27 22.86 -35.34
CA LEU A 75 24.24 21.83 -35.49
C LEU A 75 22.95 22.41 -36.09
N LYS A 76 23.09 23.41 -36.96
CA LYS A 76 21.89 24.03 -37.55
C LYS A 76 21.10 23.02 -38.37
N GLN A 77 21.80 22.16 -39.12
CA GLN A 77 21.14 21.15 -39.93
C GLN A 77 20.27 20.25 -39.08
N GLU A 78 20.84 19.68 -38.01
CA GLU A 78 20.09 18.78 -37.15
C GLU A 78 18.92 19.50 -36.48
N PHE A 79 19.14 20.74 -36.05
CA PHE A 79 18.07 21.50 -35.40
C PHE A 79 16.91 21.74 -36.37
N GLU A 80 17.22 22.13 -37.61
CA GLU A 80 16.16 22.38 -38.58
C GLU A 80 15.45 21.09 -38.98
N THR A 81 16.18 19.98 -39.03
CA THR A 81 15.56 18.71 -39.38
C THR A 81 14.67 18.19 -38.26
N LYS A 82 15.04 18.46 -37.00
CA LYS A 82 14.23 18.00 -35.88
C LYS A 82 13.01 18.88 -35.67
N THR A 83 13.18 20.21 -35.72
CA THR A 83 12.06 21.12 -35.52
C THR A 83 11.05 21.08 -36.65
N SER A 84 11.37 20.43 -37.77
CA SER A 84 10.48 20.32 -38.91
C SER A 84 10.18 18.85 -39.15
N SER A 85 8.89 18.48 -39.13
CA SER A 85 8.47 17.11 -39.34
C SER A 85 9.15 16.18 -38.33
N GLY A 92 2.13 23.70 -30.61
CA GLY A 92 2.97 24.83 -30.24
C GLY A 92 4.44 24.57 -30.49
N VAL A 93 4.86 24.71 -31.75
CA VAL A 93 6.24 24.51 -32.13
C VAL A 93 6.99 25.81 -32.38
N ASP A 94 6.29 26.88 -32.78
CA ASP A 94 6.96 28.14 -33.03
C ASP A 94 7.61 28.69 -31.76
N THR A 95 6.87 28.66 -30.65
CA THR A 95 7.40 29.16 -29.39
C THR A 95 8.58 28.32 -28.93
N ILE A 96 8.48 27.00 -29.06
CA ILE A 96 9.59 26.13 -28.67
C ILE A 96 10.83 26.44 -29.51
N LYS A 97 10.65 26.61 -30.83
CA LYS A 97 11.78 26.91 -31.69
C LYS A 97 12.40 28.25 -31.32
N LYS A 98 11.56 29.26 -31.06
CA LYS A 98 12.07 30.57 -30.68
C LYS A 98 12.87 30.50 -29.39
N ASP A 99 12.33 29.80 -28.39
CA ASP A 99 13.04 29.67 -27.12
C ASP A 99 14.36 28.94 -27.30
N ALA A 100 14.37 27.87 -28.11
CA ALA A 100 15.60 27.12 -28.34
C ALA A 100 16.64 27.98 -29.03
N LEU A 101 16.22 28.76 -30.04
CA LEU A 101 17.17 29.62 -30.73
C LEU A 101 17.70 30.71 -29.80
N TRP A 102 16.84 31.29 -28.97
CA TRP A 102 17.29 32.30 -28.04
C TRP A 102 18.29 31.73 -27.04
N LEU A 103 18.03 30.53 -26.53
CA LEU A 103 18.95 29.91 -25.58
C LEU A 103 20.27 29.57 -26.25
N ALA A 104 20.23 29.08 -27.49
CA ALA A 104 21.46 28.75 -28.20
C ALA A 104 22.26 30.01 -28.52
N ASP A 105 21.59 31.13 -28.76
CA ASP A 105 22.30 32.38 -29.01
C ASP A 105 22.89 32.96 -27.72
N ALA A 106 22.17 32.81 -26.60
CA ALA A 106 22.68 33.33 -25.33
C ALA A 106 23.84 32.49 -24.83
N VAL A 107 23.61 31.20 -24.59
CA VAL A 107 24.65 30.30 -24.11
C VAL A 107 25.33 29.64 -25.29
N ALA A 108 26.58 29.23 -25.10
CA ALA A 108 27.37 28.62 -26.16
C ALA A 108 26.95 27.19 -26.47
N ILE A 109 25.92 26.66 -25.81
CA ILE A 109 25.51 25.29 -26.07
C ILE A 109 24.99 25.15 -27.50
N ASN A 110 24.95 23.91 -27.98
CA ASN A 110 24.42 23.64 -29.31
C ASN A 110 22.91 23.87 -29.34
N GLN A 111 22.35 23.89 -30.55
CA GLN A 111 20.92 24.11 -30.70
C GLN A 111 20.13 22.88 -30.28
N VAL A 112 20.69 21.68 -30.48
CA VAL A 112 19.98 20.45 -30.09
C VAL A 112 19.82 20.39 -28.57
N ALA A 113 20.89 20.72 -27.83
CA ALA A 113 20.80 20.71 -26.38
C ALA A 113 19.80 21.76 -25.89
N ALA A 114 19.81 22.94 -26.51
CA ALA A 114 18.86 23.98 -26.12
C ALA A 114 17.43 23.52 -26.37
N LEU A 115 17.18 22.90 -27.52
CA LEU A 115 15.84 22.41 -27.82
C LEU A 115 15.42 21.33 -26.83
N ARG A 116 16.33 20.44 -26.49
CA ARG A 116 16.01 19.39 -25.52
C ARG A 116 15.68 19.99 -24.16
N ILE A 117 16.45 20.99 -23.72
CA ILE A 117 16.19 21.61 -22.43
C ILE A 117 14.86 22.35 -22.45
N VAL A 118 14.54 23.00 -23.57
CA VAL A 118 13.26 23.71 -23.67
C VAL A 118 12.10 22.71 -23.63
N LEU A 119 12.25 21.58 -24.30
CA LEU A 119 11.20 20.57 -24.27
C LEU A 119 11.03 20.00 -22.86
N ILE A 120 12.14 19.75 -22.16
CA ILE A 120 12.06 19.24 -20.81
C ILE A 120 11.37 20.26 -19.90
N GLU A 121 11.70 21.54 -20.05
CA GLU A 121 11.04 22.57 -19.25
C GLU A 121 9.55 22.62 -19.57
N TYR A 122 9.18 22.50 -20.85
CA TYR A 122 7.77 22.49 -21.22
C TYR A 122 7.06 21.31 -20.57
N GLN A 123 7.69 20.14 -20.57
CA GLN A 123 7.07 18.97 -19.94
C GLN A 123 7.04 19.06 -18.42
N THR A 124 7.88 19.91 -17.83
CA THR A 124 7.97 20.05 -16.38
C THR A 124 7.49 21.40 -15.90
N ARG A 125 6.56 22.02 -16.64
CA ARG A 125 6.01 23.31 -16.19
C ARG A 125 5.18 23.16 -14.93
N ALA A 126 4.57 21.98 -14.72
CA ALA A 126 3.77 21.77 -13.53
C ALA A 126 4.59 21.97 -12.26
N HIS A 127 5.79 21.36 -12.23
CA HIS A 127 6.66 21.50 -11.07
C HIS A 127 7.12 22.95 -10.89
N SER A 128 7.56 23.57 -11.98
CA SER A 128 8.03 24.95 -11.92
C SER A 128 6.93 25.88 -11.43
N HIS A 129 5.67 25.55 -11.70
CA HIS A 129 4.57 26.39 -11.24
C HIS A 129 4.18 26.08 -9.79
N LEU A 130 4.27 24.81 -9.40
CA LEU A 130 3.92 24.42 -8.04
C LEU A 130 4.99 24.78 -7.03
N VAL A 131 6.22 25.05 -7.47
CA VAL A 131 7.29 25.43 -6.56
C VAL A 131 7.31 26.94 -6.38
N LEU A 132 6.28 27.62 -6.88
CA LEU A 132 6.18 29.06 -6.74
C LEU A 132 5.51 29.43 -5.43
N PRO A 133 5.62 30.68 -5.00
CA PRO A 133 4.95 31.10 -3.77
C PRO A 133 3.45 30.85 -3.84
N LEU A 134 2.86 30.55 -2.69
CA LEU A 134 1.44 30.27 -2.62
C LEU A 134 0.63 31.55 -2.73
N SER A 135 -0.67 31.39 -2.95
CA SER A 135 -1.58 32.51 -3.11
C SER A 135 -2.04 33.02 -1.75
N THR A 136 -2.95 34.00 -1.77
CA THR A 136 -3.45 34.58 -0.53
C THR A 136 -4.41 33.64 0.20
N GLN A 137 -5.17 32.84 -0.54
CA GLN A 137 -6.08 31.90 0.09
C GLN A 137 -5.31 30.89 0.95
N ASP A 138 -4.19 30.38 0.42
CA ASP A 138 -3.38 29.45 1.18
C ASP A 138 -2.80 30.11 2.42
N VAL A 139 -2.35 31.36 2.30
CA VAL A 139 -1.81 32.06 3.46
C VAL A 139 -2.88 32.23 4.53
N ALA A 140 -4.10 32.59 4.11
CA ALA A 140 -5.20 32.74 5.06
C ALA A 140 -5.52 31.41 5.74
N ASN A 141 -5.54 30.33 4.97
CA ASN A 141 -5.82 29.02 5.55
C ASN A 141 -4.75 28.63 6.56
N ILE A 142 -3.48 28.91 6.24
CA ILE A 142 -2.41 28.57 7.18
C ILE A 142 -2.51 29.42 8.44
N GLN A 143 -2.82 30.70 8.29
CA GLN A 143 -2.97 31.56 9.46
C GLN A 143 -4.16 31.13 10.33
N GLU A 144 -5.23 30.64 9.71
CA GLU A 144 -6.37 30.14 10.47
C GLU A 144 -6.05 28.82 11.16
N ALA A 145 -5.27 27.95 10.51
CA ALA A 145 -4.89 26.69 11.14
C ALA A 145 -3.94 26.93 12.31
N ALA A 146 -3.04 27.92 12.18
CA ALA A 146 -2.09 28.21 13.25
C ALA A 146 -2.77 28.81 14.48
N GLY A 147 -4.05 29.15 14.41
CA GLY A 147 -4.75 29.72 15.54
C GLY A 147 -4.65 31.23 15.61
N ILE A 156 7.43 29.97 16.11
CA ILE A 156 7.20 28.65 15.54
C ILE A 156 6.10 28.75 14.48
N LEU A 157 6.27 27.98 13.41
CA LEU A 157 5.32 27.92 12.30
C LEU A 157 5.26 29.23 11.52
N SER A 158 6.26 30.10 11.67
CA SER A 158 6.28 31.39 11.00
C SER A 158 7.36 31.45 9.92
N LEU A 159 7.95 30.32 9.53
CA LEU A 159 8.96 30.31 8.48
C LEU A 159 8.38 30.72 7.13
N LEU A 160 7.09 30.58 6.92
CA LEU A 160 6.47 31.01 5.67
C LEU A 160 6.38 32.52 5.63
N ASN A 161 6.24 33.06 4.41
CA ASN A 161 6.15 34.50 4.23
C ASN A 161 4.71 34.91 3.94
N PRO A 162 3.90 35.20 4.95
CA PRO A 162 2.52 35.65 4.68
C PRO A 162 2.45 37.08 4.21
N ALA A 163 3.35 37.95 4.67
CA ALA A 163 3.32 39.35 4.26
C ALA A 163 3.40 39.47 2.74
N SER A 164 4.39 38.84 2.13
CA SER A 164 4.57 38.88 0.68
C SER A 164 3.76 37.75 0.05
N ALA A 165 2.66 38.11 -0.59
CA ALA A 165 1.79 37.14 -1.24
C ALA A 165 0.78 37.87 -2.10
N VAL A 166 0.43 37.26 -3.24
CA VAL A 166 -0.54 37.83 -4.17
C VAL A 166 -1.57 36.76 -4.49
N ASP A 167 -2.62 37.18 -5.21
CA ASP A 167 -3.68 36.27 -5.59
C ASP A 167 -3.20 35.31 -6.67
N ALA A 168 -4.06 34.34 -7.01
CA ALA A 168 -3.72 33.37 -8.03
C ALA A 168 -3.82 33.94 -9.43
N GLU A 169 -4.74 34.87 -9.66
CA GLU A 169 -4.88 35.47 -10.99
C GLU A 169 -3.62 36.24 -11.38
N THR A 170 -3.15 37.10 -10.49
CA THR A 170 -1.94 37.87 -10.78
C THR A 170 -0.71 36.96 -10.87
N MET A 171 -0.72 35.84 -10.16
CA MET A 171 0.41 34.91 -10.22
C MET A 171 0.43 34.16 -11.55
N TRP A 172 -0.75 33.82 -12.07
CA TRP A 172 -0.81 33.10 -13.34
C TRP A 172 -0.57 34.04 -14.52
N CYS A 173 -1.10 35.27 -14.45
CA CYS A 173 -0.87 36.22 -15.54
C CYS A 173 0.61 36.57 -15.65
N ASP A 174 1.33 36.59 -14.54
CA ASP A 174 2.76 36.86 -14.57
C ASP A 174 3.57 35.63 -14.95
N PHE A 175 3.02 34.43 -14.78
CA PHE A 175 3.75 33.21 -15.13
C PHE A 175 3.89 33.05 -16.63
N GLU A 176 2.89 33.48 -17.39
CA GLU A 176 2.90 33.35 -18.84
C GLU A 176 3.65 34.48 -19.53
N THR A 177 4.29 35.37 -18.78
CA THR A 177 5.03 36.47 -19.38
C THR A 177 6.29 35.94 -20.06
N GLU A 178 7.03 36.86 -20.70
CA GLU A 178 8.24 36.50 -21.43
C GLU A 178 9.45 36.47 -20.52
N ALA A 179 9.65 37.52 -19.72
CA ALA A 179 10.81 37.57 -18.83
C ALA A 179 10.78 36.43 -17.83
N ARG A 180 9.62 36.21 -17.20
CA ARG A 180 9.50 35.12 -16.23
C ARG A 180 9.70 33.77 -16.90
N ARG A 181 9.17 33.60 -18.11
CA ARG A 181 9.35 32.34 -18.83
C ARG A 181 10.82 32.09 -19.13
N ARG A 182 11.55 33.11 -19.56
CA ARG A 182 12.97 32.95 -19.85
C ARG A 182 13.76 32.66 -18.56
N GLU A 183 13.40 33.33 -17.47
CA GLU A 183 14.07 33.05 -16.20
C GLU A 183 13.84 31.61 -15.76
N ARG A 184 12.60 31.13 -15.90
CA ARG A 184 12.31 29.74 -15.54
C ARG A 184 13.02 28.77 -16.46
N ILE A 185 13.16 29.11 -17.75
CA ILE A 185 13.88 28.24 -18.67
C ILE A 185 15.35 28.16 -18.29
N LEU A 186 15.95 29.29 -17.91
CA LEU A 186 17.34 29.26 -17.48
C LEU A 186 17.51 28.47 -16.18
N ALA A 187 16.57 28.64 -15.25
CA ALA A 187 16.62 27.86 -14.02
C ALA A 187 16.51 26.37 -14.30
N THR A 188 15.62 25.99 -15.22
CA THR A 188 15.48 24.59 -15.58
C THR A 188 16.74 24.07 -16.28
N TYR A 189 17.38 24.92 -17.08
CA TYR A 189 18.63 24.53 -17.73
C TYR A 189 19.70 24.24 -16.68
N LEU A 190 19.85 25.13 -15.71
CA LEU A 190 20.82 24.90 -14.64
C LEU A 190 20.47 23.64 -13.84
N SER A 191 19.20 23.44 -13.54
CA SER A 191 18.78 22.26 -12.79
C SER A 191 19.07 20.99 -13.58
N GLU A 192 18.88 21.03 -14.91
CA GLU A 192 19.15 19.86 -15.73
C GLU A 192 20.64 19.59 -15.82
N ARG A 193 21.47 20.64 -15.87
CA ARG A 193 22.90 20.43 -15.81
C ARG A 193 23.30 19.74 -14.50
N ARG A 194 22.81 20.28 -13.38
CA ARG A 194 23.11 19.66 -12.08
C ARG A 194 22.63 18.21 -12.04
N SER A 195 21.45 17.94 -12.59
CA SER A 195 20.90 16.59 -12.56
C SER A 195 21.74 15.65 -13.42
N PHE A 196 22.18 16.12 -14.60
CA PHE A 196 23.04 15.30 -15.43
C PHE A 196 24.34 14.96 -14.72
N THR A 197 24.96 15.97 -14.09
CA THR A 197 26.21 15.72 -13.37
C THR A 197 26.00 14.70 -12.24
N ALA A 198 24.95 14.91 -11.44
CA ALA A 198 24.69 13.99 -10.34
C ALA A 198 24.39 12.59 -10.84
N ALA A 199 23.66 12.49 -11.97
CA ALA A 199 23.30 11.18 -12.50
C ALA A 199 24.53 10.44 -13.02
N VAL A 200 25.41 11.12 -13.75
CA VAL A 200 26.61 10.47 -14.23
C VAL A 200 27.51 10.08 -13.06
N ASP A 201 27.57 10.92 -12.03
CA ASP A 201 28.37 10.58 -10.85
C ASP A 201 27.83 9.33 -10.17
N ALA A 202 26.51 9.27 -9.94
CA ALA A 202 25.91 8.12 -9.30
C ALA A 202 26.06 6.87 -10.16
N LEU A 203 25.98 7.03 -11.48
CA LEU A 203 26.15 5.87 -12.36
C LEU A 203 27.56 5.33 -12.28
N VAL A 204 28.56 6.20 -12.32
CA VAL A 204 29.95 5.76 -12.18
C VAL A 204 30.14 5.07 -10.82
N THR A 205 29.56 5.65 -9.78
CA THR A 205 29.70 5.07 -8.44
C THR A 205 29.11 3.67 -8.40
N PHE A 206 27.89 3.50 -8.93
CA PHE A 206 27.23 2.21 -8.90
C PHE A 206 27.94 1.19 -9.79
N LEU A 207 28.57 1.65 -10.87
CA LEU A 207 29.26 0.73 -11.77
C LEU A 207 30.62 0.31 -11.23
N LEU A 208 31.27 1.17 -10.44
CA LEU A 208 32.60 0.86 -9.92
C LEU A 208 32.54 0.15 -8.57
N HIS A 209 31.65 0.58 -7.68
CA HIS A 209 31.53 0.04 -6.33
C HIS A 209 30.18 -0.63 -6.11
N SER A 210 29.74 -1.42 -7.10
CA SER A 210 28.46 -2.10 -6.99
C SER A 210 28.42 -2.97 -5.74
N ALA A 211 27.31 -2.91 -5.00
CA ALA A 211 27.18 -3.70 -3.80
C ALA A 211 26.75 -5.13 -4.13
N PRO A 212 27.13 -6.10 -3.32
CA PRO A 212 26.76 -7.50 -3.58
C PRO A 212 25.33 -7.78 -3.13
N GLY A 213 24.88 -8.99 -3.42
CA GLY A 213 23.54 -9.41 -3.02
C GLY A 213 22.43 -8.61 -3.66
N GLN A 214 22.70 -7.93 -4.77
CA GLN A 214 21.68 -7.16 -5.45
C GLN A 214 20.82 -8.07 -6.34
N HIS A 215 19.73 -7.51 -6.85
CA HIS A 215 18.84 -8.27 -7.71
C HIS A 215 19.56 -8.69 -8.99
N LYS A 216 19.16 -9.85 -9.53
CA LYS A 216 19.79 -10.34 -10.75
C LYS A 216 19.66 -9.33 -11.88
N ASP A 217 18.53 -8.64 -11.96
CA ASP A 217 18.34 -7.65 -13.01
C ASP A 217 19.35 -6.51 -12.88
N LEU A 218 19.62 -6.07 -11.65
CA LEU A 218 20.59 -5.00 -11.47
C LEU A 218 21.98 -5.43 -11.91
N ASP A 219 22.40 -6.64 -11.53
CA ASP A 219 23.71 -7.12 -11.94
C ASP A 219 23.79 -7.28 -13.45
N SER A 220 22.73 -7.80 -14.08
CA SER A 220 22.72 -7.95 -15.52
C SER A 220 22.84 -6.59 -16.22
N LEU A 221 22.08 -5.60 -15.75
CA LEU A 221 22.16 -4.28 -16.34
C LEU A 221 23.55 -3.67 -16.15
N ARG A 222 24.13 -3.85 -14.97
CA ARG A 222 25.47 -3.34 -14.72
C ARG A 222 26.48 -3.96 -15.68
N ARG A 223 26.45 -5.28 -15.81
CA ARG A 223 27.39 -5.95 -16.70
C ARG A 223 27.18 -5.53 -18.15
N ALA A 224 25.92 -5.36 -18.57
CA ALA A 224 25.66 -4.94 -19.94
C ALA A 224 26.19 -3.53 -20.19
N LEU A 225 25.89 -2.60 -19.29
CA LEU A 225 26.40 -1.24 -19.44
C LEU A 225 27.92 -1.22 -19.48
N LEU A 226 28.57 -2.01 -18.61
CA LEU A 226 30.02 -2.06 -18.60
C LEU A 226 30.56 -2.58 -19.93
N LYS A 227 30.07 -3.75 -20.36
CA LYS A 227 30.54 -4.33 -21.61
C LYS A 227 30.29 -3.41 -22.80
N ASP A 228 29.25 -2.58 -22.72
CA ASP A 228 28.93 -1.72 -23.86
C ASP A 228 29.74 -0.43 -23.85
N ALA A 229 30.03 0.12 -22.67
CA ALA A 229 30.72 1.39 -22.58
C ALA A 229 32.23 1.24 -22.42
N PHE A 230 32.67 0.55 -21.37
CA PHE A 230 34.08 0.45 -21.03
C PHE A 230 34.64 -0.96 -21.21
N ALA A 231 33.83 -1.91 -21.68
CA ALA A 231 34.28 -3.28 -21.89
C ALA A 231 34.82 -3.90 -20.60
N PHE A 232 34.36 -3.39 -19.46
CA PHE A 232 34.79 -3.90 -18.16
C PHE A 232 33.99 -5.15 -17.84
N ASP A 233 34.54 -6.31 -18.20
CA ASP A 233 33.89 -7.59 -17.96
C ASP A 233 34.47 -8.24 -16.71
N GLU A 234 33.59 -8.63 -15.79
CA GLU A 234 34.03 -9.26 -14.56
C GLU A 234 34.58 -10.66 -14.78
N ASP A 235 34.16 -11.33 -15.87
CA ASP A 235 34.66 -12.67 -16.14
C ASP A 235 36.12 -12.67 -16.58
N LEU A 236 36.61 -11.55 -17.10
CA LEU A 236 38.00 -11.46 -17.52
C LEU A 236 38.91 -11.20 -16.32
N ASP A 237 40.05 -11.90 -16.29
CA ASP A 237 40.98 -11.74 -15.18
C ASP A 237 41.58 -10.33 -15.15
N VAL A 238 41.63 -9.67 -16.30
CA VAL A 238 42.20 -8.33 -16.40
C VAL A 238 41.29 -7.47 -17.27
N PRO A 239 40.29 -6.80 -16.72
CA PRO A 239 39.40 -5.97 -17.53
C PRO A 239 40.12 -4.75 -18.08
N ASP A 240 39.46 -4.10 -19.03
CA ASP A 240 40.02 -2.92 -19.71
C ASP A 240 39.71 -1.69 -18.86
N ARG A 241 40.69 -1.28 -18.05
CA ARG A 241 40.53 -0.10 -17.22
C ARG A 241 40.85 1.19 -17.97
N SER A 242 41.36 1.09 -19.20
CA SER A 242 41.74 2.28 -19.96
C SER A 242 40.57 3.26 -20.08
N LYS A 243 39.44 2.77 -20.59
CA LYS A 243 38.28 3.64 -20.78
C LYS A 243 37.72 4.14 -19.45
N LEU A 244 38.03 3.48 -18.34
CA LEU A 244 37.56 3.90 -17.03
C LEU A 244 38.50 4.92 -16.39
N LEU A 245 39.81 4.79 -16.62
CA LEU A 245 40.79 5.72 -16.08
C LEU A 245 40.97 6.95 -16.97
N THR A 246 40.50 6.91 -18.21
CA THR A 246 40.57 8.08 -19.08
C THR A 246 39.46 9.09 -18.82
N MET A 247 38.62 8.86 -17.82
CA MET A 247 37.54 9.78 -17.49
C MET A 247 38.00 10.92 -16.59
N ALA A 248 39.16 10.80 -15.94
CA ALA A 248 39.63 11.88 -15.08
C ALA A 248 39.91 13.15 -15.87
N PRO A 249 40.74 13.13 -16.92
CA PRO A 249 40.99 14.38 -17.66
C PRO A 249 39.75 14.95 -18.31
N THR A 250 38.81 14.10 -18.73
CA THR A 250 37.59 14.59 -19.37
C THR A 250 36.86 15.58 -18.47
N TYR A 251 36.89 15.35 -17.16
CA TYR A 251 36.26 16.25 -16.20
C TYR A 251 37.22 17.31 -15.68
N MET A 252 38.51 16.99 -15.57
CA MET A 252 39.48 18.00 -15.15
C MET A 252 39.57 19.13 -16.15
N ASN A 253 39.29 18.86 -17.43
CA ASN A 253 39.28 19.91 -18.43
C ASN A 253 37.96 20.68 -18.43
N LEU A 254 36.84 20.00 -18.13
CA LEU A 254 35.56 20.70 -18.05
C LEU A 254 35.49 21.59 -16.82
N VAL A 255 36.24 21.25 -15.76
CA VAL A 255 36.31 22.13 -14.60
C VAL A 255 36.83 23.50 -14.98
N GLU A 256 37.69 23.57 -16.01
CA GLU A 256 38.19 24.85 -16.47
C GLU A 256 37.03 25.73 -16.95
N ASP A 257 36.20 25.21 -17.85
CA ASP A 257 35.06 25.97 -18.33
C ASP A 257 34.08 26.26 -17.19
N CYS A 258 33.95 25.33 -16.25
CA CYS A 258 33.05 25.56 -15.11
C CYS A 258 33.50 26.77 -14.31
N ILE A 259 34.78 26.82 -13.94
CA ILE A 259 35.26 27.96 -13.15
C ILE A 259 35.25 29.23 -13.99
N ALA A 260 35.47 29.11 -15.31
CA ALA A 260 35.41 30.30 -16.16
C ALA A 260 34.00 30.89 -16.17
N ARG A 261 32.99 30.04 -16.31
CA ARG A 261 31.61 30.53 -16.25
C ARG A 261 31.27 31.05 -14.85
N ALA A 262 31.81 30.43 -13.81
CA ALA A 262 31.54 30.90 -12.45
C ALA A 262 32.13 32.30 -12.23
N GLN A 263 33.33 32.55 -12.75
CA GLN A 263 33.97 33.85 -12.60
C GLN A 263 33.50 34.87 -13.63
N ALA A 264 32.67 34.46 -14.59
CA ALA A 264 32.18 35.38 -15.61
C ALA A 264 30.91 34.80 -16.21
N LEU A 265 29.82 35.54 -16.10
CA LEU A 265 28.55 35.10 -16.65
C LEU A 265 28.52 35.30 -18.16
N PRO A 266 27.56 34.66 -18.85
CA PRO A 266 27.46 34.85 -20.31
C PRO A 266 27.31 36.32 -20.67
N ALA A 267 28.08 36.75 -21.68
CA ALA A 267 28.04 38.14 -22.11
C ALA A 267 26.81 38.44 -22.96
N LYS A 268 26.45 37.53 -23.86
CA LYS A 268 25.31 37.74 -24.73
C LYS A 268 23.98 37.68 -24.01
N LEU A 269 23.97 37.27 -22.74
CA LEU A 269 22.72 37.20 -21.99
C LEU A 269 22.22 38.61 -21.68
N GLY A 270 20.89 38.76 -21.66
CA GLY A 270 20.32 40.06 -21.39
C GLY A 270 20.68 40.55 -19.99
N GLU A 271 20.89 41.87 -19.89
CA GLU A 271 21.25 42.45 -18.60
C GLU A 271 20.09 42.43 -17.63
N SER A 272 18.85 42.49 -18.14
CA SER A 272 17.69 42.49 -17.26
C SER A 272 17.60 41.21 -16.43
N PHE A 273 18.05 40.08 -17.00
CA PHE A 273 18.01 38.82 -16.28
C PHE A 273 19.18 38.65 -15.32
N LYS A 274 20.27 39.39 -15.53
CA LYS A 274 21.45 39.29 -14.66
C LYS A 274 21.16 40.04 -13.36
N THR A 275 20.34 39.42 -12.52
CA THR A 275 19.98 39.96 -11.22
C THR A 275 20.69 39.18 -10.11
N GLU A 276 20.58 39.69 -8.89
CA GLU A 276 21.24 39.05 -7.76
C GLU A 276 20.81 37.59 -7.63
N ALA A 277 19.50 37.32 -7.76
CA ALA A 277 19.01 35.96 -7.67
C ALA A 277 19.61 35.08 -8.76
N PHE A 278 19.64 35.59 -10.00
CA PHE A 278 20.20 34.82 -11.10
C PHE A 278 21.69 34.59 -10.93
N GLU A 279 22.42 35.60 -10.46
CA GLU A 279 23.85 35.43 -10.23
C GLU A 279 24.11 34.37 -9.16
N LEU A 280 23.33 34.42 -8.07
CA LEU A 280 23.48 33.43 -7.01
C LEU A 280 23.16 32.03 -7.52
N ASP A 281 22.10 31.90 -8.32
CA ASP A 281 21.75 30.60 -8.87
C ASP A 281 22.85 30.07 -9.78
N TRP A 282 23.40 30.94 -10.63
CA TRP A 282 24.47 30.51 -11.53
C TRP A 282 25.70 30.09 -10.73
N LEU A 283 26.04 30.85 -9.68
CA LEU A 283 27.19 30.48 -8.85
C LEU A 283 26.98 29.14 -8.17
N ARG A 284 25.78 28.92 -7.61
CA ARG A 284 25.50 27.64 -6.96
C ARG A 284 25.55 26.49 -7.96
N THR A 285 25.02 26.70 -9.16
CA THR A 285 25.07 25.65 -10.17
C THR A 285 26.49 25.33 -10.58
N ALA A 286 27.32 26.37 -10.77
CA ALA A 286 28.72 26.13 -11.11
C ALA A 286 29.44 25.39 -10.00
N ILE A 287 29.18 25.76 -8.74
CA ILE A 287 29.81 25.08 -7.62
C ILE A 287 29.39 23.61 -7.58
N THR A 288 28.11 23.34 -7.80
CA THR A 288 27.63 21.96 -7.79
C THR A 288 28.25 21.15 -8.91
N GLU A 289 28.34 21.75 -10.11
CA GLU A 289 28.96 21.05 -11.24
C GLU A 289 30.42 20.76 -10.95
N ALA A 290 31.14 21.73 -10.38
CA ALA A 290 32.54 21.50 -10.03
C ALA A 290 32.68 20.40 -8.99
N VAL A 291 31.79 20.39 -7.99
CA VAL A 291 31.86 19.35 -6.97
C VAL A 291 31.61 17.98 -7.59
N HIS A 292 30.63 17.88 -8.48
CA HIS A 292 30.34 16.59 -9.10
C HIS A 292 31.49 16.14 -10.00
N SER A 293 32.10 17.07 -10.73
CA SER A 293 33.26 16.72 -11.55
C SER A 293 34.41 16.23 -10.69
N LEU A 294 34.66 16.92 -9.57
CA LEU A 294 35.73 16.49 -8.67
C LEU A 294 35.43 15.11 -8.09
N SER A 295 34.17 14.83 -7.78
CA SER A 295 33.82 13.52 -7.25
C SER A 295 34.02 12.44 -8.30
N ILE A 296 33.62 12.70 -9.53
CA ILE A 296 33.82 11.73 -10.60
C ILE A 296 35.31 11.48 -10.82
N ALA A 297 36.12 12.55 -10.77
CA ALA A 297 37.56 12.39 -10.92
C ALA A 297 38.15 11.57 -9.77
N PHE A 298 37.70 11.84 -8.54
CA PHE A 298 38.20 11.08 -7.40
C PHE A 298 37.83 9.61 -7.53
N GLN A 299 36.62 9.32 -8.03
CA GLN A 299 36.23 7.93 -8.23
C GLN A 299 37.08 7.27 -9.30
N ALA A 300 37.28 7.95 -10.43
CA ALA A 300 38.12 7.39 -11.49
C ALA A 300 39.55 7.17 -11.01
N LEU A 301 40.01 7.99 -10.06
CA LEU A 301 41.36 7.83 -9.54
C LEU A 301 41.44 6.66 -8.56
N ASP A 302 40.55 6.63 -7.57
CA ASP A 302 40.58 5.58 -6.57
C ASP A 302 40.20 4.22 -7.14
N LEU A 303 39.60 4.18 -8.34
CA LEU A 303 39.39 2.88 -9.00
C LEU A 303 40.70 2.13 -9.15
N ASP A 304 41.80 2.85 -9.39
CA ASP A 304 43.15 2.29 -9.48
C ASP A 304 43.99 2.98 -8.41
N THR A 305 43.96 2.43 -7.20
CA THR A 305 44.64 3.03 -6.05
C THR A 305 46.15 2.81 -6.09
N PRO A 306 46.62 1.57 -6.21
CA PRO A 306 48.07 1.36 -6.09
C PRO A 306 48.88 2.02 -7.18
N TYR A 307 48.40 1.99 -8.43
CA TYR A 307 49.14 2.59 -9.53
C TYR A 307 48.98 4.11 -9.51
N PHE A 308 49.96 4.78 -10.12
CA PHE A 308 49.97 6.24 -10.18
C PHE A 308 49.18 6.74 -11.38
N ALA A 309 48.90 8.04 -11.37
CA ALA A 309 48.20 8.70 -12.46
C ALA A 309 49.18 9.37 -13.40
N PRO A 310 48.78 9.62 -14.65
CA PRO A 310 49.70 10.27 -15.60
C PRO A 310 50.06 11.67 -15.14
N HIS A 311 51.36 11.92 -14.99
CA HIS A 311 51.81 13.22 -14.51
C HIS A 311 51.45 14.33 -15.48
N GLU A 312 51.28 14.00 -16.76
CA GLU A 312 50.90 15.02 -17.74
C GLU A 312 49.59 15.70 -17.37
N LEU A 313 48.69 14.97 -16.71
CA LEU A 313 47.42 15.54 -16.27
C LEU A 313 47.52 16.17 -14.88
N LEU A 314 48.30 15.58 -13.98
CA LEU A 314 48.46 16.16 -12.66
C LEU A 314 49.12 17.54 -12.74
N SER A 315 50.10 17.69 -13.63
CA SER A 315 50.75 18.99 -13.79
C SER A 315 49.74 20.05 -14.24
N GLU A 316 48.92 19.72 -15.24
CA GLU A 316 47.92 20.66 -15.71
C GLU A 316 46.91 20.98 -14.63
N TRP A 317 46.49 19.97 -13.85
CA TRP A 317 45.53 20.23 -12.78
C TRP A 317 46.13 21.12 -11.71
N PHE A 318 47.39 20.91 -11.35
CA PHE A 318 48.02 21.76 -10.35
C PHE A 318 48.18 23.19 -10.87
N GLU A 319 48.50 23.34 -12.17
CA GLU A 319 48.57 24.68 -12.75
C GLU A 319 47.21 25.36 -12.69
N LEU A 320 46.14 24.62 -13.01
CA LEU A 320 44.79 25.19 -12.95
C LEU A 320 44.45 25.61 -11.52
N MET A 321 44.79 24.76 -10.54
CA MET A 321 44.51 25.09 -9.15
C MET A 321 45.30 26.33 -8.73
N ASN A 322 46.57 26.42 -9.12
CA ASN A 322 47.35 27.61 -8.80
C ASN A 322 46.73 28.86 -9.41
N SER A 323 46.24 28.75 -10.65
CA SER A 323 45.65 29.92 -11.31
C SER A 323 44.34 30.31 -10.66
N SER A 324 43.53 29.34 -10.22
CA SER A 324 42.20 29.61 -9.70
C SER A 324 42.18 29.82 -8.19
N LEU A 325 43.29 29.62 -7.49
CA LEU A 325 43.35 29.80 -6.04
C LEU A 325 42.46 28.77 -5.34
N PHE A 326 42.55 27.53 -5.80
CA PHE A 326 41.77 26.42 -5.25
C PHE A 326 40.28 26.79 -5.16
N LEU A 327 39.78 27.41 -6.22
CA LEU A 327 38.38 27.81 -6.34
C LEU A 327 37.95 28.74 -5.21
N GLU A 328 38.91 29.36 -4.51
CA GLU A 328 38.56 30.28 -3.44
C GLU A 328 38.03 31.60 -3.96
N SER A 329 38.32 31.95 -5.22
CA SER A 329 37.80 33.19 -5.78
C SER A 329 36.28 33.12 -5.95
N ILE A 330 35.77 31.98 -6.39
CA ILE A 330 34.33 31.82 -6.55
C ILE A 330 33.67 31.40 -5.24
N LEU A 331 34.38 30.67 -4.39
CA LEU A 331 33.85 30.22 -3.11
C LEU A 331 34.12 31.22 -1.98
N GLY A 332 34.83 32.32 -2.26
CA GLY A 332 35.13 33.30 -1.24
C GLY A 332 33.90 33.98 -0.67
N PHE A 333 32.80 33.99 -1.42
CA PHE A 333 31.58 34.62 -0.94
C PHE A 333 31.07 33.90 0.31
N GLU A 334 30.35 34.65 1.15
CA GLU A 334 29.80 34.12 2.39
C GLU A 334 28.40 33.52 2.19
N VAL A 335 27.82 33.62 1.00
CA VAL A 335 26.49 33.08 0.75
C VAL A 335 26.53 31.68 0.16
N VAL A 336 27.72 31.15 -0.14
CA VAL A 336 27.85 29.81 -0.71
C VAL A 336 28.70 28.95 0.21
N ALA A 337 28.67 29.25 1.52
CA ALA A 337 29.44 28.48 2.47
C ALA A 337 28.97 27.02 2.52
N ASP A 338 27.65 26.82 2.51
CA ASP A 338 27.10 25.46 2.52
C ASP A 338 27.66 24.63 1.38
N LEU A 339 27.82 25.25 0.20
CA LEU A 339 28.39 24.58 -0.95
C LEU A 339 29.89 24.74 -1.05
N ALA A 340 30.48 25.70 -0.34
CA ALA A 340 31.92 25.91 -0.39
C ALA A 340 32.65 24.88 0.48
N MET A 341 32.19 24.67 1.70
CA MET A 341 32.81 23.70 2.59
C MET A 341 32.95 22.32 1.94
N PRO A 342 31.88 21.69 1.44
CA PRO A 342 32.07 20.40 0.76
C PRO A 342 32.93 20.51 -0.48
N ALA A 343 32.85 21.63 -1.20
CA ALA A 343 33.73 21.82 -2.36
C ALA A 343 35.19 21.80 -1.95
N ARG A 344 35.53 22.55 -0.90
CA ARG A 344 36.91 22.56 -0.42
C ARG A 344 37.34 21.19 0.07
N SER A 345 36.44 20.49 0.79
CA SER A 345 36.77 19.16 1.27
C SER A 345 37.07 18.21 0.12
N LEU A 346 36.24 18.25 -0.92
CA LEU A 346 36.44 17.35 -2.06
C LEU A 346 37.69 17.72 -2.84
N VAL A 347 38.00 19.03 -2.94
CA VAL A 347 39.23 19.46 -3.58
C VAL A 347 40.44 18.91 -2.83
N SER A 348 40.42 19.03 -1.50
CA SER A 348 41.51 18.48 -0.69
C SER A 348 41.60 16.96 -0.87
N ALA A 349 40.45 16.29 -0.94
CA ALA A 349 40.45 14.83 -1.10
C ALA A 349 41.10 14.43 -2.42
N ILE A 350 40.69 15.07 -3.52
CA ILE A 350 41.25 14.72 -4.82
C ILE A 350 42.73 15.09 -4.89
N CYS A 351 43.13 16.18 -4.24
CA CYS A 351 44.54 16.54 -4.21
C CYS A 351 45.36 15.48 -3.49
N LEU A 352 44.89 15.05 -2.30
CA LEU A 352 45.59 14.01 -1.58
C LEU A 352 45.61 12.70 -2.36
N LYS A 353 44.54 12.42 -3.11
CA LYS A 353 44.51 11.21 -3.93
C LYS A 353 45.55 11.26 -5.02
N MET A 354 45.59 12.35 -5.79
CA MET A 354 46.57 12.47 -6.87
C MET A 354 47.99 12.50 -6.32
N LEU A 355 48.20 13.06 -5.13
CA LEU A 355 49.51 13.04 -4.53
C LEU A 355 49.95 11.61 -4.20
N ASN A 356 49.02 10.80 -3.69
CA ASN A 356 49.30 9.40 -3.37
C ASN A 356 50.51 9.28 -2.45
N ILE A 357 50.38 9.86 -1.25
CA ILE A 357 51.49 9.85 -0.29
C ILE A 357 51.91 8.43 0.02
N ASP A 358 50.94 7.51 0.14
CA ASP A 358 51.25 6.13 0.48
C ASP A 358 52.25 5.53 -0.51
N ARG A 359 51.90 5.56 -1.80
CA ARG A 359 52.79 5.03 -2.82
C ARG A 359 53.98 5.95 -3.08
N THR A 360 53.81 7.26 -2.89
CA THR A 360 54.91 8.19 -3.12
C THR A 360 56.08 7.90 -2.18
N ILE A 361 55.78 7.72 -0.88
CA ILE A 361 56.85 7.45 0.08
C ILE A 361 57.49 6.10 -0.21
N GLN A 362 56.68 5.11 -0.60
CA GLN A 362 57.24 3.81 -0.94
C GLN A 362 58.20 3.92 -2.11
N PHE A 363 57.82 4.66 -3.15
CA PHE A 363 58.70 4.83 -4.30
C PHE A 363 59.96 5.62 -3.93
N LEU A 364 59.82 6.62 -3.09
CA LEU A 364 60.97 7.42 -2.66
C LEU A 364 61.97 6.56 -1.90
N HIS A 365 61.51 5.90 -0.83
CA HIS A 365 62.43 5.13 0.01
C HIS A 365 62.85 3.84 -0.68
N ASP A 366 61.89 3.03 -1.10
CA ASP A 366 62.22 1.72 -1.68
C ASP A 366 62.87 1.87 -3.05
N PHE A 367 62.56 2.94 -3.77
CA PHE A 367 63.07 3.14 -5.14
C PHE A 367 62.64 1.98 -6.04
N ASP A 368 61.43 1.49 -5.83
CA ASP A 368 60.87 0.40 -6.62
C ASP A 368 59.80 0.97 -7.55
N TYR A 369 59.94 0.70 -8.85
CA TYR A 369 59.00 1.22 -9.81
C TYR A 369 57.61 0.60 -9.61
N PRO A 370 56.55 1.36 -9.88
CA PRO A 370 55.19 0.79 -9.73
C PRO A 370 54.80 -0.16 -10.86
N ASP A 371 55.43 -0.04 -12.04
CA ASP A 371 55.12 -0.91 -13.18
C ASP A 371 53.69 -0.69 -13.66
N GLY A 372 53.08 0.43 -13.26
CA GLY A 372 51.73 0.74 -13.67
C GLY A 372 51.63 2.08 -14.36
N GLU A 373 52.53 3.00 -14.03
CA GLU A 373 52.52 4.33 -14.62
C GLU A 373 53.76 5.08 -14.14
N GLU A 374 54.21 6.02 -14.96
CA GLU A 374 55.36 6.84 -14.59
C GLU A 374 54.93 7.93 -13.61
N PRO A 375 55.49 7.98 -12.41
CA PRO A 375 55.07 9.00 -11.45
C PRO A 375 55.59 10.38 -11.81
N TYR A 376 54.98 11.38 -11.19
CA TYR A 376 55.38 12.77 -11.43
C TYR A 376 56.72 13.11 -10.79
N LEU A 377 57.30 12.20 -10.00
CA LEU A 377 58.59 12.47 -9.38
C LEU A 377 59.71 12.54 -10.39
N LEU A 378 59.51 12.03 -11.60
CA LEU A 378 60.53 12.04 -12.64
C LEU A 378 60.55 13.33 -13.45
N SER A 379 59.69 14.29 -13.11
CA SER A 379 59.61 15.57 -13.82
C SER A 379 59.81 16.68 -12.80
N SER A 380 60.91 17.43 -12.95
CA SER A 380 61.18 18.53 -12.03
C SER A 380 60.23 19.69 -12.25
N GLN A 381 59.73 19.87 -13.47
CA GLN A 381 58.79 20.96 -13.73
C GLN A 381 57.51 20.78 -12.94
N THR A 382 56.99 19.55 -12.88
CA THR A 382 55.77 19.30 -12.11
C THR A 382 56.00 19.58 -10.63
N LEU A 383 57.17 19.19 -10.10
CA LEU A 383 57.46 19.44 -8.69
C LEU A 383 57.56 20.93 -8.42
N ASN A 384 58.23 21.68 -9.30
CA ASN A 384 58.31 23.12 -9.14
C ASN A 384 56.92 23.75 -9.17
N LYS A 385 56.07 23.31 -10.09
CA LYS A 385 54.72 23.86 -10.18
C LYS A 385 53.93 23.56 -8.91
N ILE A 386 54.00 22.33 -8.41
CA ILE A 386 53.29 21.98 -7.19
C ILE A 386 53.81 22.83 -6.03
N HIS A 387 55.12 23.01 -5.92
CA HIS A 387 55.67 23.78 -4.82
C HIS A 387 55.24 25.23 -4.88
N THR A 388 55.31 25.86 -6.05
CA THR A 388 54.90 27.25 -6.16
C THR A 388 53.40 27.40 -5.92
N ALA A 389 52.60 26.42 -6.33
CA ALA A 389 51.17 26.48 -6.06
C ALA A 389 50.89 26.40 -4.57
N VAL A 390 51.57 25.49 -3.87
CA VAL A 390 51.38 25.37 -2.43
C VAL A 390 51.84 26.65 -1.73
N THR A 391 52.94 27.24 -2.20
CA THR A 391 53.44 28.48 -1.60
C THR A 391 52.43 29.61 -1.78
N ASN A 392 51.88 29.74 -2.99
CA ASN A 392 50.89 30.78 -3.23
C ASN A 392 49.64 30.55 -2.40
N ALA A 393 49.22 29.29 -2.25
CA ALA A 393 48.03 29.00 -1.46
C ALA A 393 48.26 29.34 0.01
N VAL A 394 49.45 29.02 0.54
CA VAL A 394 49.74 29.33 1.94
C VAL A 394 49.89 30.84 2.15
N ASN A 395 50.40 31.55 1.15
CA ASN A 395 50.55 33.00 1.29
C ASN A 395 49.22 33.72 1.16
N SER A 396 48.28 33.16 0.40
CA SER A 396 46.98 33.79 0.24
C SER A 396 46.15 33.72 1.52
N GLY A 397 46.48 32.82 2.43
CA GLY A 397 45.74 32.69 3.67
C GLY A 397 44.42 31.98 3.49
N VAL A 398 44.46 30.71 3.08
CA VAL A 398 43.28 29.90 2.86
C VAL A 398 43.40 28.63 3.69
N ALA A 399 42.28 28.18 4.23
CA ALA A 399 42.28 26.98 5.07
C ALA A 399 42.15 25.70 4.27
N ALA A 400 41.64 25.78 3.03
CA ALA A 400 41.48 24.57 2.22
C ALA A 400 42.83 23.93 1.90
N SER A 401 43.89 24.73 1.79
CA SER A 401 45.21 24.22 1.45
C SER A 401 45.98 23.68 2.65
N LEU A 402 45.36 23.62 3.83
CA LEU A 402 46.06 23.13 5.02
C LEU A 402 46.48 21.67 4.86
N PRO A 403 45.57 20.72 4.59
CA PRO A 403 46.03 19.33 4.45
C PRO A 403 46.95 19.11 3.27
N VAL A 404 46.65 19.73 2.13
CA VAL A 404 47.51 19.59 0.96
C VAL A 404 48.89 20.17 1.25
N ALA A 405 48.93 21.34 1.90
CA ALA A 405 50.21 21.94 2.24
C ALA A 405 51.00 21.07 3.21
N PHE A 406 50.31 20.47 4.17
CA PHE A 406 50.98 19.60 5.13
C PHE A 406 51.55 18.36 4.43
N ALA A 407 50.77 17.77 3.52
CA ALA A 407 51.26 16.61 2.78
C ALA A 407 52.46 16.98 1.92
N TRP A 408 52.40 18.13 1.25
CA TRP A 408 53.54 18.55 0.43
C TRP A 408 54.76 18.84 1.29
N SER A 409 54.56 19.40 2.48
CA SER A 409 55.69 19.64 3.38
C SER A 409 56.31 18.32 3.82
N LEU A 410 55.49 17.32 4.15
CA LEU A 410 56.04 16.02 4.50
C LEU A 410 56.80 15.40 3.33
N ILE A 411 56.25 15.53 2.12
CA ILE A 411 56.93 14.97 0.94
C ILE A 411 58.28 15.65 0.74
N VAL A 412 58.32 16.97 0.88
CA VAL A 412 59.58 17.70 0.69
C VAL A 412 60.57 17.33 1.78
N HIS A 413 60.10 17.15 3.01
CA HIS A 413 60.98 16.74 4.10
C HIS A 413 61.58 15.36 3.82
N GLN A 414 60.75 14.42 3.36
CA GLN A 414 61.27 13.09 3.03
C GLN A 414 62.26 13.15 1.88
N MET A 415 61.98 13.98 0.87
CA MET A 415 62.91 14.11 -0.25
C MET A 415 64.24 14.70 0.21
N HIS A 416 64.19 15.70 1.10
CA HIS A 416 65.42 16.30 1.61
C HIS A 416 66.21 15.29 2.43
N LEU A 417 65.52 14.51 3.27
CA LEU A 417 66.19 13.47 4.04
C LEU A 417 66.87 12.46 3.11
N GLY A 418 66.17 12.04 2.06
CA GLY A 418 66.76 11.12 1.11
C GLY A 418 67.97 11.71 0.40
N TYR A 419 67.89 13.00 0.06
CA TYR A 419 69.01 13.66 -0.62
C TYR A 419 70.22 13.74 0.29
N GLN A 420 70.02 14.13 1.55
CA GLN A 420 71.14 14.23 2.48
C GLN A 420 71.83 12.89 2.69
N GLU A 421 71.05 11.81 2.81
CA GLU A 421 71.64 10.48 2.94
C GLU A 421 72.42 10.11 1.70
N ARG A 422 71.89 10.43 0.52
CA ARG A 422 72.60 10.13 -0.73
C ARG A 422 73.80 11.03 -0.90
N ALA A 423 73.66 12.31 -0.55
CA ALA A 423 74.75 13.27 -0.68
C ALA A 423 75.84 12.99 0.35
N SER A 466 66.44 10.53 -8.70
CA SER A 466 67.52 11.44 -9.05
C SER A 466 67.01 12.76 -9.64
N PRO A 467 66.02 12.68 -10.54
CA PRO A 467 65.51 13.93 -11.15
C PRO A 467 65.00 14.94 -10.13
N TYR A 468 64.67 14.49 -8.92
CA TYR A 468 64.14 15.41 -7.92
C TYR A 468 65.20 16.39 -7.44
N ASP A 469 66.47 16.11 -7.71
CA ASP A 469 67.54 17.04 -7.31
C ASP A 469 67.41 18.36 -8.04
N ASP A 470 67.01 18.33 -9.32
CA ASP A 470 66.81 19.58 -10.05
C ASP A 470 65.76 20.45 -9.37
N PHE A 471 64.64 19.86 -8.98
CA PHE A 471 63.61 20.60 -8.28
C PHE A 471 64.13 21.12 -6.94
N LEU A 472 64.81 20.26 -6.19
CA LEU A 472 65.32 20.65 -4.87
C LEU A 472 66.31 21.81 -4.97
N ARG A 473 67.06 21.88 -6.06
CA ARG A 473 68.10 22.88 -6.20
C ARG A 473 67.63 24.16 -6.88
N GLU A 474 66.59 24.09 -7.73
CA GLU A 474 66.15 25.27 -8.47
C GLU A 474 65.51 26.29 -7.55
N GLN A 475 64.75 25.82 -6.55
CA GLN A 475 64.00 26.71 -5.67
C GLN A 475 64.73 27.01 -4.37
N ARG A 476 66.02 26.69 -4.29
CA ARG A 476 66.93 26.97 -3.17
C ARG A 476 66.63 26.10 -1.95
N LEU A 477 65.61 25.23 -1.99
CA LEU A 477 65.31 24.39 -0.84
C LEU A 477 66.42 23.40 -0.52
N ASP A 478 67.40 23.23 -1.40
CA ASP A 478 68.50 22.31 -1.13
C ASP A 478 69.28 22.74 0.11
N ASN A 479 69.63 24.02 0.18
CA ASN A 479 70.46 24.53 1.27
C ASN A 479 69.66 24.79 2.54
N ASP A 480 68.37 25.10 2.43
CA ASP A 480 67.56 25.43 3.59
C ASP A 480 66.22 24.71 3.49
N ILE A 481 65.66 24.38 4.66
CA ILE A 481 64.37 23.71 4.75
C ILE A 481 63.43 24.60 5.56
N ALA A 482 63.64 25.92 5.47
CA ALA A 482 62.85 26.84 6.28
C ALA A 482 61.40 26.95 5.82
N PRO A 483 61.10 27.07 4.51
CA PRO A 483 59.70 27.34 4.13
C PRO A 483 58.75 26.21 4.46
N VAL A 484 59.09 24.97 4.06
CA VAL A 484 58.20 23.85 4.35
C VAL A 484 58.09 23.63 5.85
N GLU A 485 59.18 23.84 6.59
CA GLU A 485 59.13 23.69 8.04
C GLU A 485 58.18 24.70 8.66
N GLN A 486 58.25 25.96 8.23
CA GLN A 486 57.34 26.97 8.75
C GLN A 486 55.90 26.66 8.36
N ILE A 487 55.69 26.15 7.15
CA ILE A 487 54.34 25.78 6.72
C ILE A 487 53.78 24.70 7.61
N ALA A 488 54.57 23.64 7.85
CA ALA A 488 54.11 22.56 8.72
C ALA A 488 53.85 23.08 10.14
N MET A 489 54.71 23.98 10.62
CA MET A 489 54.53 24.51 11.97
C MET A 489 53.22 25.29 12.08
N LEU A 490 52.97 26.20 11.15
CA LEU A 490 51.74 26.98 11.18
C LEU A 490 50.51 26.14 10.88
N ALA A 491 50.68 25.00 10.22
CA ALA A 491 49.54 24.11 9.99
C ALA A 491 49.20 23.29 11.24
N THR A 492 50.23 22.82 11.95
CA THR A 492 50.01 22.03 13.15
C THR A 492 49.71 22.87 14.39
N SER A 493 50.03 24.16 14.36
CA SER A 493 49.75 25.02 15.50
C SER A 493 48.25 25.01 15.82
N ARG A 494 47.93 24.72 17.08
CA ARG A 494 46.55 24.69 17.55
C ARG A 494 45.72 23.72 16.71
N GLY A 495 46.37 22.70 16.17
CA GLY A 495 45.71 21.67 15.41
C GLY A 495 44.71 22.18 14.38
N GLN A 496 45.06 23.26 13.69
CA GLN A 496 44.19 23.78 12.65
C GLN A 496 44.02 22.77 11.52
N VAL A 497 45.12 22.13 11.12
CA VAL A 497 45.05 21.12 10.07
C VAL A 497 44.16 19.96 10.50
N TYR A 498 44.30 19.52 11.76
CA TYR A 498 43.47 18.42 12.25
C TYR A 498 42.00 18.82 12.30
N GLN A 499 41.72 20.06 12.72
CA GLN A 499 40.33 20.51 12.78
C GLN A 499 39.71 20.57 11.38
N VAL A 500 40.44 21.12 10.41
CA VAL A 500 39.89 21.20 9.06
C VAL A 500 39.74 19.81 8.45
N MET A 501 40.65 18.89 8.75
CA MET A 501 40.51 17.53 8.26
C MET A 501 39.28 16.85 8.87
N SER A 502 39.05 17.06 10.16
CA SER A 502 37.87 16.51 10.81
C SER A 502 36.60 17.09 10.19
N GLU A 503 36.59 18.39 9.92
CA GLU A 503 35.43 19.00 9.28
C GLU A 503 35.19 18.41 7.89
N MET A 504 36.26 18.27 7.11
CA MET A 504 36.12 17.68 5.77
C MET A 504 35.59 16.25 5.85
N ALA A 505 36.09 15.46 6.80
CA ALA A 505 35.59 14.10 6.96
C ALA A 505 34.13 14.09 7.36
N LEU A 506 33.73 15.00 8.26
CA LEU A 506 32.32 15.10 8.61
C LEU A 506 31.48 15.43 7.38
N CYS A 507 31.99 16.31 6.52
CA CYS A 507 31.31 16.61 5.26
C CYS A 507 31.52 15.54 4.20
N LEU A 508 32.47 14.63 4.40
CA LEU A 508 32.75 13.53 3.48
C LEU A 508 32.71 12.20 4.21
N GLY A 509 31.71 12.02 5.08
CA GLY A 509 31.56 10.84 5.87
C GLY A 509 30.41 9.95 5.41
N THR A 510 30.02 9.02 6.27
CA THR A 510 28.91 8.12 5.98
C THR A 510 27.64 8.52 6.72
N THR A 511 27.77 9.19 7.86
CA THR A 511 26.61 9.61 8.63
C THR A 511 25.72 10.54 7.79
N HIS A 512 24.51 10.76 8.31
CA HIS A 512 23.56 11.62 7.61
C HIS A 512 24.09 13.04 7.43
N GLU A 513 25.01 13.48 8.29
CA GLU A 513 25.59 14.81 8.15
C GLU A 513 26.51 14.94 6.94
N ALA A 514 26.89 13.82 6.32
CA ALA A 514 27.78 13.87 5.17
C ALA A 514 27.09 14.53 3.98
N ALA A 515 27.91 15.10 3.08
CA ALA A 515 27.40 15.77 1.90
C ALA A 515 27.21 14.84 0.72
N PHE A 516 27.81 13.65 0.75
CA PHE A 516 27.74 12.69 -0.34
C PHE A 516 27.18 11.36 0.18
N ARG A 517 27.06 10.40 -0.72
CA ARG A 517 26.54 9.09 -0.36
C ARG A 517 27.50 8.38 0.58
N PRO A 518 27.05 7.31 1.25
CA PRO A 518 27.94 6.59 2.16
C PRO A 518 29.20 6.06 1.48
N ALA A 519 29.06 5.49 0.28
CA ALA A 519 30.22 4.96 -0.42
C ALA A 519 31.19 6.09 -0.80
N VAL A 520 30.66 7.25 -1.17
CA VAL A 520 31.52 8.38 -1.53
C VAL A 520 32.39 8.76 -0.35
N GLY A 521 31.80 8.90 0.84
CA GLY A 521 32.58 9.24 2.02
C GLY A 521 33.54 8.13 2.41
N ALA A 522 33.11 6.88 2.27
CA ALA A 522 33.97 5.76 2.61
C ALA A 522 35.22 5.73 1.73
N ARG A 523 35.06 6.05 0.44
CA ARG A 523 36.21 6.11 -0.45
C ARG A 523 37.01 7.40 -0.30
N ALA A 524 36.38 8.47 0.19
CA ALA A 524 37.09 9.72 0.39
C ALA A 524 37.96 9.71 1.65
N ARG A 525 37.50 9.01 2.70
CA ARG A 525 38.30 8.92 3.92
C ARG A 525 39.62 8.19 3.73
N LEU A 526 39.80 7.51 2.59
CA LEU A 526 41.02 6.74 2.38
C LEU A 526 42.25 7.63 2.33
N VAL A 527 42.14 8.77 1.63
CA VAL A 527 43.28 9.67 1.51
C VAL A 527 43.67 10.23 2.87
N PHE A 528 42.66 10.62 3.66
CA PHE A 528 42.95 11.16 4.99
C PHE A 528 43.56 10.09 5.89
N GLN A 529 43.06 8.86 5.82
CA GLN A 529 43.62 7.79 6.64
C GLN A 529 45.05 7.49 6.24
N ASP A 530 45.34 7.50 4.93
CA ASP A 530 46.72 7.27 4.49
C ASP A 530 47.64 8.40 4.92
N LEU A 531 47.15 9.64 4.84
CA LEU A 531 47.95 10.78 5.30
C LEU A 531 48.26 10.65 6.78
N LEU A 532 47.27 10.29 7.60
CA LEU A 532 47.52 10.10 9.02
C LEU A 532 48.47 8.94 9.27
N LYS A 533 48.37 7.87 8.47
CA LYS A 533 49.28 6.75 8.61
C LYS A 533 50.72 7.18 8.36
N ARG A 534 50.95 7.93 7.28
CA ARG A 534 52.31 8.39 6.89
C ARG A 534 52.75 9.59 7.75
N SER A 535 51.84 10.25 8.45
CA SER A 535 52.15 11.40 9.35
C SER A 535 52.02 10.96 10.82
N ALA A 536 51.91 9.65 11.10
CA ALA A 536 51.82 9.11 12.48
C ALA A 536 53.26 8.75 12.94
N TYR A 537 54.08 8.25 12.02
CA TYR A 537 55.44 7.86 12.37
C TYR A 537 56.31 9.07 12.73
N LEU A 538 56.08 10.21 12.06
CA LEU A 538 56.86 11.41 12.34
C LEU A 538 56.26 12.25 13.45
N ILE A 539 54.94 12.41 13.48
CA ILE A 539 54.28 13.20 14.51
C ILE A 539 54.10 12.33 15.75
N PRO A 540 54.57 12.76 16.93
CA PRO A 540 54.43 11.92 18.12
C PRO A 540 52.96 11.75 18.51
N TYR A 541 52.70 10.70 19.29
CA TYR A 541 51.34 10.42 19.72
C TYR A 541 50.80 11.57 20.56
N GLN A 542 49.64 12.09 20.17
CA GLN A 542 49.04 13.21 20.87
C GLN A 542 47.52 13.11 20.73
N ASP A 543 46.82 13.77 21.65
CA ASP A 543 45.36 13.70 21.67
C ASP A 543 44.75 14.33 20.43
N GLU A 544 45.40 15.34 19.85
CA GLU A 544 44.84 16.01 18.68
C GLU A 544 44.69 15.07 17.48
N PRO A 545 45.76 14.43 17.01
CA PRO A 545 45.59 13.48 15.89
C PRO A 545 44.70 12.31 16.22
N VAL A 546 44.69 11.87 17.49
CA VAL A 546 43.79 10.79 17.88
C VAL A 546 42.33 11.21 17.69
N PHE A 547 41.97 12.38 18.23
CA PHE A 547 40.61 12.87 18.03
C PHE A 547 40.31 13.11 16.56
N SER A 548 41.30 13.55 15.78
CA SER A 548 41.09 13.75 14.36
C SER A 548 40.73 12.44 13.67
N LEU A 549 41.53 11.39 13.92
CA LEU A 549 41.24 10.08 13.33
C LEU A 549 39.90 9.54 13.80
N LEU A 550 39.54 9.80 15.06
CA LEU A 550 38.26 9.34 15.56
C LEU A 550 37.10 10.03 14.83
N ALA A 551 37.17 11.36 14.71
CA ALA A 551 36.13 12.09 14.00
C ALA A 551 36.08 11.69 12.53
N ILE A 552 37.21 11.27 11.97
CA ILE A 552 37.23 10.85 10.57
C ILE A 552 36.54 9.50 10.42
N LEU A 553 36.96 8.52 11.22
CA LEU A 553 36.41 7.17 11.09
C LEU A 553 34.95 7.13 11.52
N ALA A 554 34.66 7.48 12.78
CA ALA A 554 33.31 7.38 13.29
C ALA A 554 32.38 8.40 12.64
N THR A 555 32.85 9.64 12.46
CA THR A 555 32.05 10.71 11.88
C THR A 555 30.83 11.04 12.75
N GLY A 556 30.92 10.73 14.04
CA GLY A 556 29.80 11.00 14.93
C GLY A 556 28.52 10.32 14.51
N ARG A 557 28.61 9.09 14.04
CA ARG A 557 27.43 8.36 13.59
C ARG A 557 26.49 8.12 14.77
N GLN A 558 25.21 7.98 14.46
CA GLN A 558 24.21 7.73 15.49
C GLN A 558 24.19 6.25 15.85
N TYR A 559 23.66 5.95 17.04
CA TYR A 559 23.57 4.56 17.48
C TYR A 559 22.66 3.75 16.57
N TRP A 560 21.57 4.33 16.08
CA TRP A 560 20.66 3.64 15.18
C TRP A 560 21.09 3.69 13.73
N ASP A 561 22.29 4.22 13.44
CA ASP A 561 22.83 4.25 12.09
C ASP A 561 23.72 3.04 11.81
N VAL A 562 23.47 1.94 12.50
CA VAL A 562 24.24 0.71 12.34
C VAL A 562 23.29 -0.38 11.88
N THR A 563 23.58 -0.96 10.72
CA THR A 563 22.75 -2.01 10.14
C THR A 563 23.65 -3.12 9.61
N ASP A 564 23.07 -4.31 9.49
CA ASP A 564 23.77 -5.49 9.00
C ASP A 564 23.69 -5.62 7.48
N ALA A 565 23.36 -4.54 6.78
CA ALA A 565 23.27 -4.58 5.32
C ALA A 565 24.64 -4.85 4.73
N LEU A 566 24.79 -5.99 4.07
CA LEU A 566 26.07 -6.34 3.46
C LEU A 566 26.36 -5.42 2.27
N SER A 567 27.57 -4.88 2.24
CA SER A 567 28.02 -3.98 1.19
C SER A 567 29.29 -4.51 0.56
N ALA A 568 29.75 -3.83 -0.50
CA ALA A 568 30.95 -4.25 -1.20
C ALA A 568 32.18 -4.07 -0.31
N SER A 569 33.21 -4.88 -0.58
CA SER A 569 34.44 -4.79 0.19
C SER A 569 35.10 -3.41 0.05
N SER A 570 34.81 -2.67 -1.02
CA SER A 570 35.39 -1.35 -1.18
C SER A 570 34.98 -0.42 -0.05
N LEU A 571 33.70 -0.44 0.34
CA LEU A 571 33.25 0.44 1.41
C LEU A 571 33.87 0.04 2.74
N ASN A 572 34.04 -1.26 2.99
CA ASN A 572 34.62 -1.73 4.24
C ASN A 572 36.15 -1.71 4.22
N GLN A 573 36.76 -1.35 3.11
CA GLN A 573 38.22 -1.30 3.05
C GLN A 573 38.77 -0.22 3.98
N VAL A 574 38.09 0.93 4.04
CA VAL A 574 38.55 2.02 4.90
C VAL A 574 38.58 1.58 6.36
N TYR A 575 37.68 0.68 6.75
CA TYR A 575 37.63 0.19 8.11
C TYR A 575 38.60 -0.98 8.34
N THR A 576 38.74 -1.87 7.36
CA THR A 576 39.65 -3.00 7.51
C THR A 576 41.11 -2.58 7.43
N ASP A 577 41.40 -1.42 6.83
CA ASP A 577 42.78 -0.97 6.74
C ASP A 577 43.40 -0.79 8.12
N MET A 578 42.58 -0.45 9.12
CA MET A 578 43.11 -0.28 10.48
C MET A 578 43.77 -1.54 10.99
N LEU A 579 43.28 -2.71 10.58
CA LEU A 579 43.84 -4.00 10.99
C LEU A 579 44.71 -4.65 9.93
N ASP A 580 44.64 -4.17 8.68
CA ASP A 580 45.44 -4.76 7.61
C ASP A 580 46.88 -4.24 7.63
N ASP A 581 47.06 -2.92 7.63
CA ASP A 581 48.40 -2.35 7.63
C ASP A 581 48.99 -2.38 9.04
N GLU A 582 50.30 -2.65 9.10
CA GLU A 582 50.96 -2.74 10.40
C GLU A 582 51.10 -1.38 11.06
N THR A 583 51.20 -0.32 10.26
CA THR A 583 51.38 1.01 10.83
C THR A 583 50.15 1.43 11.64
N LEU A 584 48.98 1.44 11.00
CA LEU A 584 47.74 1.82 11.67
C LEU A 584 47.30 0.82 12.72
N PHE A 585 47.97 -0.33 12.82
CA PHE A 585 47.66 -1.34 13.83
C PHE A 585 48.56 -1.22 15.06
N THR A 586 49.83 -0.89 14.86
CA THR A 586 50.78 -0.76 15.95
C THR A 586 50.91 0.68 16.46
N GLN A 587 50.36 1.66 15.74
CA GLN A 587 50.44 3.06 16.13
C GLN A 587 49.16 3.60 16.75
N PHE A 588 48.00 3.13 16.30
CA PHE A 588 46.71 3.58 16.80
C PHE A 588 45.95 2.51 17.56
N THR A 589 45.78 1.33 16.96
CA THR A 589 45.02 0.27 17.60
C THR A 589 45.68 -0.18 18.90
N MET A 590 46.95 -0.60 18.82
CA MET A 590 47.65 -1.05 20.02
C MET A 590 47.76 0.06 21.05
N GLN A 591 48.08 1.27 20.61
CA GLN A 591 48.19 2.39 21.55
C GLN A 591 46.85 2.71 22.18
N ALA A 592 45.77 2.69 21.39
CA ALA A 592 44.44 2.96 21.94
C ALA A 592 44.05 1.89 22.96
N ILE A 593 44.38 0.63 22.67
CA ILE A 593 44.06 -0.44 23.62
C ILE A 593 44.87 -0.29 24.90
N ASN A 594 46.15 0.09 24.77
CA ASN A 594 46.98 0.26 25.96
C ASN A 594 46.52 1.43 26.81
N ARG A 595 46.11 2.53 26.19
CA ARG A 595 45.63 3.71 26.91
C ARG A 595 44.15 3.52 27.23
N PHE A 596 43.89 2.62 28.19
CA PHE A 596 42.53 2.27 28.57
C PHE A 596 42.55 1.71 29.99
N PRO A 597 41.60 2.09 30.86
CA PRO A 597 40.52 3.05 30.63
C PRO A 597 40.97 4.50 30.77
N TYR A 598 42.28 4.74 30.86
CA TYR A 598 42.79 6.09 30.99
C TYR A 598 42.25 6.98 29.87
N GLU A 599 42.54 6.61 28.62
CA GLU A 599 41.95 7.27 27.45
C GLU A 599 40.81 6.37 26.97
N PHE A 600 39.62 6.61 27.52
CA PHE A 600 38.49 5.74 27.24
C PHE A 600 37.83 6.06 25.91
N ASN A 601 37.79 7.34 25.53
CA ASN A 601 37.07 7.73 24.31
C ASN A 601 37.68 7.11 23.07
N PRO A 602 39.00 7.12 22.86
CA PRO A 602 39.54 6.50 21.63
C PRO A 602 39.22 5.02 21.51
N PHE A 603 39.53 4.24 22.54
CA PHE A 603 39.25 2.81 22.51
C PHE A 603 37.76 2.55 22.33
N SER A 604 36.92 3.33 23.02
CA SER A 604 35.49 3.13 22.92
C SER A 604 34.98 3.38 21.50
N VAL A 605 35.38 4.51 20.91
CA VAL A 605 34.93 4.83 19.56
C VAL A 605 35.46 3.81 18.56
N LEU A 606 36.70 3.34 18.77
CA LEU A 606 37.28 2.36 17.87
C LEU A 606 36.49 1.06 17.91
N CYS A 607 36.24 0.54 19.11
CA CYS A 607 35.44 -0.68 19.24
C CYS A 607 34.05 -0.48 18.65
N ARG A 608 33.44 0.70 18.87
CA ARG A 608 32.10 0.94 18.37
C ARG A 608 32.08 0.89 16.84
N VAL A 609 32.98 1.64 16.19
CA VAL A 609 32.98 1.66 14.73
C VAL A 609 33.31 0.29 14.17
N LEU A 610 34.25 -0.42 14.81
CA LEU A 610 34.61 -1.75 14.32
C LEU A 610 33.45 -2.73 14.43
N ALA A 611 32.71 -2.69 15.54
CA ALA A 611 31.56 -3.57 15.69
C ALA A 611 30.45 -3.20 14.71
N ALA A 612 30.27 -1.90 14.46
CA ALA A 612 29.24 -1.47 13.52
C ALA A 612 29.61 -1.85 12.09
N ALA A 613 30.91 -1.91 11.78
CA ALA A 613 31.34 -2.19 10.42
C ALA A 613 31.49 -3.67 10.11
N LEU A 614 31.91 -4.48 11.09
CA LEU A 614 32.22 -5.88 10.86
C LEU A 614 31.07 -6.80 11.30
N ILE A 615 29.83 -6.36 11.13
CA ILE A 615 28.69 -7.21 11.48
C ILE A 615 28.57 -8.38 10.51
N THR A 616 28.69 -8.10 9.22
CA THR A 616 28.57 -9.14 8.20
C THR A 616 29.90 -9.78 7.85
N ASN A 617 31.02 -9.14 8.16
CA ASN A 617 32.35 -9.67 7.84
C ASN A 617 32.64 -10.82 8.80
N LYS A 618 32.39 -12.05 8.35
CA LYS A 618 32.64 -13.22 9.19
C LYS A 618 34.12 -13.46 9.42
N ASP A 619 34.99 -12.91 8.57
CA ASP A 619 36.42 -13.12 8.76
C ASP A 619 36.95 -12.37 9.97
N LYS A 620 36.40 -11.19 10.26
CA LYS A 620 36.81 -10.38 11.39
C LYS A 620 35.60 -10.03 12.26
N ALA A 621 34.74 -11.01 12.52
CA ALA A 621 33.56 -10.80 13.33
C ALA A 621 33.82 -10.95 14.83
N ASP A 622 34.89 -11.65 15.21
CA ASP A 622 35.23 -11.88 16.61
C ASP A 622 36.41 -11.03 17.07
N VAL A 623 36.75 -9.97 16.33
CA VAL A 623 37.86 -9.12 16.72
C VAL A 623 37.46 -8.23 17.89
N VAL A 624 36.27 -7.64 17.84
CA VAL A 624 35.82 -6.77 18.93
C VAL A 624 35.60 -7.59 20.19
N THR A 625 34.93 -8.75 20.06
CA THR A 625 34.72 -9.61 21.21
C THR A 625 36.04 -10.04 21.82
N GLY A 626 37.01 -10.40 20.98
CA GLY A 626 38.31 -10.79 21.49
C GLY A 626 39.01 -9.66 22.22
N TRP A 627 39.01 -8.47 21.62
CA TRP A 627 39.66 -7.33 22.25
C TRP A 627 38.99 -6.95 23.56
N LEU A 628 37.67 -7.18 23.68
CA LEU A 628 36.95 -6.84 24.89
C LEU A 628 37.06 -7.89 25.97
N TRP A 629 37.22 -9.16 25.61
CA TRP A 629 37.26 -10.24 26.59
C TRP A 629 38.67 -10.63 27.00
N ARG A 630 39.67 -10.31 26.17
CA ARG A 630 41.06 -10.70 26.42
C ARG A 630 41.99 -9.51 26.21
N THR A 631 41.61 -8.37 26.77
CA THR A 631 42.44 -7.17 26.64
C THR A 631 43.87 -7.48 27.08
N PRO A 632 44.88 -7.08 26.31
CA PRO A 632 46.26 -7.50 26.63
C PRO A 632 46.85 -6.73 27.81
N THR A 633 46.56 -5.44 27.92
CA THR A 633 47.15 -4.59 28.94
C THR A 633 46.07 -3.74 29.59
N LEU A 634 46.45 -3.08 30.68
CA LEU A 634 45.56 -2.20 31.43
C LEU A 634 46.31 -0.92 31.78
N THR A 635 45.57 0.19 31.82
CA THR A 635 46.16 1.48 32.14
C THR A 635 45.11 2.33 32.85
N VAL A 636 45.39 2.70 34.10
CA VAL A 636 44.48 3.50 34.90
C VAL A 636 45.31 4.44 35.76
N ASP A 637 44.70 5.56 36.14
CA ASP A 637 45.40 6.55 36.95
C ASP A 637 45.87 5.94 38.26
N TRP A 638 46.93 6.52 38.82
CA TRP A 638 47.52 6.03 40.05
C TRP A 638 46.91 6.72 41.25
N ASN A 639 46.61 5.93 42.29
CA ASN A 639 46.03 6.45 43.53
C ASN A 639 47.12 6.67 44.56
N PRO A 640 47.21 7.85 45.19
CA PRO A 640 48.24 8.04 46.21
C PRO A 640 48.19 7.01 47.32
N ALA A 641 47.02 6.42 47.60
CA ALA A 641 46.92 5.41 48.64
C ALA A 641 47.76 4.18 48.31
N TRP A 642 48.01 3.92 47.04
CA TRP A 642 48.77 2.77 46.60
C TRP A 642 50.28 3.01 46.61
N ASP A 643 50.73 4.13 47.18
CA ASP A 643 52.16 4.40 47.22
C ASP A 643 52.92 3.36 48.03
N ARG A 644 52.27 2.79 49.06
CA ARG A 644 52.89 1.80 49.91
C ARG A 644 52.57 0.37 49.48
N SER A 645 52.22 0.17 48.21
CA SER A 645 51.85 -1.14 47.67
C SER A 645 52.56 -1.40 46.36
N TYR A 646 53.81 -0.96 46.24
CA TYR A 646 54.60 -1.18 45.04
C TYR A 646 56.06 -0.91 45.37
N GLU A 647 56.94 -1.34 44.47
CA GLU A 647 58.37 -1.12 44.63
C GLU A 647 59.03 -1.23 43.26
N LEU A 648 59.95 -0.31 42.99
CA LEU A 648 60.64 -0.28 41.70
C LEU A 648 61.67 -1.40 41.64
N CYS A 649 61.67 -2.13 40.52
CA CYS A 649 62.63 -3.20 40.31
C CYS A 649 64.00 -2.72 39.85
N PHE A 650 64.13 -1.43 39.51
CA PHE A 650 65.40 -0.86 39.07
C PHE A 650 65.92 -1.58 37.82
N GLU A 651 65.02 -2.06 36.97
CA GLU A 651 65.43 -2.74 35.75
C GLU A 651 65.82 -1.73 34.67
N ASP A 652 64.88 -0.86 34.30
CA ASP A 652 65.12 0.16 33.28
C ASP A 652 64.51 1.47 33.77
N GLU A 653 65.36 2.49 33.96
CA GLU A 653 64.88 3.77 34.45
C GLU A 653 64.01 4.47 33.40
N ASN A 654 64.38 4.33 32.13
CA ASN A 654 63.58 4.97 31.07
C ASN A 654 62.19 4.35 30.98
N THR A 655 62.10 3.02 31.14
CA THR A 655 60.80 2.36 31.09
C THR A 655 60.05 2.50 32.40
N ASN A 656 60.76 2.62 33.53
CA ASN A 656 60.13 2.75 34.84
C ASN A 656 59.29 1.52 35.16
N SER A 657 59.93 0.36 35.10
CA SER A 657 59.26 -0.90 35.40
C SER A 657 59.21 -1.14 36.89
N PHE A 658 58.25 -1.96 37.30
CA PHE A 658 58.06 -2.29 38.72
C PHE A 658 57.18 -3.54 38.80
N ARG A 659 56.99 -4.03 40.02
CA ARG A 659 56.15 -5.18 40.27
C ARG A 659 55.47 -5.01 41.62
N LEU A 660 54.23 -5.49 41.72
CA LEU A 660 53.48 -5.35 42.96
C LEU A 660 54.06 -6.23 44.05
N THR A 661 54.22 -5.65 45.24
CA THR A 661 54.73 -6.37 46.39
C THR A 661 53.65 -6.92 47.29
N ARG A 662 52.50 -6.26 47.37
CA ARG A 662 51.38 -6.71 48.19
C ARG A 662 50.28 -7.27 47.29
N ASP A 663 49.39 -8.05 47.91
CA ASP A 663 48.26 -8.65 47.20
C ASP A 663 47.14 -7.61 47.13
N VAL A 664 47.23 -6.76 46.12
CA VAL A 664 46.23 -5.71 45.94
C VAL A 664 44.87 -6.33 45.69
N ASP A 665 43.86 -5.84 46.39
CA ASP A 665 42.48 -6.31 46.26
C ASP A 665 41.64 -5.13 45.76
N LEU A 666 41.36 -5.13 44.46
CA LEU A 666 40.58 -4.05 43.87
C LEU A 666 39.10 -4.21 44.21
N PHE A 667 38.42 -3.07 44.36
CA PHE A 667 36.99 -3.05 44.67
C PHE A 667 36.70 -3.77 45.99
N GLY A 668 37.63 -3.70 46.93
CA GLY A 668 37.46 -4.34 48.22
C GLY A 668 36.52 -3.58 49.14
N GLU A 682 32.01 -13.68 43.12
CA GLU A 682 33.35 -13.44 42.62
C GLU A 682 33.61 -11.94 42.48
N ARG A 683 34.88 -11.55 42.52
CA ARG A 683 35.28 -10.16 42.38
C ARG A 683 36.60 -10.09 41.63
N PHE A 684 36.84 -8.93 41.02
CA PHE A 684 38.06 -8.72 40.24
C PHE A 684 39.26 -8.66 41.18
N ILE A 685 40.17 -9.63 41.05
CA ILE A 685 41.37 -9.70 41.87
C ILE A 685 42.56 -9.88 40.94
N ILE A 686 43.62 -9.13 41.19
CA ILE A 686 44.84 -9.18 40.40
C ILE A 686 45.88 -10.00 41.16
N PRO A 687 46.57 -10.93 40.52
CA PRO A 687 47.57 -11.73 41.24
C PRO A 687 48.82 -10.92 41.53
N GLU A 688 49.53 -11.35 42.58
CA GLU A 688 50.76 -10.69 42.99
C GLU A 688 51.89 -11.03 42.03
N GLY A 689 52.70 -10.04 41.71
CA GLY A 689 53.83 -10.21 40.81
C GLY A 689 53.62 -9.72 39.39
N THR A 690 52.60 -8.90 39.15
CA THR A 690 52.32 -8.41 37.81
C THR A 690 53.27 -7.26 37.47
N LEU A 691 53.76 -7.27 36.23
CA LEU A 691 54.65 -6.22 35.76
C LEU A 691 53.84 -5.01 35.31
N GLY A 692 54.52 -3.87 35.27
CA GLY A 692 53.86 -2.63 34.87
C GLY A 692 54.86 -1.62 34.35
N ARG A 693 54.35 -0.67 33.58
CA ARG A 693 55.14 0.39 32.99
C ARG A 693 54.48 1.74 33.30
N PHE A 694 55.29 2.69 33.76
CA PHE A 694 54.79 4.03 34.08
C PHE A 694 54.92 4.91 32.83
N VAL A 695 53.79 5.16 32.17
CA VAL A 695 53.81 5.94 30.93
C VAL A 695 54.10 7.41 31.16
N THR A 696 54.05 7.88 32.41
CA THR A 696 54.28 9.29 32.75
C THR A 696 53.67 10.24 31.73
N THR A 701 49.34 7.57 36.32
CA THR A 701 48.88 6.44 35.51
C THR A 701 50.05 5.57 35.09
N ALA A 702 49.79 4.27 34.93
CA ALA A 702 50.82 3.32 34.53
C ALA A 702 50.17 2.17 33.79
N ARG A 703 50.91 1.59 32.84
CA ARG A 703 50.42 0.46 32.08
C ARG A 703 50.72 -0.85 32.81
N LEU A 704 49.76 -1.77 32.76
CA LEU A 704 49.88 -3.07 33.39
C LEU A 704 49.75 -4.16 32.32
N GLU A 705 50.72 -5.08 32.30
CA GLU A 705 50.72 -6.18 31.33
C GLU A 705 50.09 -7.40 31.99
N PHE A 706 48.75 -7.42 31.98
CA PHE A 706 47.98 -8.50 32.57
C PHE A 706 46.79 -8.81 31.68
N GLU A 707 46.56 -10.10 31.44
CA GLU A 707 45.44 -10.53 30.62
C GLU A 707 44.17 -10.57 31.46
N HIS A 708 43.11 -9.94 30.96
CA HIS A 708 41.83 -9.88 31.67
C HIS A 708 40.75 -9.55 30.66
N SER A 709 39.51 -9.51 31.14
CA SER A 709 38.34 -9.15 30.34
C SER A 709 37.93 -7.74 30.70
N ALA A 710 38.20 -6.79 29.81
CA ALA A 710 37.85 -5.40 30.07
C ALA A 710 36.36 -5.20 30.26
N LEU A 711 35.53 -6.07 29.70
CA LEU A 711 34.08 -5.94 29.86
C LEU A 711 33.68 -6.09 31.32
N ALA A 712 34.23 -7.09 32.01
CA ALA A 712 33.88 -7.31 33.41
C ALA A 712 34.34 -6.14 34.28
N LEU A 713 35.56 -5.66 34.04
CA LEU A 713 36.06 -4.53 34.83
C LEU A 713 35.23 -3.28 34.58
N LEU A 714 34.83 -3.05 33.32
CA LEU A 714 33.98 -1.90 33.01
C LEU A 714 32.63 -2.02 33.70
N GLY A 715 32.03 -3.22 33.69
CA GLY A 715 30.78 -3.42 34.39
C GLY A 715 30.91 -3.18 35.88
N LYS A 716 32.01 -3.65 36.47
CA LYS A 716 32.23 -3.44 37.90
C LYS A 716 32.38 -1.95 38.22
N ARG A 717 33.12 -1.23 37.39
CA ARG A 717 33.27 0.21 37.59
C ARG A 717 31.94 0.92 37.46
N LEU A 718 31.13 0.53 36.47
CA LEU A 718 29.80 1.14 36.32
C LEU A 718 28.93 0.85 37.53
N GLU A 719 28.99 -0.37 38.06
CA GLU A 719 28.21 -0.70 39.25
C GLU A 719 28.66 0.14 40.44
N VAL A 720 29.98 0.27 40.63
CA VAL A 720 30.49 1.05 41.76
C VAL A 720 30.08 2.51 41.62
N LYS A 721 30.06 3.03 40.39
CA LYS A 721 29.68 4.42 40.19
C LYS A 721 28.18 4.62 40.40
N ALA A 722 27.36 3.65 39.99
CA ALA A 722 25.92 3.78 40.19
C ALA A 722 25.53 3.60 41.65
N ALA A 723 26.30 2.83 42.40
CA ALA A 723 26.01 2.62 43.82
C ALA A 723 26.31 3.85 44.67
N GLU A 724 26.84 4.92 44.08
CA GLU A 724 27.16 6.14 44.81
C GLU A 724 28.18 5.88 45.92
N GLU A 725 28.99 4.84 45.76
CA GLU A 725 30.02 4.50 46.73
C GLU A 725 31.39 4.88 46.19
N ILE A 726 32.24 5.42 47.05
CA ILE A 726 33.59 5.83 46.69
C ILE A 726 34.57 5.06 47.56
N CYS A 727 35.68 4.64 46.96
CA CYS A 727 36.72 3.88 47.65
C CYS A 727 38.02 4.66 47.56
N ASP A 728 38.53 5.11 48.71
CA ASP A 728 39.79 5.86 48.72
C ASP A 728 40.95 4.95 48.33
N SER A 729 40.93 3.71 48.76
CA SER A 729 41.98 2.75 48.44
C SER A 729 41.79 2.07 47.09
N GLY A 730 40.78 2.48 46.32
CA GLY A 730 40.50 1.93 45.02
C GLY A 730 40.74 2.92 43.90
N MET A 731 40.57 2.42 42.67
CA MET A 731 40.74 3.25 41.50
C MET A 731 39.72 4.38 41.48
N ALA A 732 40.02 5.41 40.68
CA ALA A 732 39.12 6.54 40.58
C ALA A 732 37.88 6.16 39.77
N PRO A 733 36.75 6.81 40.02
CA PRO A 733 35.53 6.49 39.28
C PRO A 733 35.54 7.07 37.88
N LEU A 734 34.73 6.47 37.01
CA LEU A 734 34.62 6.93 35.63
C LEU A 734 33.95 8.31 35.58
N ASP A 735 34.38 9.11 34.62
CA ASP A 735 33.79 10.43 34.40
C ASP A 735 32.41 10.28 33.78
N VAL A 736 31.62 11.35 33.88
CA VAL A 736 30.26 11.32 33.35
C VAL A 736 30.29 11.07 31.84
N ASP A 737 31.11 11.83 31.11
CA ASP A 737 31.26 11.61 29.68
C ASP A 737 31.84 10.23 29.40
N GLU A 738 32.81 9.81 30.22
CA GLU A 738 33.38 8.47 30.05
C GLU A 738 32.33 7.41 30.28
N GLN A 739 31.47 7.59 31.29
CA GLN A 739 30.40 6.63 31.53
C GLN A 739 29.42 6.59 30.36
N ALA A 740 29.07 7.76 29.83
CA ALA A 740 28.17 7.82 28.69
C ALA A 740 28.75 7.07 27.50
N GLU A 741 30.02 7.32 27.19
CA GLU A 741 30.66 6.64 26.07
C GLU A 741 30.77 5.14 26.32
N ALA A 742 31.04 4.74 27.56
CA ALA A 742 31.11 3.31 27.88
C ALA A 742 29.77 2.63 27.64
N VAL A 743 28.68 3.22 28.17
CA VAL A 743 27.37 2.63 27.98
C VAL A 743 26.99 2.62 26.51
N ALA A 744 27.35 3.67 25.77
CA ALA A 744 27.06 3.72 24.34
C ALA A 744 27.79 2.63 23.55
N MET A 745 29.08 2.44 23.80
CA MET A 745 29.81 1.38 23.12
C MET A 745 29.29 0.00 23.52
N LEU A 746 28.91 -0.18 24.79
CA LEU A 746 28.32 -1.45 25.20
C LEU A 746 27.01 -1.71 24.46
N ALA A 747 26.16 -0.69 24.35
CA ALA A 747 24.91 -0.85 23.62
C ALA A 747 25.16 -1.17 22.16
N THR A 748 26.12 -0.49 21.53
CA THR A 748 26.42 -0.76 20.13
C THR A 748 26.93 -2.18 19.94
N VAL A 749 27.81 -2.64 20.83
CA VAL A 749 28.35 -4.00 20.71
C VAL A 749 27.22 -5.01 20.91
N LEU A 750 26.33 -4.77 21.87
CA LEU A 750 25.23 -5.70 22.09
C LEU A 750 24.30 -5.75 20.88
N ARG A 751 24.02 -4.58 20.28
CA ARG A 751 23.19 -4.55 19.08
C ARG A 751 23.85 -5.30 17.93
N ALA A 752 25.16 -5.09 17.74
CA ALA A 752 25.86 -5.81 16.68
C ALA A 752 25.82 -7.32 16.91
N GLU A 753 26.02 -7.75 18.16
CA GLU A 753 25.96 -9.17 18.47
C GLU A 753 24.57 -9.74 18.18
N SER A 754 23.53 -9.02 18.60
CA SER A 754 22.16 -9.49 18.37
C SER A 754 21.83 -9.54 16.89
N LEU A 755 22.39 -8.60 16.10
CA LEU A 755 22.11 -8.59 14.67
C LEU A 755 22.86 -9.69 13.94
N LYS A 756 24.08 -10.00 14.37
CA LYS A 756 24.85 -11.04 13.71
C LYS A 756 24.46 -12.44 14.17
N SER A 757 23.84 -12.57 15.34
CA SER A 757 23.41 -13.89 15.80
C SER A 757 22.24 -14.40 14.97
N THR A 758 21.29 -13.52 14.63
CA THR A 758 20.14 -13.94 13.84
C THR A 758 20.57 -14.39 12.46
N ALA A 759 21.57 -13.74 11.87
CA ALA A 759 22.06 -14.12 10.56
C ALA A 759 22.59 -15.55 10.56
N LYS A 760 22.44 -16.22 9.43
CA LYS A 760 22.90 -17.60 9.32
C LYS A 760 24.41 -17.67 9.49
N GLY A 761 24.88 -18.73 10.15
CA GLY A 761 26.28 -18.94 10.39
C GLY A 761 26.79 -18.45 11.72
N GLY A 762 25.99 -17.68 12.45
CA GLY A 762 26.38 -17.17 13.75
C GLY A 762 25.97 -18.08 14.88
N ASP A 763 26.10 -17.57 16.10
CA ASP A 763 25.75 -18.29 17.31
C ASP A 763 24.64 -17.55 18.04
N PRO A 764 23.55 -18.24 18.43
CA PRO A 764 22.46 -17.54 19.13
C PRO A 764 22.81 -17.15 20.56
N GLU A 765 23.90 -17.65 21.11
CA GLU A 765 24.30 -17.34 22.49
C GLU A 765 25.28 -16.17 22.57
N ALA A 766 25.44 -15.40 21.48
CA ALA A 766 26.37 -14.28 21.51
C ALA A 766 25.91 -13.20 22.48
N PRO A 767 24.69 -12.65 22.37
CA PRO A 767 24.30 -11.60 23.33
C PRO A 767 24.15 -12.12 24.75
N LEU A 768 23.66 -13.35 24.92
CA LEU A 768 23.56 -13.93 26.26
C LEU A 768 24.95 -14.06 26.88
N LYS A 769 25.91 -14.57 26.12
CA LYS A 769 27.27 -14.70 26.65
C LYS A 769 27.87 -13.35 26.95
N PHE A 770 27.60 -12.35 26.10
CA PHE A 770 28.12 -11.01 26.35
C PHE A 770 27.56 -10.44 27.65
N LEU A 771 26.25 -10.60 27.86
CA LEU A 771 25.64 -10.12 29.10
C LEU A 771 26.18 -10.86 30.31
N LYS A 772 26.38 -12.18 30.19
CA LYS A 772 26.92 -12.94 31.30
C LYS A 772 28.34 -12.50 31.64
N GLU A 773 29.15 -12.22 30.62
CA GLU A 773 30.50 -11.73 30.88
C GLU A 773 30.48 -10.34 31.49
N ALA A 774 29.55 -9.49 31.06
CA ALA A 774 29.45 -8.15 31.62
C ALA A 774 29.01 -8.21 33.08
N SER A 775 28.14 -9.15 33.43
CA SER A 775 27.68 -9.33 34.80
C SER A 775 28.60 -10.24 35.61
N ARG A 776 29.82 -10.45 35.15
CA ARG A 776 30.76 -11.31 35.87
C ARG A 776 31.49 -10.52 36.94
N LEU A 777 31.96 -11.24 37.97
CA LEU A 777 32.66 -10.65 39.11
C LEU A 777 31.94 -9.40 39.61
N LEU A 778 30.61 -9.45 39.60
CA LEU A 778 29.75 -8.41 40.13
C LEU A 778 28.90 -8.99 41.25
N PRO A 779 28.22 -8.15 42.01
CA PRO A 779 27.34 -8.67 43.06
C PRO A 779 26.31 -9.63 42.49
N HIS A 780 26.15 -10.78 43.16
CA HIS A 780 25.25 -11.81 42.66
C HIS A 780 23.82 -11.30 42.55
N ASN A 781 23.44 -10.37 43.43
CA ASN A 781 22.06 -9.89 43.44
C ASN A 781 21.73 -9.05 42.21
N LYS A 782 22.68 -8.23 41.76
CA LYS A 782 22.45 -7.31 40.66
C LYS A 782 23.28 -7.70 39.45
N ASP A 783 22.93 -7.10 38.31
CA ASP A 783 23.65 -7.31 37.05
C ASP A 783 23.82 -5.96 36.38
N ILE A 784 24.33 -5.97 35.14
CA ILE A 784 24.55 -4.72 34.42
C ILE A 784 23.23 -3.98 34.21
N LEU A 785 22.15 -4.73 33.97
CA LEU A 785 20.85 -4.09 33.82
C LEU A 785 20.45 -3.38 35.10
N THR A 786 20.73 -3.98 36.25
CA THR A 786 20.44 -3.32 37.52
C THR A 786 21.33 -2.09 37.70
N VAL A 787 22.57 -2.14 37.22
CA VAL A 787 23.43 -0.97 37.28
C VAL A 787 22.85 0.17 36.46
N ILE A 788 22.36 -0.14 35.25
CA ILE A 788 21.74 0.90 34.42
C ILE A 788 20.48 1.42 35.10
N SER A 789 19.71 0.54 35.73
CA SER A 789 18.51 0.97 36.44
C SER A 789 18.86 1.93 37.56
N ASP A 790 19.88 1.60 38.35
CA ASP A 790 20.30 2.48 39.43
C ASP A 790 20.82 3.82 38.91
N THR A 791 21.58 3.79 37.80
CA THR A 791 22.07 5.04 37.22
C THR A 791 20.90 5.91 36.78
N ILE A 792 19.91 5.31 36.12
CA ILE A 792 18.74 6.08 35.68
C ILE A 792 18.01 6.67 36.89
N ASP A 793 17.79 5.84 37.92
CA ASP A 793 17.10 6.32 39.11
C ASP A 793 17.85 7.47 39.74
N GLY A 794 19.19 7.42 39.75
CA GLY A 794 19.97 8.50 40.31
C GLY A 794 19.84 9.77 39.48
N LEU A 795 19.97 9.65 38.16
CA LEU A 795 19.88 10.83 37.29
C LEU A 795 18.48 11.44 37.34
N VAL A 796 17.44 10.60 37.33
CA VAL A 796 16.08 11.10 37.33
C VAL A 796 15.61 11.49 38.73
N GLU A 797 16.45 11.32 39.74
CA GLU A 797 16.07 11.72 41.10
C GLU A 797 15.58 13.16 41.12
N LYS A 798 16.39 14.08 40.61
CA LYS A 798 16.00 15.48 40.50
C LYS A 798 15.28 15.71 39.18
N GLU A 799 14.68 16.90 39.05
CA GLU A 799 13.95 17.21 37.83
C GLU A 799 14.90 17.27 36.64
N LEU A 800 14.40 16.83 35.48
CA LEU A 800 15.25 16.73 34.30
C LEU A 800 15.75 18.09 33.84
N LEU A 801 15.06 19.17 34.22
CA LEU A 801 15.45 20.50 33.74
C LEU A 801 16.84 20.88 34.22
N GLU A 802 17.20 20.51 35.45
CA GLU A 802 18.48 20.86 36.05
C GLU A 802 19.42 19.66 35.90
N LEU A 803 19.93 19.48 34.69
CA LEU A 803 20.88 18.41 34.39
C LEU A 803 21.89 18.92 33.38
N ASP A 804 23.16 18.63 33.63
CA ASP A 804 24.24 19.06 32.76
C ASP A 804 24.31 18.17 31.52
N GLY A 805 25.05 18.66 30.52
CA GLY A 805 25.22 17.94 29.27
C GLY A 805 25.70 16.52 29.48
N PRO A 806 26.75 16.34 30.27
CA PRO A 806 27.24 14.98 30.53
C PRO A 806 26.18 14.06 31.13
N GLN A 807 25.36 14.57 32.05
CA GLN A 807 24.32 13.73 32.64
C GLN A 807 23.27 13.34 31.61
N ILE A 808 22.89 14.28 30.75
CA ILE A 808 21.92 13.97 29.70
C ILE A 808 22.50 12.94 28.74
N ALA A 809 23.80 13.04 28.44
CA ALA A 809 24.43 12.06 27.57
C ALA A 809 24.47 10.69 28.23
N VAL A 810 24.74 10.64 29.54
CA VAL A 810 24.73 9.36 30.25
C VAL A 810 23.32 8.76 30.22
N LEU A 811 22.30 9.59 30.39
CA LEU A 811 20.93 9.07 30.34
C LEU A 811 20.59 8.55 28.95
N ALA A 812 21.01 9.27 27.91
CA ALA A 812 20.78 8.80 26.55
C ALA A 812 21.49 7.47 26.30
N SER A 813 22.72 7.34 26.79
CA SER A 813 23.44 6.08 26.63
C SER A 813 22.76 4.95 27.38
N CYS A 814 22.23 5.24 28.57
CA CYS A 814 21.49 4.22 29.32
C CYS A 814 20.25 3.78 28.55
N LEU A 815 19.55 4.74 27.94
CA LEU A 815 18.38 4.38 27.13
C LEU A 815 18.79 3.53 25.93
N GLN A 816 19.92 3.87 25.30
CA GLN A 816 20.41 3.06 24.18
C GLN A 816 20.76 1.66 24.64
N PHE A 817 21.35 1.52 25.82
CA PHE A 817 21.69 0.19 26.33
C PHE A 817 20.44 -0.61 26.65
N LEU A 818 19.41 0.04 27.20
CA LEU A 818 18.13 -0.64 27.41
C LEU A 818 17.54 -1.10 26.08
N HIS A 819 17.61 -0.24 25.05
CA HIS A 819 17.15 -0.63 23.73
C HIS A 819 17.89 -1.85 23.22
N ALA A 820 19.21 -1.85 23.38
CA ALA A 820 20.01 -3.00 22.93
C ALA A 820 19.63 -4.27 23.67
N ALA A 821 19.48 -4.19 24.99
CA ALA A 821 19.14 -5.36 25.78
C ALA A 821 17.70 -5.81 25.56
N LEU A 822 16.85 -4.96 24.99
CA LEU A 822 15.47 -5.34 24.73
C LEU A 822 15.39 -6.57 23.81
N ALA A 823 16.39 -6.75 22.94
CA ALA A 823 16.33 -7.85 21.99
C ALA A 823 16.57 -9.19 22.66
N VAL A 824 17.68 -9.31 23.40
CA VAL A 824 18.05 -10.61 23.96
C VAL A 824 17.33 -10.88 25.27
N CYS A 825 16.95 -9.84 26.02
CA CYS A 825 16.31 -10.00 27.32
C CYS A 825 15.13 -9.04 27.42
N PRO A 826 14.03 -9.33 26.74
CA PRO A 826 12.84 -8.46 26.87
C PRO A 826 12.21 -8.51 28.25
N GLY A 827 12.26 -9.66 28.92
CA GLY A 827 11.57 -9.79 30.20
C GLY A 827 12.04 -8.78 31.22
N ARG A 828 13.35 -8.71 31.45
CA ARG A 828 13.88 -7.79 32.45
C ARG A 828 13.65 -6.34 32.04
N VAL A 829 13.73 -6.05 30.74
CA VAL A 829 13.51 -4.69 30.27
C VAL A 829 12.08 -4.26 30.56
N TRP A 830 11.11 -5.14 30.30
CA TRP A 830 9.72 -4.82 30.61
C TRP A 830 9.51 -4.71 32.11
N ALA A 831 10.12 -5.60 32.89
CA ALA A 831 9.97 -5.54 34.34
C ALA A 831 10.51 -4.22 34.89
N TYR A 832 11.58 -3.70 34.29
CA TYR A 832 12.12 -2.42 34.74
C TYR A 832 11.26 -1.26 34.27
N MET A 833 10.81 -1.29 33.02
CA MET A 833 9.95 -0.21 32.52
C MET A 833 8.65 -0.14 33.30
N SER A 834 8.18 -1.27 33.84
CA SER A 834 6.96 -1.24 34.64
C SER A 834 7.11 -0.39 35.89
N ARG A 835 8.35 -0.17 36.37
CA ARG A 835 8.62 0.63 37.55
C ARG A 835 9.76 1.61 37.31
N CYS A 836 9.96 2.01 36.05
CA CYS A 836 11.04 2.94 35.74
C CYS A 836 10.82 4.30 36.40
N ALA A 837 9.58 4.67 36.71
CA ALA A 837 9.27 5.94 37.36
C ALA A 837 9.71 7.12 36.49
N LEU A 838 9.73 6.94 35.17
CA LEU A 838 10.13 7.99 34.25
C LEU A 838 9.03 8.41 33.29
N ILE A 839 8.00 7.60 33.10
CA ILE A 839 6.90 7.89 32.18
C ILE A 839 5.61 7.62 32.94
N ALA A 840 5.03 8.68 33.53
CA ALA A 840 3.77 8.56 34.26
C ALA A 840 3.84 7.47 35.32
N GLY A 841 4.98 7.37 35.99
CA GLY A 841 5.17 6.36 37.01
C GLY A 841 4.49 6.70 38.32
N ASP A 842 4.87 7.84 38.90
CA ASP A 842 4.31 8.28 40.18
C ASP A 842 4.48 9.79 40.27
N ALA A 843 4.14 10.35 41.43
CA ALA A 843 4.25 11.78 41.66
C ALA A 843 5.65 12.22 42.07
N ARG A 844 6.65 11.35 41.92
CA ARG A 844 8.02 11.72 42.29
C ARG A 844 8.65 12.54 41.16
N PRO A 845 9.36 13.62 41.48
CA PRO A 845 9.96 14.43 40.42
C PRO A 845 11.00 13.64 39.64
N GLY A 846 10.96 13.81 38.31
CA GLY A 846 11.86 13.10 37.43
C GLY A 846 11.17 12.54 36.21
N ARG A 847 9.88 12.79 36.07
CA ARG A 847 9.13 12.29 34.93
C ARG A 847 9.67 12.89 33.63
N LEU A 848 9.42 12.16 32.53
CA LEU A 848 9.88 12.61 31.22
C LEU A 848 8.98 13.68 30.63
N SER A 849 7.76 13.84 31.15
CA SER A 849 6.83 14.85 30.63
C SER A 849 7.11 16.25 31.17
N ARG A 850 8.00 16.39 32.15
CA ARG A 850 8.33 17.68 32.72
C ARG A 850 9.46 18.39 31.98
N ILE A 851 9.93 17.83 30.87
CA ILE A 851 10.97 18.44 30.07
C ILE A 851 10.38 19.25 28.90
N THR A 852 9.08 19.53 28.95
CA THR A 852 8.41 20.27 27.89
C THR A 852 8.61 21.77 28.11
N GLY A 853 7.89 22.58 27.34
CA GLY A 853 7.98 24.02 27.46
C GLY A 853 8.76 24.64 26.31
N SER A 854 9.02 25.94 26.46
CA SER A 854 9.78 26.70 25.46
C SER A 854 11.27 26.70 25.83
N LEU A 855 11.87 25.54 25.66
CA LEU A 855 13.28 25.32 25.96
C LEU A 855 14.08 25.22 24.66
N ASP A 856 15.40 25.05 24.81
CA ASP A 856 16.31 24.93 23.68
C ASP A 856 16.90 23.52 23.70
N MET A 857 16.54 22.73 22.70
CA MET A 857 16.99 21.33 22.61
C MET A 857 18.21 21.29 21.68
N TYR A 858 19.38 21.58 22.26
CA TYR A 858 20.63 21.54 21.53
C TYR A 858 21.06 20.08 21.36
N ALA A 859 22.26 19.87 20.80
CA ALA A 859 22.76 18.52 20.60
C ALA A 859 22.89 17.77 21.92
N GLU A 860 23.21 18.48 23.01
CA GLU A 860 23.33 17.83 24.30
C GLU A 860 21.98 17.39 24.85
N ARG A 861 20.95 18.20 24.64
CA ARG A 861 19.60 17.90 25.11
C ARG A 861 18.76 17.15 24.08
N PHE A 862 19.20 17.10 22.83
CA PHE A 862 18.45 16.38 21.80
C PHE A 862 18.81 14.91 21.73
N ASP A 863 20.05 14.54 22.07
CA ASP A 863 20.45 13.14 22.04
C ASP A 863 19.66 12.28 23.01
N LEU A 864 19.00 12.91 23.99
CA LEU A 864 18.21 12.15 24.96
C LEU A 864 16.87 11.75 24.38
N LEU A 865 16.11 12.71 23.87
CA LEU A 865 14.77 12.40 23.34
C LEU A 865 14.86 11.62 22.03
N SER A 866 15.86 11.93 21.20
CA SER A 866 16.02 11.20 19.95
C SER A 866 16.24 9.72 20.21
N SER A 867 16.83 9.38 21.35
CA SER A 867 17.03 7.98 21.72
C SER A 867 15.85 7.42 22.49
N ALA A 868 15.19 8.24 23.31
CA ALA A 868 14.03 7.76 24.07
C ALA A 868 12.88 7.39 23.15
N VAL A 869 12.63 8.19 22.12
CA VAL A 869 11.54 7.88 21.19
C VAL A 869 11.82 6.56 20.47
N LYS A 870 13.06 6.33 20.06
CA LYS A 870 13.39 5.10 19.36
C LYS A 870 13.34 3.91 20.32
N LEU A 871 13.74 4.10 21.58
CA LEU A 871 13.57 3.04 22.57
C LEU A 871 12.11 2.68 22.76
N PHE A 872 11.24 3.70 22.81
CA PHE A 872 9.81 3.43 22.94
C PHE A 872 9.28 2.69 21.71
N ALA A 873 9.73 3.09 20.52
CA ALA A 873 9.32 2.41 19.30
C ALA A 873 9.75 0.94 19.32
N ALA A 874 10.97 0.68 19.76
CA ALA A 874 11.44 -0.70 19.84
C ALA A 874 10.66 -1.50 20.89
N LEU A 875 10.32 -0.86 22.01
CA LEU A 875 9.49 -1.52 23.01
C LEU A 875 8.13 -1.89 22.43
N ILE A 876 7.52 -0.99 21.68
CA ILE A 876 6.23 -1.27 21.07
C ILE A 876 6.36 -2.39 20.05
N ASP A 877 7.43 -2.38 19.26
CA ASP A 877 7.64 -3.44 18.29
C ASP A 877 7.80 -4.79 18.98
N SER A 878 8.52 -4.83 20.09
CA SER A 878 8.69 -6.09 20.82
C SER A 878 7.37 -6.55 21.43
N ALA A 879 6.59 -5.62 21.98
CA ALA A 879 5.30 -5.99 22.55
C ALA A 879 4.34 -6.48 21.47
N ALA A 880 4.49 -5.99 20.24
CA ALA A 880 3.61 -6.43 19.15
C ALA A 880 3.69 -7.94 18.96
N CYS A 881 4.84 -8.55 19.25
CA CYS A 881 5.04 -9.99 19.10
C CYS A 881 4.52 -10.67 20.36
N SER A 882 3.19 -10.79 20.46
CA SER A 882 2.54 -11.40 21.59
C SER A 882 2.17 -12.86 21.33
N ALA A 883 2.95 -13.56 20.49
CA ALA A 883 2.70 -14.95 20.15
C ALA A 883 3.82 -15.87 20.63
N VAL A 884 4.68 -15.38 21.52
CA VAL A 884 5.78 -16.19 22.04
C VAL A 884 5.32 -16.97 23.26
N PRO A 903 12.93 -16.20 28.15
CA PRO A 903 12.80 -15.09 27.19
C PRO A 903 11.87 -13.99 27.68
N TRP A 904 10.72 -14.38 28.23
CA TRP A 904 9.72 -13.45 28.74
C TRP A 904 9.39 -13.74 30.21
N LEU A 905 10.31 -14.36 30.93
CA LEU A 905 10.08 -14.69 32.33
C LEU A 905 10.05 -13.41 33.16
N GLY A 906 8.94 -13.19 33.85
CA GLY A 906 8.79 -12.02 34.70
C GLY A 906 7.92 -10.92 34.12
N THR A 907 6.92 -11.26 33.30
CA THR A 907 6.04 -10.27 32.70
C THR A 907 4.60 -10.77 32.78
N SER A 908 3.67 -9.92 32.35
CA SER A 908 2.26 -10.26 32.37
C SER A 908 1.53 -9.29 31.45
N GLU A 909 0.29 -9.64 31.10
CA GLU A 909 -0.48 -8.83 30.18
C GLU A 909 -0.76 -7.44 30.76
N LYS A 910 -1.11 -7.38 32.05
CA LYS A 910 -1.41 -6.09 32.66
C LYS A 910 -0.17 -5.20 32.70
N ILE A 911 0.99 -5.78 33.01
CA ILE A 911 2.21 -5.00 33.09
C ILE A 911 2.54 -4.40 31.72
N LEU A 912 2.49 -5.23 30.67
CA LEU A 912 2.78 -4.74 29.34
C LEU A 912 1.76 -3.70 28.90
N SER A 913 0.49 -3.89 29.25
CA SER A 913 -0.53 -2.91 28.90
C SER A 913 -0.26 -1.57 29.57
N ARG A 914 0.08 -1.59 30.86
CA ARG A 914 0.36 -0.34 31.57
C ARG A 914 1.59 0.33 31.00
N VAL A 915 2.64 -0.44 30.68
CA VAL A 915 3.85 0.14 30.11
C VAL A 915 3.54 0.76 28.76
N ALA A 916 2.72 0.10 27.95
CA ALA A 916 2.37 0.65 26.64
C ALA A 916 1.54 1.92 26.78
N LEU A 917 0.62 1.96 27.75
CA LEU A 917 -0.16 3.16 27.98
C LEU A 917 0.73 4.32 28.41
N ALA A 918 1.69 4.05 29.31
CA ALA A 918 2.61 5.10 29.72
C ALA A 918 3.46 5.58 28.56
N ILE A 919 3.93 4.65 27.73
CA ILE A 919 4.73 5.03 26.56
C ILE A 919 3.93 5.89 25.61
N ALA A 920 2.66 5.53 25.39
CA ALA A 920 1.81 6.32 24.51
C ALA A 920 1.57 7.72 25.07
N GLN A 921 1.33 7.82 26.38
CA GLN A 921 1.15 9.12 27.00
C GLN A 921 2.41 9.97 26.85
N ALA A 922 3.58 9.36 27.07
CA ALA A 922 4.83 10.11 26.93
C ALA A 922 5.04 10.56 25.49
N ALA A 923 4.76 9.69 24.52
CA ALA A 923 4.90 10.05 23.11
C ALA A 923 3.95 11.18 22.74
N LEU A 924 2.72 11.14 23.26
CA LEU A 924 1.77 12.21 22.99
C LEU A 924 2.23 13.52 23.60
N ASP A 925 2.75 13.49 24.83
CA ASP A 925 3.27 14.69 25.45
C ASP A 925 4.43 15.26 24.64
N VAL A 926 5.32 14.39 24.15
CA VAL A 926 6.44 14.86 23.35
C VAL A 926 5.95 15.47 22.05
N TYR A 927 4.96 14.84 21.41
CA TYR A 927 4.44 15.36 20.15
C TYR A 927 3.74 16.70 20.35
N GLU A 928 3.12 16.91 21.51
CA GLU A 928 2.47 18.18 21.78
C GLU A 928 3.46 19.25 22.20
N SER A 929 4.59 18.87 22.81
CA SER A 929 5.57 19.84 23.27
C SER A 929 6.62 20.21 22.23
N THR A 930 6.81 19.36 21.21
CA THR A 930 7.84 19.65 20.21
C THR A 930 7.53 20.92 19.43
N THR A 931 6.30 21.42 19.49
CA THR A 931 5.91 22.63 18.76
C THR A 931 6.36 23.91 19.44
N THR A 932 7.23 23.83 20.46
CA THR A 932 7.74 25.00 21.15
C THR A 932 9.25 25.04 21.32
N TRP A 933 9.93 23.90 21.20
CA TRP A 933 11.37 23.87 21.37
C TRP A 933 12.07 24.58 20.21
N ARG A 934 13.28 25.04 20.47
CA ARG A 934 14.11 25.73 19.48
C ARG A 934 15.40 24.92 19.29
N PHE A 935 15.46 24.16 18.21
CA PHE A 935 16.62 23.33 17.91
C PHE A 935 17.67 24.13 17.16
N ARG A 936 18.93 23.73 17.35
CA ARG A 936 20.02 24.40 16.65
C ARG A 936 19.88 24.28 15.14
N SER A 937 19.29 23.20 14.67
CA SER A 937 19.09 22.97 13.24
C SER A 937 17.74 22.29 13.03
N GLU A 938 17.34 22.20 11.76
CA GLU A 938 16.06 21.59 11.42
C GLU A 938 16.14 20.06 11.34
N LEU A 939 17.34 19.51 11.14
CA LEU A 939 17.47 18.06 11.00
C LEU A 939 17.08 17.35 12.29
N ASP A 940 17.44 17.93 13.44
CA ASP A 940 17.10 17.32 14.71
C ASP A 940 15.58 17.23 14.89
N ARG A 941 14.88 18.34 14.69
CA ARG A 941 13.44 18.33 14.82
C ARG A 941 12.80 17.41 13.79
N SER A 942 13.37 17.36 12.59
CA SER A 942 12.84 16.47 11.56
C SER A 942 12.95 15.01 11.98
N ILE A 943 14.11 14.62 12.52
CA ILE A 943 14.30 13.25 12.97
C ILE A 943 13.37 12.94 14.13
N LEU A 944 13.20 13.88 15.05
CA LEU A 944 12.31 13.66 16.18
C LEU A 944 10.87 13.45 15.72
N VAL A 945 10.40 14.31 14.82
CA VAL A 945 9.04 14.18 14.28
C VAL A 945 8.90 12.85 13.56
N ARG A 946 9.89 12.47 12.76
CA ARG A 946 9.84 11.20 12.05
C ARG A 946 9.71 10.04 13.02
N ASP A 947 10.52 10.05 14.08
CA ASP A 947 10.51 8.94 15.04
C ASP A 947 9.17 8.86 15.76
N VAL A 948 8.67 9.99 16.26
CA VAL A 948 7.41 9.97 16.99
C VAL A 948 6.26 9.56 16.08
N VAL A 949 6.27 10.02 14.83
CA VAL A 949 5.21 9.68 13.89
C VAL A 949 5.26 8.20 13.55
N GLY A 950 6.46 7.65 13.36
CA GLY A 950 6.57 6.22 13.12
C GLY A 950 6.08 5.40 14.30
N LEU A 951 6.42 5.84 15.51
CA LEU A 951 5.93 5.15 16.70
C LEU A 951 4.41 5.16 16.76
N MET A 952 3.79 6.33 16.56
CA MET A 952 2.34 6.43 16.60
C MET A 952 1.70 5.59 15.50
N HIS A 953 2.31 5.57 14.31
CA HIS A 953 1.76 4.78 13.21
C HIS A 953 1.83 3.28 13.51
N LYS A 954 2.97 2.82 14.02
CA LYS A 954 3.08 1.40 14.39
C LYS A 954 2.11 1.05 15.51
N LEU A 955 1.83 1.99 16.41
CA LEU A 955 0.84 1.73 17.46
C LEU A 955 -0.56 1.63 16.88
N VAL A 956 -0.91 2.54 15.96
CA VAL A 956 -2.26 2.57 15.42
C VAL A 956 -2.53 1.35 14.55
N VAL A 957 -1.62 1.06 13.61
CA VAL A 957 -1.85 -0.03 12.67
C VAL A 957 -1.92 -1.37 13.39
N HIS A 958 -1.08 -1.56 14.41
CA HIS A 958 -1.06 -2.83 15.13
C HIS A 958 -2.35 -3.10 15.86
N ALA A 959 -3.15 -2.06 16.16
CA ALA A 959 -4.37 -2.26 16.92
C ALA A 959 -5.52 -2.73 16.03
N HIS A 960 -5.64 -2.17 14.82
CA HIS A 960 -6.74 -2.49 13.92
C HIS A 960 -6.36 -3.52 12.86
N THR A 961 -5.08 -3.84 12.72
CA THR A 961 -4.68 -4.84 11.72
C THR A 961 -5.32 -6.19 12.02
N LEU A 962 -5.55 -6.49 13.29
CA LEU A 962 -6.20 -7.74 13.70
C LEU A 962 -7.28 -7.43 14.73
N SER A 963 -8.17 -8.40 14.92
CA SER A 963 -9.27 -8.27 15.87
C SER A 963 -9.25 -9.34 16.95
N SER A 964 -8.17 -10.13 17.03
CA SER A 964 -8.07 -11.18 18.03
C SER A 964 -7.45 -10.63 19.31
N HIS A 965 -7.20 -11.52 20.27
CA HIS A 965 -6.62 -11.13 21.55
C HIS A 965 -5.13 -10.85 21.44
N LEU A 966 -4.48 -11.21 20.34
CA LEU A 966 -3.05 -10.97 20.20
C LEU A 966 -2.73 -9.47 20.25
N THR A 967 -3.66 -8.63 19.81
CA THR A 967 -3.47 -7.19 19.79
C THR A 967 -4.14 -6.50 20.98
N SER A 968 -4.23 -7.18 22.11
CA SER A 968 -4.86 -6.62 23.31
C SER A 968 -3.87 -5.94 24.24
N THR A 969 -2.57 -6.25 24.11
CA THR A 969 -1.58 -5.62 24.97
C THR A 969 -1.50 -4.12 24.73
N LEU A 970 -1.49 -3.71 23.45
CA LEU A 970 -1.40 -2.31 23.08
C LEU A 970 -2.76 -1.69 22.79
N SER A 971 -3.85 -2.39 23.11
CA SER A 971 -5.19 -1.90 22.81
C SER A 971 -5.51 -0.65 23.62
N PRO A 972 -5.18 -0.61 24.92
CA PRO A 972 -5.45 0.64 25.66
C PRO A 972 -4.69 1.83 25.11
N ALA A 973 -3.41 1.64 24.79
CA ALA A 973 -2.63 2.74 24.22
C ALA A 973 -3.19 3.19 22.89
N ALA A 974 -3.59 2.24 22.04
CA ALA A 974 -4.17 2.59 20.75
C ALA A 974 -5.46 3.36 20.92
N ALA A 975 -6.33 2.90 21.84
CA ALA A 975 -7.58 3.60 22.07
C ALA A 975 -7.34 5.01 22.59
N HIS A 976 -6.38 5.18 23.50
CA HIS A 976 -6.07 6.50 24.01
C HIS A 976 -5.57 7.41 22.89
N ILE A 977 -4.64 6.92 22.06
CA ILE A 977 -4.11 7.73 20.98
C ILE A 977 -5.21 8.11 20.00
N ILE A 978 -6.12 7.17 19.71
CA ILE A 978 -7.21 7.46 18.78
C ILE A 978 -8.14 8.52 19.36
N SER A 979 -8.53 8.35 20.63
CA SER A 979 -9.43 9.31 21.25
C SER A 979 -8.77 10.68 21.38
N SER A 980 -7.45 10.74 21.44
CA SER A 980 -6.75 12.00 21.56
C SER A 980 -6.49 12.68 20.22
N PHE A 981 -6.33 11.91 19.14
CA PHE A 981 -6.03 12.47 17.83
C PHE A 981 -7.26 12.59 16.93
N LEU A 982 -8.41 12.05 17.33
CA LEU A 982 -9.63 12.18 16.56
C LEU A 982 -10.66 13.10 17.19
N THR A 983 -10.78 13.10 18.51
CA THR A 983 -11.73 13.96 19.23
C THR A 983 -11.03 14.66 20.38
N PRO A 984 -10.05 15.51 20.08
CA PRO A 984 -9.36 16.25 21.13
C PRO A 984 -10.23 17.39 21.65
N PRO A 985 -9.85 18.01 22.76
CA PRO A 985 -10.62 19.14 23.28
C PRO A 985 -10.47 20.36 22.39
N PRO A 986 -11.42 21.29 22.42
CA PRO A 986 -11.31 22.47 21.56
C PRO A 986 -10.19 23.43 21.97
N SER A 987 -9.64 23.28 23.17
CA SER A 987 -8.57 24.17 23.62
C SER A 987 -7.22 23.72 23.12
N ALA A 988 -6.98 22.40 23.12
CA ALA A 988 -5.70 21.83 22.69
C ALA A 988 -5.81 21.11 21.35
N SER A 989 -6.70 21.59 20.48
CA SER A 989 -6.88 20.95 19.18
C SER A 989 -5.78 21.35 18.20
N SER A 990 -5.39 22.62 18.19
CA SER A 990 -4.36 23.09 17.27
C SER A 990 -2.95 22.71 17.71
N LEU A 991 -2.75 22.44 19.00
CA LEU A 991 -1.42 22.05 19.47
C LEU A 991 -0.99 20.72 18.87
N ARG A 992 -1.95 19.84 18.57
CA ARG A 992 -1.65 18.55 17.96
C ARG A 992 -1.59 18.60 16.44
N PHE A 993 -2.03 19.70 15.82
CA PHE A 993 -2.06 19.83 14.38
C PHE A 993 -0.97 20.73 13.83
N GLN A 994 -0.51 21.70 14.61
CA GLN A 994 0.55 22.59 14.13
C GLN A 994 1.82 21.85 13.76
N PRO A 995 2.24 20.79 14.46
CA PRO A 995 3.47 20.09 14.05
C PRO A 995 3.43 19.58 12.62
N LEU A 996 2.33 18.93 12.22
CA LEU A 996 2.24 18.40 10.86
C LEU A 996 2.23 19.52 9.84
N LEU A 997 1.53 20.61 10.13
CA LEU A 997 1.48 21.74 9.20
C LEU A 997 2.87 22.34 9.02
N GLY A 998 3.59 22.54 10.12
CA GLY A 998 4.94 23.06 10.02
C GLY A 998 5.87 22.12 9.27
N THR A 999 5.72 20.81 9.51
CA THR A 999 6.52 19.83 8.77
C THR A 999 6.26 19.93 7.28
N LEU A 1000 4.99 19.98 6.88
CA LEU A 1000 4.67 20.09 5.46
C LEU A 1000 5.21 21.39 4.88
N LEU A 1001 5.09 22.50 5.62
CA LEU A 1001 5.63 23.76 5.13
C LEU A 1001 7.13 23.68 4.91
N VAL A 1002 7.87 23.20 5.91
CA VAL A 1002 9.31 23.09 5.78
C VAL A 1002 9.68 22.14 4.64
N ALA A 1003 8.85 21.12 4.39
CA ALA A 1003 9.15 20.17 3.32
C ALA A 1003 8.91 20.80 1.95
N LEU A 1004 7.89 21.64 1.83
CA LEU A 1004 7.53 22.24 0.55
C LEU A 1004 8.27 23.56 0.30
N ILE A 1005 9.01 24.08 1.27
CA ILE A 1005 9.76 25.31 1.09
C ILE A 1005 11.25 25.03 1.18
N THR A 1006 11.64 23.75 1.05
CA THR A 1006 13.04 23.38 1.13
C THR A 1006 13.67 23.40 -0.25
N PRO A 1007 14.86 23.99 -0.43
CA PRO A 1007 15.49 23.97 -1.75
C PRO A 1007 16.10 22.62 -2.08
N ARG A 1008 15.94 22.22 -3.34
CA ARG A 1008 16.49 20.97 -3.81
C ARG A 1008 17.99 21.11 -4.04
N ALA A 1009 18.76 20.12 -3.56
CA ALA A 1009 20.21 20.12 -3.70
C ALA A 1009 20.68 18.70 -3.96
N THR A 1010 21.69 18.58 -4.82
CA THR A 1010 22.25 17.26 -5.15
C THR A 1010 23.12 16.72 -4.03
N LEU A 1011 23.62 17.56 -3.14
CA LEU A 1011 24.47 17.14 -2.04
C LEU A 1011 23.63 16.86 -0.79
N TYR A 1012 24.29 16.40 0.26
CA TYR A 1012 23.63 16.07 1.52
C TYR A 1012 22.51 15.07 1.29
N PRO A 1013 22.81 13.86 0.80
CA PRO A 1013 21.75 12.87 0.60
C PRO A 1013 21.15 12.35 1.90
N GLY A 1014 21.91 12.39 3.00
CA GLY A 1014 21.37 11.93 4.27
C GLY A 1014 20.17 12.75 4.72
N GLN A 1015 20.31 14.08 4.69
CA GLN A 1015 19.19 14.94 5.06
C GLN A 1015 18.02 14.76 4.10
N SER A 1016 18.31 14.56 2.82
CA SER A 1016 17.24 14.37 1.84
C SER A 1016 16.44 13.11 2.16
N ARG A 1017 17.12 11.99 2.39
CA ARG A 1017 16.42 10.76 2.70
C ARG A 1017 15.71 10.85 4.05
N ILE A 1018 16.29 11.55 5.02
CA ILE A 1018 15.63 11.71 6.31
C ILE A 1018 14.33 12.50 6.14
N LEU A 1019 14.37 13.58 5.37
CA LEU A 1019 13.16 14.35 5.13
C LEU A 1019 12.13 13.54 4.36
N ALA A 1020 12.58 12.74 3.40
CA ALA A 1020 11.67 11.89 2.63
C ALA A 1020 10.97 10.89 3.54
N GLU A 1021 11.73 10.24 4.43
CA GLU A 1021 11.14 9.28 5.35
C GLU A 1021 10.21 9.98 6.33
N ARG A 1022 10.55 11.19 6.76
CA ARG A 1022 9.68 11.94 7.65
C ARG A 1022 8.34 12.24 6.97
N VAL A 1023 8.39 12.69 5.72
CA VAL A 1023 7.15 12.98 4.99
C VAL A 1023 6.35 11.71 4.80
N THR A 1024 7.01 10.60 4.46
CA THR A 1024 6.30 9.34 4.28
C THR A 1024 5.62 8.92 5.57
N SER A 1025 6.31 9.06 6.71
CA SER A 1025 5.72 8.68 7.98
C SER A 1025 4.54 9.58 8.35
N VAL A 1026 4.68 10.89 8.09
CA VAL A 1026 3.58 11.81 8.36
C VAL A 1026 2.36 11.43 7.53
N LEU A 1027 2.56 11.14 6.24
CA LEU A 1027 1.44 10.79 5.39
C LEU A 1027 0.81 9.46 5.81
N ALA A 1028 1.64 8.49 6.19
CA ALA A 1028 1.11 7.21 6.65
C ALA A 1028 0.30 7.37 7.93
N PHE A 1029 0.78 8.23 8.84
CA PHE A 1029 0.05 8.47 10.08
C PHE A 1029 -1.27 9.18 9.81
N CYS A 1030 -1.26 10.14 8.88
CA CYS A 1030 -2.51 10.80 8.50
C CYS A 1030 -3.49 9.79 7.91
N THR A 1031 -3.01 8.90 7.05
CA THR A 1031 -3.88 7.88 6.48
C THR A 1031 -4.43 6.94 7.56
N SER A 1032 -3.59 6.58 8.53
CA SER A 1032 -4.06 5.70 9.60
C SER A 1032 -5.12 6.40 10.45
N LEU A 1033 -4.92 7.68 10.74
CA LEU A 1033 -5.94 8.43 11.48
C LEU A 1033 -7.24 8.51 10.69
N LEU A 1034 -7.14 8.74 9.37
CA LEU A 1034 -8.33 8.79 8.54
C LEU A 1034 -9.09 7.46 8.57
N ARG A 1035 -8.36 6.36 8.45
CA ARG A 1035 -9.01 5.05 8.48
C ARG A 1035 -9.62 4.77 9.84
N ALA A 1036 -8.93 5.16 10.92
CA ALA A 1036 -9.49 4.96 12.25
C ALA A 1036 -10.77 5.78 12.43
N ALA A 1037 -10.79 7.00 11.92
CA ALA A 1037 -12.00 7.82 11.99
C ALA A 1037 -13.13 7.20 11.17
N ASP A 1038 -12.81 6.69 9.97
CA ASP A 1038 -13.82 6.00 9.18
C ASP A 1038 -14.39 4.81 9.94
N PHE A 1039 -13.53 4.05 10.62
CA PHE A 1039 -13.99 2.93 11.42
C PHE A 1039 -14.53 3.41 12.76
N LEU A 1040 -15.28 2.53 13.42
CA LEU A 1040 -15.93 2.78 14.71
C LEU A 1040 -17.15 3.68 14.59
N GLY A 1041 -17.50 4.13 13.39
CA GLY A 1041 -18.68 4.96 13.20
C GLY A 1041 -18.55 6.34 13.80
N GLN A 1042 -17.66 7.16 13.24
CA GLN A 1042 -17.46 8.54 13.67
C GLN A 1042 -18.17 9.46 12.68
N THR A 1043 -19.19 10.17 13.17
CA THR A 1043 -19.98 11.05 12.32
C THR A 1043 -19.38 12.45 12.21
N HIS A 1044 -18.70 12.92 13.25
CA HIS A 1044 -18.10 14.26 13.27
C HIS A 1044 -16.60 14.10 13.43
N ILE A 1045 -15.85 14.44 12.38
CA ILE A 1045 -14.40 14.32 12.38
C ILE A 1045 -13.80 15.72 12.37
N PRO A 1046 -13.45 16.30 13.52
CA PRO A 1046 -12.85 17.66 13.50
C PRO A 1046 -11.48 17.70 12.85
N LEU A 1047 -10.82 16.56 12.67
CA LEU A 1047 -9.51 16.54 12.03
C LEU A 1047 -9.61 16.74 10.52
N GLN A 1048 -10.79 16.55 9.93
CA GLN A 1048 -10.93 16.73 8.49
C GLN A 1048 -10.74 18.19 8.08
N THR A 1049 -11.16 19.13 8.92
CA THR A 1049 -10.99 20.54 8.60
C THR A 1049 -9.51 20.89 8.44
N HIS A 1050 -8.65 20.29 9.25
CA HIS A 1050 -7.22 20.52 9.13
C HIS A 1050 -6.60 19.67 8.03
N LEU A 1051 -7.11 18.46 7.81
CA LEU A 1051 -6.59 17.63 6.74
C LEU A 1051 -6.86 18.23 5.37
N PHE A 1052 -7.95 18.99 5.23
CA PHE A 1052 -8.19 19.69 3.97
C PHE A 1052 -7.10 20.71 3.69
N GLN A 1053 -6.77 21.54 4.68
CA GLN A 1053 -5.72 22.53 4.50
C GLN A 1053 -4.34 21.89 4.44
N SER A 1054 -4.19 20.66 4.93
CA SER A 1054 -2.94 19.93 4.76
C SER A 1054 -2.81 19.39 3.34
N ALA A 1055 -3.91 18.89 2.78
CA ALA A 1055 -3.91 18.50 1.38
C ALA A 1055 -3.69 19.71 0.47
N CYS A 1056 -4.15 20.88 0.91
CA CYS A 1056 -3.87 22.10 0.15
C CYS A 1056 -2.37 22.28 -0.08
N LEU A 1057 -1.54 21.86 0.87
CA LEU A 1057 -0.09 21.93 0.72
C LEU A 1057 0.48 20.69 0.06
N LEU A 1058 -0.08 19.52 0.36
CA LEU A 1058 0.36 18.29 -0.28
C LEU A 1058 0.09 18.27 -1.77
N ALA A 1059 -0.78 19.17 -2.26
CA ALA A 1059 -0.99 19.28 -3.70
C ALA A 1059 0.25 19.82 -4.40
N ARG A 1060 1.03 20.66 -3.71
CA ARG A 1060 2.25 21.21 -4.27
C ARG A 1060 3.51 20.51 -3.78
N LEU A 1061 3.45 19.87 -2.61
CA LEU A 1061 4.64 19.24 -2.04
C LEU A 1061 5.35 18.28 -3.00
N PRO A 1062 4.65 17.40 -3.74
CA PRO A 1062 5.37 16.50 -4.66
C PRO A 1062 6.25 17.22 -5.67
N ALA A 1063 5.99 18.49 -5.95
CA ALA A 1063 6.82 19.22 -6.91
C ALA A 1063 8.28 19.27 -6.47
N ALA A 1064 8.53 19.19 -5.16
CA ALA A 1064 9.90 19.22 -4.66
C ALA A 1064 10.56 17.85 -4.76
N ASN A 1065 9.79 16.77 -4.67
CA ASN A 1065 10.34 15.42 -4.74
C ASN A 1065 9.28 14.49 -5.31
N ALA A 1066 9.67 13.69 -6.31
CA ALA A 1066 8.73 12.77 -6.93
C ALA A 1066 8.36 11.60 -6.02
N VAL A 1067 9.20 11.29 -5.03
CA VAL A 1067 8.90 10.18 -4.13
C VAL A 1067 7.60 10.43 -3.37
N TYR A 1068 7.22 11.69 -3.19
CA TYR A 1068 6.00 12.04 -2.47
C TYR A 1068 4.75 11.85 -3.31
N ARG A 1069 4.86 11.26 -4.50
CA ARG A 1069 3.68 11.11 -5.36
C ARG A 1069 2.73 10.05 -4.80
N ALA A 1070 3.22 8.81 -4.64
CA ALA A 1070 2.32 7.75 -4.20
C ALA A 1070 1.81 7.96 -2.78
N PRO A 1071 2.65 8.33 -1.80
CA PRO A 1071 2.11 8.53 -0.44
C PRO A 1071 1.07 9.64 -0.35
N VAL A 1072 1.32 10.76 -1.02
CA VAL A 1072 0.36 11.86 -1.00
C VAL A 1072 -0.95 11.43 -1.65
N LEU A 1073 -0.87 10.69 -2.75
CA LEU A 1073 -2.08 10.20 -3.40
C LEU A 1073 -2.84 9.22 -2.51
N GLU A 1074 -2.11 8.38 -1.77
CA GLU A 1074 -2.77 7.48 -0.83
C GLU A 1074 -3.46 8.25 0.28
N LEU A 1075 -2.81 9.30 0.79
CA LEU A 1075 -3.46 10.13 1.81
C LEU A 1075 -4.71 10.80 1.27
N LEU A 1076 -4.65 11.31 0.04
CA LEU A 1076 -5.82 11.93 -0.56
C LEU A 1076 -6.94 10.91 -0.76
N ARG A 1077 -6.58 9.68 -1.15
CA ARG A 1077 -7.58 8.63 -1.29
C ARG A 1077 -8.24 8.33 0.04
N ALA A 1078 -7.44 8.23 1.11
CA ALA A 1078 -8.01 7.97 2.43
C ALA A 1078 -8.93 9.11 2.86
N LEU A 1079 -8.52 10.35 2.59
CA LEU A 1079 -9.35 11.49 2.95
C LEU A 1079 -10.67 11.48 2.18
N VAL A 1080 -10.62 11.14 0.88
CA VAL A 1080 -11.83 11.05 0.08
C VAL A 1080 -12.74 9.95 0.62
N GLU A 1081 -12.15 8.81 1.00
CA GLU A 1081 -12.96 7.73 1.55
C GLU A 1081 -13.62 8.15 2.86
N VAL A 1082 -12.88 8.87 3.71
CA VAL A 1082 -13.47 9.34 4.96
C VAL A 1082 -14.59 10.34 4.69
N ALA A 1083 -14.41 11.20 3.69
CA ALA A 1083 -15.44 12.19 3.35
C ALA A 1083 -16.66 11.54 2.72
N GLY A 1084 -16.49 10.38 2.08
CA GLY A 1084 -17.61 9.70 1.46
C GLY A 1084 -18.60 9.16 2.48
N ARG A 1085 -18.11 8.32 3.41
CA ARG A 1085 -18.95 7.75 4.45
C ARG A 1085 -18.99 8.69 5.65
N ALA A 1086 -19.64 9.83 5.44
CA ALA A 1086 -19.77 10.84 6.48
C ALA A 1086 -20.85 11.85 6.12
N GLU A 1092 -23.29 17.80 0.51
CA GLU A 1092 -21.98 17.48 -0.06
C GLU A 1092 -20.87 17.81 0.94
N PRO A 1093 -19.73 17.13 0.82
CA PRO A 1093 -18.60 17.40 1.73
C PRO A 1093 -17.95 18.73 1.41
N PRO A 1094 -16.99 19.16 2.22
CA PRO A 1094 -16.31 20.43 1.94
C PRO A 1094 -15.67 20.42 0.56
N SER A 1095 -15.99 21.43 -0.24
CA SER A 1095 -15.46 21.53 -1.59
C SER A 1095 -13.94 21.59 -1.55
N LEU A 1096 -13.30 20.57 -2.12
CA LEU A 1096 -11.84 20.52 -2.15
C LEU A 1096 -11.25 21.55 -3.11
N LEU A 1097 -12.01 21.97 -4.13
CA LEU A 1097 -11.50 22.98 -5.04
C LEU A 1097 -11.33 24.32 -4.37
N GLY A 1098 -12.12 24.61 -3.33
CA GLY A 1098 -11.96 25.84 -2.59
C GLY A 1098 -10.66 25.90 -1.81
N TYR A 1099 -10.17 24.74 -1.36
CA TYR A 1099 -8.92 24.67 -0.64
C TYR A 1099 -7.72 24.54 -1.57
N LEU A 1100 -7.87 23.81 -2.67
CA LEU A 1100 -6.76 23.65 -3.61
C LEU A 1100 -6.58 24.91 -4.46
N GLY A 1101 -7.61 25.29 -5.19
CA GLY A 1101 -7.56 26.44 -6.07
C GLY A 1101 -7.61 26.02 -7.53
N SER A 1102 -8.18 26.90 -8.36
CA SER A 1102 -8.33 26.59 -9.78
C SER A 1102 -6.98 26.29 -10.42
N HIS A 1103 -6.05 27.25 -10.36
CA HIS A 1103 -4.74 27.05 -10.99
C HIS A 1103 -3.99 25.89 -10.35
N ALA A 1104 -3.97 25.84 -9.02
CA ALA A 1104 -3.27 24.77 -8.33
C ALA A 1104 -3.89 23.41 -8.63
N ALA A 1105 -5.22 23.34 -8.66
CA ALA A 1105 -5.88 22.08 -8.97
C ALA A 1105 -5.58 21.62 -10.39
N ARG A 1106 -5.63 22.55 -11.35
CA ARG A 1106 -5.31 22.19 -12.73
C ARG A 1106 -3.87 21.73 -12.86
N SER A 1107 -2.95 22.38 -12.15
CA SER A 1107 -1.54 21.96 -12.20
C SER A 1107 -1.38 20.57 -11.61
N PHE A 1108 -2.03 20.31 -10.47
CA PHE A 1108 -1.94 18.99 -9.85
C PHE A 1108 -2.51 17.92 -10.78
N ILE A 1109 -3.63 18.22 -11.45
CA ILE A 1109 -4.22 17.26 -12.36
C ILE A 1109 -3.30 17.00 -13.55
N SER A 1110 -2.72 18.06 -14.12
CA SER A 1110 -1.81 17.89 -15.24
C SER A 1110 -0.54 17.15 -14.83
N LEU A 1111 -0.16 17.24 -13.55
CA LEU A 1111 1.02 16.52 -13.09
C LEU A 1111 0.72 15.05 -12.83
N VAL A 1112 -0.46 14.75 -12.27
CA VAL A 1112 -0.79 13.37 -11.91
C VAL A 1112 -1.47 12.59 -13.03
N GLU A 1113 -1.84 13.24 -14.13
CA GLU A 1113 -2.45 12.51 -15.24
C GLU A 1113 -1.53 11.41 -15.76
N GLY A 1114 -0.22 11.63 -15.71
CA GLY A 1114 0.73 10.62 -16.14
C GLY A 1114 0.92 9.54 -15.09
N ILE A 1115 0.55 8.31 -15.42
CA ILE A 1115 0.64 7.20 -14.46
C ILE A 1115 2.04 6.61 -14.63
N ASP A 1116 3.00 7.21 -13.94
CA ASP A 1116 4.40 6.78 -13.97
C ASP A 1116 4.84 6.55 -15.41
N LYS A 1117 4.70 7.58 -16.23
CA LYS A 1117 5.02 7.47 -17.64
C LYS A 1117 6.50 7.20 -17.89
N PRO A 1118 7.44 7.95 -17.32
CA PRO A 1118 8.86 7.74 -17.69
C PRO A 1118 9.41 6.38 -17.27
N PHE A 1119 8.80 5.72 -16.27
CA PHE A 1119 9.26 4.41 -15.83
C PHE A 1119 8.22 3.33 -16.05
N GLY A 1120 6.98 3.54 -15.61
CA GLY A 1120 5.93 2.55 -15.79
C GLY A 1120 5.99 1.43 -14.78
N ARG A 1121 5.97 1.78 -13.50
CA ARG A 1121 5.97 0.78 -12.43
C ARG A 1121 4.54 0.33 -12.12
N VAL A 1122 4.45 -0.77 -11.38
CA VAL A 1122 3.15 -1.36 -11.08
C VAL A 1122 2.59 -0.85 -9.76
N GLU A 1123 3.44 -0.68 -8.75
CA GLU A 1123 2.97 -0.22 -7.44
C GLU A 1123 2.37 1.19 -7.54
N HIS A 1124 3.17 2.13 -8.03
CA HIS A 1124 2.68 3.51 -8.18
C HIS A 1124 1.51 3.57 -9.14
N ALA A 1125 1.49 2.73 -10.18
CA ALA A 1125 0.38 2.72 -11.11
C ALA A 1125 -0.91 2.32 -10.41
N VAL A 1126 -0.88 1.23 -9.63
CA VAL A 1126 -2.06 0.79 -8.91
C VAL A 1126 -2.48 1.85 -7.90
N VAL A 1127 -1.50 2.50 -7.25
CA VAL A 1127 -1.83 3.54 -6.28
C VAL A 1127 -2.58 4.68 -6.98
N THR A 1128 -2.07 5.13 -8.12
CA THR A 1128 -2.71 6.22 -8.85
C THR A 1128 -4.11 5.81 -9.32
N TRP A 1129 -4.26 4.58 -9.80
CA TRP A 1129 -5.57 4.14 -10.27
C TRP A 1129 -6.57 4.08 -9.12
N ARG A 1130 -6.15 3.57 -7.95
CA ARG A 1130 -7.04 3.54 -6.79
C ARG A 1130 -7.40 4.95 -6.34
N PHE A 1131 -6.42 5.87 -6.37
CA PHE A 1131 -6.71 7.25 -6.01
C PHE A 1131 -7.75 7.86 -6.95
N PHE A 1132 -7.57 7.65 -8.26
CA PHE A 1132 -8.54 8.17 -9.22
C PHE A 1132 -9.92 7.57 -8.98
N ALA A 1133 -9.98 6.26 -8.75
CA ALA A 1133 -11.26 5.61 -8.52
C ALA A 1133 -11.95 6.17 -7.29
N ALA A 1134 -11.19 6.37 -6.20
CA ALA A 1134 -11.79 6.92 -4.98
C ALA A 1134 -12.24 8.36 -5.18
N VAL A 1135 -11.46 9.16 -5.91
CA VAL A 1135 -11.86 10.53 -6.15
C VAL A 1135 -13.11 10.60 -7.03
N ILE A 1136 -13.26 9.66 -7.95
CA ILE A 1136 -14.43 9.68 -8.83
C ILE A 1136 -15.66 9.14 -8.13
N ARG A 1137 -15.51 8.13 -7.27
CA ARG A 1137 -16.66 7.56 -6.59
C ARG A 1137 -17.31 8.54 -5.61
N ASN A 1138 -16.51 9.43 -5.02
CA ASN A 1138 -17.04 10.37 -4.04
C ASN A 1138 -17.84 11.46 -4.76
N ARG A 1139 -18.44 12.35 -3.97
CA ARG A 1139 -19.26 13.43 -4.51
C ARG A 1139 -18.44 14.49 -5.25
N GLN A 1140 -17.13 14.33 -5.34
CA GLN A 1140 -16.30 15.28 -6.07
C GLN A 1140 -16.73 15.34 -7.54
N GLN A 1141 -17.17 16.52 -7.97
CA GLN A 1141 -17.64 16.73 -9.34
C GLN A 1141 -16.68 17.57 -10.17
N TRP A 1142 -16.22 18.69 -9.63
CA TRP A 1142 -15.33 19.56 -10.40
C TRP A 1142 -14.00 18.85 -10.70
N MET A 1143 -13.39 18.25 -9.69
CA MET A 1143 -12.13 17.56 -9.90
C MET A 1143 -12.32 16.36 -10.82
N ALA A 1144 -13.41 15.61 -10.65
CA ALA A 1144 -13.67 14.48 -11.53
C ALA A 1144 -13.81 14.92 -12.98
N GLY A 1145 -14.53 16.02 -13.21
CA GLY A 1145 -14.67 16.52 -14.57
C GLY A 1145 -13.34 17.00 -15.15
N CYS A 1146 -12.57 17.73 -14.36
CA CYS A 1146 -11.28 18.21 -14.84
C CYS A 1146 -10.32 17.06 -15.10
N LEU A 1147 -10.49 15.94 -14.40
CA LEU A 1147 -9.60 14.80 -14.61
C LEU A 1147 -10.04 13.93 -15.77
N LEU A 1148 -11.35 13.83 -16.01
CA LEU A 1148 -11.83 13.01 -17.12
C LEU A 1148 -11.77 13.76 -18.44
N THR A 1149 -12.42 14.92 -18.52
CA THR A 1149 -12.42 15.69 -19.77
C THR A 1149 -11.04 16.20 -20.11
N GLY A 1150 -10.22 16.51 -19.10
CA GLY A 1150 -8.88 16.99 -19.31
C GLY A 1150 -8.70 18.49 -19.18
N ARG A 1151 -9.78 19.23 -18.99
CA ARG A 1151 -9.70 20.68 -18.85
C ARG A 1151 -10.69 21.18 -17.80
N VAL A 1169 -15.06 14.04 -23.66
CA VAL A 1169 -14.23 13.79 -24.82
C VAL A 1169 -12.88 13.24 -24.39
N GLY A 1170 -11.98 14.14 -23.99
CA GLY A 1170 -10.66 13.74 -23.52
C GLY A 1170 -9.65 13.61 -24.63
N GLU A 1171 -8.52 14.28 -24.50
CA GLU A 1171 -7.43 14.21 -25.46
C GLU A 1171 -6.11 13.85 -24.81
N GLY A 1172 -5.86 14.30 -23.57
CA GLY A 1172 -4.65 13.95 -22.86
C GLY A 1172 -4.95 13.63 -21.40
N SER A 1173 -6.21 13.36 -21.10
CA SER A 1173 -6.64 13.08 -19.74
C SER A 1173 -6.25 11.65 -19.34
N VAL A 1174 -6.71 11.23 -18.16
CA VAL A 1174 -6.35 9.92 -17.64
C VAL A 1174 -6.88 8.82 -18.56
N LEU A 1175 -8.07 9.02 -19.12
CA LEU A 1175 -8.65 7.99 -19.98
C LEU A 1175 -7.82 7.79 -21.25
N ALA A 1176 -7.12 8.84 -21.70
CA ALA A 1176 -6.29 8.69 -22.89
C ALA A 1176 -5.24 7.61 -22.70
N ALA A 1177 -4.66 7.52 -21.50
CA ALA A 1177 -3.69 6.47 -21.20
C ALA A 1177 -4.36 5.20 -20.71
N ALA A 1178 -5.52 5.31 -20.07
CA ALA A 1178 -6.26 4.11 -19.67
C ALA A 1178 -6.60 3.25 -20.88
N MET A 1179 -7.04 3.88 -21.97
CA MET A 1179 -7.34 3.13 -23.18
C MET A 1179 -6.09 2.52 -23.79
N GLU A 1180 -4.98 3.28 -23.81
CA GLU A 1180 -3.73 2.74 -24.34
C GLU A 1180 -3.26 1.54 -23.54
N ARG A 1181 -3.52 1.52 -22.23
CA ARG A 1181 -3.16 0.35 -21.43
C ARG A 1181 -4.16 -0.79 -21.60
N LEU A 1182 -5.44 -0.47 -21.79
CA LEU A 1182 -6.44 -1.53 -21.98
C LEU A 1182 -6.25 -2.24 -23.32
N ARG A 1183 -5.77 -1.54 -24.33
CA ARG A 1183 -5.56 -2.15 -25.64
C ARG A 1183 -4.31 -3.03 -25.70
N GLU A 1184 -3.65 -3.26 -24.55
CA GLU A 1184 -2.47 -4.13 -24.52
C GLU A 1184 -2.50 -5.03 -23.29
N VAL A 1185 -3.70 -5.38 -22.80
CA VAL A 1185 -3.80 -6.23 -21.63
C VAL A 1185 -3.25 -7.63 -21.88
N LYS A 1186 -3.15 -8.04 -23.15
CA LYS A 1186 -2.63 -9.37 -23.45
C LYS A 1186 -1.19 -9.54 -22.96
N SER A 1187 -0.44 -8.44 -22.90
CA SER A 1187 0.94 -8.47 -22.42
C SER A 1187 1.16 -7.66 -21.16
N LEU A 1188 0.24 -6.78 -20.79
CA LEU A 1188 0.41 -5.98 -19.58
C LEU A 1188 0.28 -6.84 -18.33
N ASP A 1189 0.94 -6.40 -17.26
CA ASP A 1189 0.87 -7.12 -15.99
C ASP A 1189 -0.56 -7.19 -15.51
N VAL A 1190 -0.99 -8.40 -15.12
CA VAL A 1190 -2.36 -8.59 -14.65
C VAL A 1190 -2.61 -7.79 -13.38
N GLN A 1191 -1.56 -7.53 -12.59
CA GLN A 1191 -1.73 -6.78 -11.35
C GLN A 1191 -2.24 -5.37 -11.63
N GLU A 1192 -1.64 -4.70 -12.60
CA GLU A 1192 -2.08 -3.34 -12.94
C GLU A 1192 -3.39 -3.35 -13.70
N ALA A 1193 -3.68 -4.44 -14.43
CA ALA A 1193 -4.92 -4.52 -15.18
C ALA A 1193 -6.13 -4.45 -14.24
N VAL A 1194 -6.04 -5.06 -13.07
CA VAL A 1194 -7.14 -5.02 -12.11
C VAL A 1194 -7.43 -3.59 -11.70
N ALA A 1195 -6.36 -2.82 -11.39
CA ALA A 1195 -6.55 -1.44 -10.97
C ALA A 1195 -7.09 -0.58 -12.12
N VAL A 1196 -6.60 -0.83 -13.34
CA VAL A 1196 -7.10 -0.08 -14.50
C VAL A 1196 -8.58 -0.34 -14.70
N MET A 1197 -9.00 -1.60 -14.60
CA MET A 1197 -10.41 -1.93 -14.77
C MET A 1197 -11.25 -1.36 -13.63
N ASP A 1198 -10.71 -1.34 -12.41
CA ASP A 1198 -11.43 -0.72 -11.30
C ASP A 1198 -11.64 0.77 -11.55
N PHE A 1199 -10.59 1.45 -12.03
CA PHE A 1199 -10.74 2.87 -12.38
C PHE A 1199 -11.78 3.05 -13.48
N VAL A 1200 -11.76 2.17 -14.48
CA VAL A 1200 -12.73 2.27 -15.57
C VAL A 1200 -14.15 2.13 -15.04
N VAL A 1201 -14.38 1.15 -14.15
CA VAL A 1201 -15.71 0.93 -13.61
C VAL A 1201 -16.14 2.11 -12.74
N SER A 1202 -15.21 2.66 -11.96
CA SER A 1202 -15.54 3.79 -11.12
C SER A 1202 -15.86 5.04 -11.95
N ALA A 1203 -15.21 5.19 -13.10
CA ALA A 1203 -15.52 6.32 -13.98
C ALA A 1203 -16.80 6.07 -14.78
N GLN A 1204 -17.16 4.82 -15.01
CA GLN A 1204 -18.35 4.52 -15.79
C GLN A 1204 -19.62 4.62 -14.93
N ASN A 1205 -19.61 3.99 -13.75
CA ASN A 1205 -20.83 3.96 -12.94
C ASN A 1205 -21.25 5.35 -12.49
N TYR A 1206 -20.29 6.24 -12.26
CA TYR A 1206 -20.59 7.61 -11.83
C TYR A 1206 -20.59 8.62 -12.96
N TRP A 1207 -19.78 8.42 -13.99
CA TRP A 1207 -19.72 9.30 -15.15
C TRP A 1207 -19.84 8.46 -16.42
N PRO A 1208 -21.01 7.85 -16.64
CA PRO A 1208 -21.15 6.99 -17.83
C PRO A 1208 -21.23 7.77 -19.13
N TRP A 1209 -21.95 8.89 -19.15
CA TRP A 1209 -22.18 9.62 -20.40
C TRP A 1209 -20.89 9.98 -21.12
N THR A 1210 -19.76 10.06 -20.40
CA THR A 1210 -18.47 10.37 -20.99
C THR A 1210 -17.66 9.13 -21.32
N ILE A 1211 -17.51 8.22 -20.35
CA ILE A 1211 -16.68 7.04 -20.56
C ILE A 1211 -17.27 6.15 -21.64
N PHE A 1212 -18.58 5.86 -21.54
CA PHE A 1212 -19.21 5.00 -22.54
C PHE A 1212 -19.20 5.67 -23.92
N ALA A 1213 -19.37 6.99 -23.96
CA ALA A 1213 -19.33 7.69 -25.23
C ALA A 1213 -17.94 7.56 -25.87
N VAL A 1214 -16.89 7.82 -25.10
CA VAL A 1214 -15.53 7.72 -25.63
C VAL A 1214 -15.22 6.29 -26.04
N ARG A 1215 -15.78 5.31 -25.32
CA ARG A 1215 -15.51 3.91 -25.67
C ARG A 1215 -16.23 3.51 -26.95
N LYS A 1216 -17.46 3.97 -27.12
CA LYS A 1216 -18.18 3.68 -28.36
C LYS A 1216 -17.52 4.37 -29.55
N GLU A 1217 -17.03 5.60 -29.35
CA GLU A 1217 -16.30 6.28 -30.41
C GLU A 1217 -15.00 5.57 -30.75
N LYS A 1218 -14.47 4.74 -29.85
CA LYS A 1218 -13.24 4.00 -30.07
C LYS A 1218 -13.42 2.52 -29.73
N GLU A 1219 -14.63 1.99 -29.92
CA GLU A 1219 -14.90 0.59 -29.57
C GLU A 1219 -14.14 -0.39 -30.44
N VAL A 1220 -13.71 0.04 -31.63
CA VAL A 1220 -12.99 -0.85 -32.54
C VAL A 1220 -11.70 -1.36 -31.91
N VAL A 1221 -11.18 -0.66 -30.92
CA VAL A 1221 -9.93 -1.06 -30.26
C VAL A 1221 -10.17 -1.80 -28.94
N ASP A 1222 -11.35 -1.65 -28.34
CA ASP A 1222 -11.64 -2.26 -27.05
C ASP A 1222 -12.43 -3.56 -27.18
N ALA A 1223 -13.43 -3.60 -28.07
CA ALA A 1223 -14.24 -4.81 -28.22
C ALA A 1223 -13.41 -5.98 -28.74
N LEU A 1224 -12.52 -5.70 -29.69
CA LEU A 1224 -11.66 -6.77 -30.22
C LEU A 1224 -10.76 -7.33 -29.13
N ARG A 1225 -10.16 -6.47 -28.32
CA ARG A 1225 -9.30 -6.94 -27.24
C ARG A 1225 -10.10 -7.71 -26.19
N GLY A 1226 -11.31 -7.25 -25.89
CA GLY A 1226 -12.15 -7.99 -24.97
C GLY A 1226 -12.50 -9.38 -25.48
N TYR A 1227 -12.85 -9.47 -26.76
CA TYR A 1227 -13.14 -10.78 -27.35
C TYR A 1227 -11.90 -11.67 -27.33
N VAL A 1228 -10.73 -11.11 -27.62
CA VAL A 1228 -9.50 -11.88 -27.58
C VAL A 1228 -9.26 -12.41 -26.17
N ARG A 1229 -9.41 -11.56 -25.17
CA ARG A 1229 -9.23 -12.00 -23.78
C ARG A 1229 -10.23 -13.09 -23.42
N GLY A 1230 -11.48 -12.95 -23.87
CA GLY A 1230 -12.49 -13.93 -23.50
C GLY A 1230 -12.27 -15.28 -24.15
N LEU A 1231 -11.91 -15.28 -25.43
CA LEU A 1231 -11.76 -16.54 -26.15
C LEU A 1231 -10.58 -17.36 -25.61
N LYS A 1232 -9.46 -16.70 -25.30
CA LYS A 1232 -8.25 -17.38 -24.85
C LYS A 1232 -8.09 -17.30 -23.33
N ALA A 1233 -9.20 -17.39 -22.59
CA ALA A 1233 -9.19 -17.41 -21.13
C ALA A 1233 -9.61 -18.79 -20.65
N PRO A 1234 -8.69 -19.70 -20.40
CA PRO A 1234 -9.07 -21.03 -19.90
C PRO A 1234 -9.81 -20.94 -18.58
N GLY A 1235 -10.57 -21.98 -18.28
CA GLY A 1235 -11.34 -22.04 -17.05
C GLY A 1235 -10.49 -22.44 -15.85
N MET A 1236 -9.91 -23.63 -15.90
CA MET A 1236 -9.08 -24.14 -14.80
C MET A 1236 -7.63 -23.77 -15.08
N VAL A 1237 -7.20 -22.63 -14.54
CA VAL A 1237 -5.83 -22.14 -14.75
C VAL A 1237 -4.88 -22.65 -13.68
N MET A 1238 -5.38 -23.20 -12.57
CA MET A 1238 -4.50 -23.67 -11.50
C MET A 1238 -3.65 -24.85 -11.97
N LYS A 1239 -4.24 -25.76 -12.76
CA LYS A 1239 -3.50 -26.94 -13.18
C LYS A 1239 -2.33 -26.57 -14.09
N THR A 1240 -2.52 -25.60 -14.97
CA THR A 1240 -1.46 -25.19 -15.90
C THR A 1240 -0.45 -24.32 -15.15
N ASP A 1241 0.51 -23.77 -15.89
CA ASP A 1241 1.56 -22.94 -15.30
C ASP A 1241 0.93 -21.66 -14.76
N GLY A 1242 0.97 -21.49 -13.44
CA GLY A 1242 0.42 -20.31 -12.80
C GLY A 1242 -0.57 -20.64 -11.70
N ALA A 1243 -0.31 -20.13 -10.50
CA ALA A 1243 -1.17 -20.35 -9.35
C ALA A 1243 -1.77 -19.08 -8.79
N ALA A 1244 -0.96 -18.02 -8.63
CA ALA A 1244 -1.47 -16.75 -8.11
C ALA A 1244 -2.14 -15.91 -9.18
N ALA A 1245 -1.81 -16.11 -10.45
CA ALA A 1245 -2.41 -15.35 -11.53
C ALA A 1245 -3.87 -15.73 -11.78
N ALA A 1246 -4.33 -16.86 -11.23
CA ALA A 1246 -5.72 -17.27 -11.44
C ALA A 1246 -6.69 -16.24 -10.84
N ALA A 1247 -6.41 -15.78 -9.63
CA ALA A 1247 -7.29 -14.80 -8.99
C ALA A 1247 -7.28 -13.48 -9.77
N PHE A 1248 -6.10 -13.05 -10.24
CA PHE A 1248 -6.02 -11.83 -11.02
C PHE A 1248 -6.81 -11.95 -12.31
N GLN A 1249 -6.68 -13.08 -13.01
CA GLN A 1249 -7.42 -13.28 -14.24
C GLN A 1249 -8.93 -13.31 -13.98
N ALA A 1250 -9.34 -13.95 -12.88
CA ALA A 1250 -10.76 -13.99 -12.55
C ALA A 1250 -11.29 -12.59 -12.25
N ARG A 1251 -10.52 -11.78 -11.53
CA ARG A 1251 -10.94 -10.42 -11.23
C ARG A 1251 -11.03 -9.59 -12.50
N ILE A 1252 -10.05 -9.74 -13.40
CA ILE A 1252 -10.09 -9.01 -14.66
C ILE A 1252 -11.31 -9.42 -15.48
N ALA A 1253 -11.61 -10.72 -15.52
CA ALA A 1253 -12.78 -11.17 -16.27
C ALA A 1253 -14.07 -10.65 -15.64
N ALA A 1254 -14.13 -10.61 -14.31
CA ALA A 1254 -15.31 -10.08 -13.65
C ALA A 1254 -15.51 -8.61 -13.98
N TYR A 1255 -14.44 -7.82 -13.93
CA TYR A 1255 -14.54 -6.42 -14.28
C TYR A 1255 -14.95 -6.23 -15.74
N VAL A 1256 -14.39 -7.05 -16.64
CA VAL A 1256 -14.75 -6.95 -18.05
C VAL A 1256 -16.23 -7.28 -18.25
N ALA A 1257 -16.72 -8.32 -17.55
CA ALA A 1257 -18.12 -8.67 -17.66
C ALA A 1257 -19.02 -7.55 -17.12
N GLU A 1258 -18.62 -6.95 -16.00
CA GLU A 1258 -19.42 -5.84 -15.46
C GLU A 1258 -19.46 -4.66 -16.43
N THR A 1259 -18.31 -4.33 -17.03
CA THR A 1259 -18.28 -3.22 -17.98
C THR A 1259 -19.13 -3.53 -19.21
N PHE A 1260 -19.04 -4.76 -19.72
CA PHE A 1260 -19.87 -5.14 -20.86
C PHE A 1260 -21.36 -5.07 -20.50
N ALA A 1261 -21.71 -5.48 -19.28
CA ALA A 1261 -23.10 -5.42 -18.86
C ALA A 1261 -23.59 -3.98 -18.78
N MET A 1262 -22.77 -3.09 -18.22
CA MET A 1262 -23.16 -1.68 -18.14
C MET A 1262 -23.28 -1.08 -19.54
N GLN A 1263 -22.36 -1.41 -20.44
CA GLN A 1263 -22.43 -0.90 -21.80
C GLN A 1263 -23.68 -1.38 -22.51
N LEU A 1264 -24.02 -2.66 -22.34
CA LEU A 1264 -25.22 -3.20 -22.97
C LEU A 1264 -26.48 -2.57 -22.37
N TYR A 1265 -26.46 -2.29 -21.06
CA TYR A 1265 -27.60 -1.61 -20.45
C TYR A 1265 -27.78 -0.21 -21.03
N HIS A 1266 -26.69 0.53 -21.15
CA HIS A 1266 -26.77 1.87 -21.75
C HIS A 1266 -27.26 1.79 -23.19
N MET A 1267 -26.77 0.81 -23.95
CA MET A 1267 -27.20 0.68 -25.34
C MET A 1267 -28.68 0.34 -25.43
N ARG A 1268 -29.16 -0.55 -24.57
CA ARG A 1268 -30.58 -0.87 -24.54
C ARG A 1268 -31.40 0.36 -24.18
N GLN A 1269 -30.92 1.16 -23.22
CA GLN A 1269 -31.58 2.43 -22.93
C GLN A 1269 -31.58 3.32 -24.17
N MET A 1270 -30.55 3.21 -25.01
CA MET A 1270 -30.49 3.94 -26.27
C MET A 1270 -31.01 3.12 -27.45
N ARG A 1271 -31.43 1.88 -27.22
CA ARG A 1271 -32.01 1.03 -28.26
C ARG A 1271 -30.98 0.68 -29.33
N GLN A 1272 -29.76 0.40 -28.92
CA GLN A 1272 -28.69 0.00 -29.83
C GLN A 1272 -27.88 -1.14 -29.24
N ALA A 1273 -28.56 -2.12 -28.64
CA ALA A 1273 -27.92 -3.23 -27.95
C ALA A 1273 -28.18 -4.57 -28.63
N GLU A 1274 -28.62 -4.56 -29.89
CA GLU A 1274 -28.93 -5.80 -30.59
C GLU A 1274 -27.66 -6.44 -31.16
N LYS A 1275 -26.98 -5.73 -32.06
CA LYS A 1275 -25.81 -6.30 -32.72
C LYS A 1275 -24.67 -6.52 -31.73
N PHE A 1276 -24.46 -5.58 -30.81
CA PHE A 1276 -23.39 -5.73 -29.83
C PHE A 1276 -23.63 -6.95 -28.95
N ALA A 1277 -24.87 -7.13 -28.49
CA ALA A 1277 -25.19 -8.30 -27.67
C ALA A 1277 -25.05 -9.59 -28.47
N GLY A 1278 -25.50 -9.58 -29.73
CA GLY A 1278 -25.36 -10.77 -30.56
C GLY A 1278 -23.91 -11.14 -30.81
N GLU A 1279 -23.03 -10.14 -30.90
CA GLU A 1279 -21.61 -10.42 -31.08
C GLU A 1279 -20.93 -10.83 -29.77
N LEU A 1280 -21.43 -10.33 -28.64
CA LEU A 1280 -20.81 -10.64 -27.36
C LEU A 1280 -21.22 -12.01 -26.83
N VAL A 1281 -22.46 -12.44 -27.11
CA VAL A 1281 -22.93 -13.73 -26.60
C VAL A 1281 -22.02 -14.87 -27.06
N ALA A 1282 -21.30 -14.69 -28.18
CA ALA A 1282 -20.38 -15.71 -28.67
C ALA A 1282 -19.05 -15.71 -27.94
N ASP A 1283 -18.89 -14.87 -26.91
CA ASP A 1283 -17.63 -14.78 -26.16
C ASP A 1283 -17.81 -15.16 -24.70
N LEU A 1284 -18.87 -15.90 -24.36
CA LEU A 1284 -19.15 -16.29 -22.98
C LEU A 1284 -18.53 -17.63 -22.61
N ASP A 1285 -17.49 -18.06 -23.34
CA ASP A 1285 -16.89 -19.37 -23.07
C ASP A 1285 -16.28 -19.41 -21.68
N TYR A 1286 -15.41 -18.45 -21.36
CA TYR A 1286 -14.81 -18.39 -20.03
C TYR A 1286 -15.88 -18.33 -18.95
N PHE A 1287 -17.00 -17.68 -19.23
CA PHE A 1287 -18.10 -17.63 -18.27
C PHE A 1287 -18.68 -19.02 -18.04
N LEU A 1288 -19.08 -19.71 -19.12
CA LEU A 1288 -19.58 -21.06 -19.00
C LEU A 1288 -18.58 -21.97 -18.29
N ARG A 1289 -17.29 -21.65 -18.38
CA ARG A 1289 -16.27 -22.50 -17.77
C ARG A 1289 -16.14 -22.23 -16.26
N GLU A 1290 -15.86 -20.99 -15.89
CA GLU A 1290 -15.52 -20.63 -14.51
C GLU A 1290 -16.35 -19.44 -14.04
N GLY A 1291 -17.67 -19.52 -14.24
CA GLY A 1291 -18.56 -18.45 -13.81
C GLY A 1291 -19.29 -18.77 -12.53
N VAL A 1292 -20.56 -19.17 -12.65
CA VAL A 1292 -21.38 -19.44 -11.47
C VAL A 1292 -20.80 -20.56 -10.61
N MET A 1293 -19.93 -21.40 -11.18
CA MET A 1293 -19.33 -22.48 -10.43
C MET A 1293 -18.32 -21.92 -9.43
N VAL A 1294 -18.65 -22.01 -8.14
CA VAL A 1294 -17.77 -21.54 -7.08
C VAL A 1294 -17.17 -22.72 -6.30
N TRP A 1295 -17.10 -23.89 -6.92
CA TRP A 1295 -16.57 -25.08 -6.27
C TRP A 1295 -15.05 -25.07 -6.17
N GLY A 1296 -14.39 -24.01 -6.63
CA GLY A 1296 -12.94 -23.92 -6.55
C GLY A 1296 -12.46 -23.41 -5.21
N TYR A 1297 -13.21 -23.67 -4.15
CA TYR A 1297 -12.82 -23.23 -2.81
C TYR A 1297 -11.75 -24.13 -2.21
N ASN A 1298 -11.80 -25.43 -2.50
CA ASN A 1298 -10.82 -26.38 -2.00
C ASN A 1298 -10.73 -26.33 -0.47
N ALA A 1299 -11.86 -26.68 0.16
CA ALA A 1299 -11.90 -26.67 1.62
C ALA A 1299 -10.98 -27.71 2.24
N SER A 1300 -10.52 -28.70 1.47
CA SER A 1300 -9.67 -29.73 2.01
C SER A 1300 -8.36 -29.16 2.52
N LEU A 1301 -7.65 -28.40 1.66
CA LEU A 1301 -6.36 -27.84 2.07
C LEU A 1301 -6.53 -26.82 3.18
N HIS A 1302 -7.62 -26.04 3.15
CA HIS A 1302 -7.88 -25.08 4.21
C HIS A 1302 -8.06 -25.79 5.55
N GLY A 1303 -8.86 -26.87 5.57
CA GLY A 1303 -9.03 -27.61 6.80
C GLY A 1303 -7.74 -28.26 7.28
N ASN A 1304 -6.94 -28.77 6.32
CA ASN A 1304 -5.66 -29.36 6.69
C ASN A 1304 -4.75 -28.32 7.33
N PHE A 1305 -4.67 -27.12 6.74
CA PHE A 1305 -3.86 -26.06 7.32
C PHE A 1305 -4.37 -25.65 8.70
N ALA A 1306 -5.70 -25.56 8.84
CA ALA A 1306 -6.26 -25.20 10.14
C ALA A 1306 -5.90 -26.23 11.20
N ARG A 1307 -6.01 -27.51 10.86
CA ARG A 1307 -5.66 -28.56 11.83
C ARG A 1307 -4.17 -28.53 12.15
N ASN A 1308 -3.32 -28.35 11.14
CA ASN A 1308 -1.88 -28.32 11.38
C ASN A 1308 -1.48 -27.12 12.23
N PHE A 1309 -2.19 -26.00 12.08
CA PHE A 1309 -1.88 -24.82 12.88
C PHE A 1309 -2.42 -24.94 14.30
N ALA A 1310 -3.57 -25.59 14.48
CA ALA A 1310 -4.12 -25.78 15.81
C ALA A 1310 -3.35 -26.85 16.58
N LYS A 1311 -2.72 -27.78 15.88
CA LYS A 1311 -1.94 -28.82 16.54
C LYS A 1311 -0.57 -28.30 17.01
N ARG A 1312 0.03 -27.39 16.24
CA ARG A 1312 1.32 -26.83 16.60
C ARG A 1312 1.20 -25.57 17.44
N PHE A 1313 0.09 -24.84 17.33
CA PHE A 1313 -0.16 -23.62 18.08
C PHE A 1313 -1.49 -23.75 18.80
N PRO A 1314 -1.51 -24.44 19.96
CA PRO A 1314 -2.78 -24.58 20.68
C PRO A 1314 -3.38 -23.26 21.11
N GLY A 1315 -2.55 -22.27 21.48
CA GLY A 1315 -3.05 -20.99 21.94
C GLY A 1315 -3.57 -20.12 20.82
N VAL A 1316 -2.80 -20.00 19.74
CA VAL A 1316 -3.15 -19.16 18.61
C VAL A 1316 -3.92 -19.98 17.59
N GLU A 1317 -5.06 -19.48 17.14
CA GLU A 1317 -5.89 -20.14 16.16
C GLU A 1317 -5.68 -19.53 14.78
N VAL A 1318 -6.18 -20.24 13.76
CA VAL A 1318 -6.03 -19.75 12.39
C VAL A 1318 -6.95 -18.57 12.13
N ASP A 1319 -8.12 -18.54 12.76
CA ASP A 1319 -9.07 -17.45 12.57
C ASP A 1319 -8.64 -16.18 13.29
N ASP A 1320 -7.68 -16.24 14.19
CA ASP A 1320 -7.24 -15.06 14.92
C ASP A 1320 -6.56 -14.04 14.01
N PHE A 1321 -6.10 -14.45 12.82
CA PHE A 1321 -5.43 -13.56 11.90
C PHE A 1321 -6.39 -12.89 10.92
N LYS A 1322 -7.67 -12.81 11.26
CA LYS A 1322 -8.65 -12.20 10.38
C LYS A 1322 -8.56 -10.67 10.47
N ARG A 1323 -8.59 -10.02 9.32
CA ARG A 1323 -8.50 -8.57 9.27
C ARG A 1323 -9.77 -7.94 9.84
N THR A 1324 -9.61 -6.76 10.42
CA THR A 1324 -10.72 -6.02 11.02
C THR A 1324 -11.37 -5.05 10.04
N MET A 1325 -11.15 -5.24 8.74
CA MET A 1325 -11.72 -4.37 7.71
C MET A 1325 -11.26 -2.92 7.89
N TRP A 1326 -10.07 -2.73 8.45
CA TRP A 1326 -9.55 -1.38 8.66
C TRP A 1326 -8.95 -0.82 7.37
N LEU A 1327 -8.31 -1.66 6.57
CA LEU A 1327 -7.74 -1.28 5.29
C LEU A 1327 -8.42 -2.03 4.16
N PRO A 1328 -8.43 -1.47 2.94
CA PRO A 1328 -9.04 -2.19 1.82
C PRO A 1328 -8.34 -3.51 1.55
N ARG A 1329 -9.06 -4.60 1.74
CA ARG A 1329 -8.48 -5.93 1.57
C ARG A 1329 -7.94 -6.10 0.16
N GLU A 1330 -6.62 -6.21 0.04
CA GLU A 1330 -5.99 -6.43 -1.25
C GLU A 1330 -6.33 -7.82 -1.78
N LEU A 1331 -6.50 -7.92 -3.10
CA LEU A 1331 -6.88 -9.18 -3.74
C LEU A 1331 -5.62 -9.98 -4.11
N GLY A 1332 -4.83 -10.25 -3.08
CA GLY A 1332 -3.60 -11.00 -3.25
C GLY A 1332 -3.38 -12.03 -2.16
N LYS A 1333 -2.14 -12.15 -1.68
CA LYS A 1333 -1.80 -13.10 -0.63
C LYS A 1333 -2.15 -12.60 0.75
N GLY A 1334 -2.80 -11.44 0.87
CA GLY A 1334 -3.20 -10.92 2.16
C GLY A 1334 -4.66 -10.49 2.19
N TYR A 1335 -5.51 -11.23 1.48
CA TYR A 1335 -6.92 -10.87 1.43
C TYR A 1335 -7.58 -11.03 2.78
N TYR A 1336 -7.39 -12.18 3.43
CA TYR A 1336 -8.00 -12.47 4.72
C TYR A 1336 -6.96 -12.61 5.83
N TYR A 1337 -5.93 -13.42 5.63
CA TYR A 1337 -4.88 -13.58 6.63
C TYR A 1337 -3.87 -12.44 6.50
N ALA A 1338 -3.52 -11.84 7.63
CA ALA A 1338 -2.56 -10.73 7.66
C ALA A 1338 -1.16 -11.31 7.55
N LEU A 1339 -0.61 -11.32 6.33
CA LEU A 1339 0.72 -11.88 6.12
C LEU A 1339 1.81 -10.89 6.50
N GLU A 1340 1.60 -9.61 6.19
CA GLU A 1340 2.62 -8.60 6.49
C GLU A 1340 2.99 -8.61 7.97
N VAL A 1341 2.02 -8.88 8.84
CA VAL A 1341 2.29 -8.94 10.27
C VAL A 1341 2.71 -10.35 10.70
N ALA A 1342 2.16 -11.38 10.08
CA ALA A 1342 2.51 -12.75 10.46
C ALA A 1342 3.98 -13.03 10.20
N GLU A 1343 4.53 -12.49 9.10
CA GLU A 1343 5.92 -12.73 8.77
C GLU A 1343 6.85 -12.39 9.93
N GLN A 1344 6.49 -11.39 10.74
CA GLN A 1344 7.29 -11.00 11.89
C GLN A 1344 6.75 -11.53 13.21
N MET A 1345 5.46 -11.90 13.26
CA MET A 1345 4.88 -12.41 14.49
C MET A 1345 5.15 -13.89 14.72
N LEU A 1346 5.31 -14.66 13.65
CA LEU A 1346 5.54 -16.10 13.75
C LEU A 1346 6.93 -16.51 13.27
N GLY A 1347 7.77 -15.57 12.85
CA GLY A 1347 9.09 -15.90 12.37
C GLY A 1347 10.14 -15.93 13.46
N PHE A 1348 9.71 -16.10 14.71
CA PHE A 1348 10.64 -16.13 15.85
C PHE A 1348 11.10 -17.54 16.19
N ASP A 1349 10.28 -18.55 15.95
CA ASP A 1349 10.64 -19.95 16.17
C ASP A 1349 10.64 -20.70 14.85
N ALA A 1350 11.31 -21.85 14.85
CA ALA A 1350 11.39 -22.68 13.66
C ALA A 1350 10.02 -23.24 13.29
N GLY A 1351 9.71 -23.23 12.01
CA GLY A 1351 8.44 -23.72 11.52
C GLY A 1351 7.81 -22.80 10.49
N TRP A 1352 8.06 -21.51 10.61
CA TRP A 1352 7.53 -20.54 9.64
C TRP A 1352 8.40 -20.49 8.39
N GLY A 1353 9.71 -20.40 8.56
CA GLY A 1353 10.62 -20.36 7.44
C GLY A 1353 10.52 -21.60 6.58
N GLY A 1354 10.83 -22.76 7.15
CA GLY A 1354 10.75 -24.01 6.43
C GLY A 1354 11.85 -24.18 5.40
N VAL A 1355 12.18 -25.43 5.08
CA VAL A 1355 13.22 -25.72 4.09
C VAL A 1355 12.62 -25.65 2.70
N LYS A 1356 13.48 -25.38 1.71
CA LYS A 1356 13.08 -25.26 0.32
C LYS A 1356 11.78 -24.48 0.16
N GLN A 1357 11.65 -23.38 0.91
CA GLN A 1357 10.45 -22.54 0.86
C GLN A 1357 9.19 -23.36 1.13
N SER A 1358 9.14 -23.97 2.31
CA SER A 1358 8.02 -24.79 2.75
C SER A 1358 7.55 -24.30 4.12
N GLY A 1359 6.64 -25.07 4.72
CA GLY A 1359 6.13 -24.75 6.03
C GLY A 1359 4.73 -24.17 6.00
N PHE A 1360 4.44 -23.26 6.93
CA PHE A 1360 3.13 -22.64 7.01
C PHE A 1360 2.99 -21.41 6.12
N ARG A 1361 4.10 -20.77 5.76
CA ARG A 1361 4.02 -19.55 4.94
C ARG A 1361 3.44 -19.85 3.57
N LYS A 1362 3.95 -20.89 2.91
CA LYS A 1362 3.46 -21.22 1.58
C LYS A 1362 1.99 -21.64 1.62
N GLU A 1363 1.61 -22.41 2.64
CA GLU A 1363 0.21 -22.84 2.76
C GLU A 1363 -0.71 -21.65 3.00
N MET A 1364 -0.28 -20.71 3.85
CA MET A 1364 -1.08 -19.52 4.09
C MET A 1364 -1.20 -18.67 2.82
N GLU A 1365 -0.11 -18.56 2.05
CA GLU A 1365 -0.18 -17.83 0.79
C GLU A 1365 -1.14 -18.50 -0.18
N THR A 1366 -1.10 -19.83 -0.26
CA THR A 1366 -2.03 -20.54 -1.14
C THR A 1366 -3.47 -20.35 -0.69
N ALA A 1367 -3.71 -20.36 0.63
CA ALA A 1367 -5.06 -20.13 1.14
C ALA A 1367 -5.54 -18.73 0.80
N ASN A 1368 -4.67 -17.73 0.95
CA ASN A 1368 -5.06 -16.36 0.61
C ASN A 1368 -5.34 -16.23 -0.88
N LEU A 1369 -4.53 -16.89 -1.71
CA LEU A 1369 -4.78 -16.87 -3.15
C LEU A 1369 -6.12 -17.53 -3.48
N ASN A 1370 -6.44 -18.63 -2.79
CA ASN A 1370 -7.72 -19.29 -3.02
C ASN A 1370 -8.88 -18.39 -2.60
N LEU A 1371 -8.74 -17.69 -1.47
CA LEU A 1371 -9.81 -16.78 -1.04
C LEU A 1371 -9.98 -15.64 -2.03
N SER A 1372 -8.88 -15.08 -2.53
CA SER A 1372 -8.98 -14.03 -3.54
C SER A 1372 -9.63 -14.56 -4.81
N LEU A 1373 -9.32 -15.79 -5.19
CA LEU A 1373 -9.93 -16.39 -6.38
C LEU A 1373 -11.42 -16.58 -6.16
N VAL A 1374 -11.83 -16.97 -4.95
CA VAL A 1374 -13.25 -17.14 -4.66
C VAL A 1374 -13.96 -15.79 -4.70
N GLU A 1375 -13.32 -14.74 -4.19
CA GLU A 1375 -13.91 -13.41 -4.26
C GLU A 1375 -14.07 -12.97 -5.71
N ALA A 1376 -13.05 -13.20 -6.53
CA ALA A 1376 -13.14 -12.86 -7.95
C ALA A 1376 -14.24 -13.66 -8.63
N GLN A 1377 -14.41 -14.93 -8.24
CA GLN A 1377 -15.47 -15.74 -8.81
C GLN A 1377 -16.85 -15.22 -8.42
N VAL A 1378 -17.00 -14.74 -7.18
CA VAL A 1378 -18.27 -14.17 -6.77
C VAL A 1378 -18.55 -12.89 -7.54
N SER A 1379 -17.51 -12.06 -7.75
CA SER A 1379 -17.70 -10.84 -8.53
C SER A 1379 -18.10 -11.17 -9.97
N LEU A 1380 -17.43 -12.15 -10.58
CA LEU A 1380 -17.80 -12.59 -11.92
C LEU A 1380 -19.21 -13.15 -11.94
N PHE A 1381 -19.62 -13.84 -10.88
CA PHE A 1381 -20.97 -14.37 -10.80
C PHE A 1381 -21.99 -13.24 -10.81
N HIS A 1382 -21.76 -12.21 -10.01
CA HIS A 1382 -22.68 -11.06 -10.01
C HIS A 1382 -22.71 -10.39 -11.38
N ALA A 1383 -21.53 -10.19 -11.99
CA ALA A 1383 -21.48 -9.55 -13.29
C ALA A 1383 -22.24 -10.35 -14.34
N TRP A 1384 -22.02 -11.66 -14.38
CA TRP A 1384 -22.70 -12.51 -15.34
C TRP A 1384 -24.20 -12.58 -15.04
N GLU A 1385 -24.58 -12.53 -13.77
CA GLU A 1385 -26.00 -12.49 -13.42
C GLU A 1385 -26.66 -11.25 -14.04
N TYR A 1386 -26.06 -10.08 -13.82
CA TYR A 1386 -26.61 -8.86 -14.40
C TYR A 1386 -26.64 -8.95 -15.94
N LEU A 1387 -25.54 -9.43 -16.53
CA LEU A 1387 -25.45 -9.50 -17.99
C LEU A 1387 -26.55 -10.40 -18.56
N LEU A 1388 -26.71 -11.59 -18.00
CA LEU A 1388 -27.72 -12.51 -18.51
C LEU A 1388 -29.13 -12.02 -18.22
N LEU A 1389 -29.33 -11.35 -17.09
CA LEU A 1389 -30.64 -10.78 -16.79
C LEU A 1389 -31.03 -9.75 -17.84
N GLU A 1390 -30.09 -8.87 -18.23
CA GLU A 1390 -30.40 -7.88 -19.25
C GLU A 1390 -30.52 -8.51 -20.63
N LEU A 1391 -29.73 -9.55 -20.91
CA LEU A 1391 -29.79 -10.19 -22.22
C LEU A 1391 -31.10 -10.94 -22.42
N THR A 1392 -31.62 -11.56 -21.37
CA THR A 1392 -32.89 -12.27 -21.46
C THR A 1392 -33.98 -11.34 -21.98
N LEU A 1393 -33.95 -10.07 -21.57
CA LEU A 1393 -34.90 -9.09 -22.09
C LEU A 1393 -34.49 -8.59 -23.47
N SER A 1394 -33.18 -8.39 -23.68
CA SER A 1394 -32.71 -7.91 -24.98
C SER A 1394 -32.94 -8.97 -26.06
N LEU A 1395 -32.62 -10.22 -25.76
CA LEU A 1395 -32.78 -11.31 -26.73
C LEU A 1395 -34.19 -11.90 -26.66
N LEU A 1396 -35.17 -11.03 -26.89
CA LEU A 1396 -36.57 -11.44 -26.87
C LEU A 1396 -36.99 -12.17 -28.15
N PRO A 1397 -36.48 -11.79 -29.35
CA PRO A 1397 -37.01 -12.43 -30.57
C PRO A 1397 -36.57 -13.88 -30.72
N LYS A 1398 -37.04 -14.53 -31.78
CA LYS A 1398 -36.73 -15.94 -32.04
C LYS A 1398 -35.51 -16.03 -32.94
N LYS A 1399 -34.33 -15.96 -32.31
CA LYS A 1399 -33.07 -16.10 -33.03
C LYS A 1399 -32.01 -16.55 -32.05
N GLU A 1400 -31.03 -17.29 -32.56
CA GLU A 1400 -29.95 -17.87 -31.75
C GLU A 1400 -30.50 -18.42 -30.44
N ASN A 1401 -31.63 -19.12 -30.53
CA ASN A 1401 -32.28 -19.64 -29.32
C ASN A 1401 -31.59 -20.90 -28.80
N ALA A 1402 -31.00 -21.70 -29.67
CA ALA A 1402 -30.36 -22.94 -29.23
C ALA A 1402 -29.23 -22.65 -28.25
N ALA A 1403 -28.28 -21.81 -28.65
CA ALA A 1403 -27.14 -21.51 -27.79
C ALA A 1403 -27.58 -20.81 -26.51
N PHE A 1404 -28.55 -19.90 -26.62
CA PHE A 1404 -29.04 -19.20 -25.43
C PHE A 1404 -29.64 -20.19 -24.43
N ALA A 1405 -30.51 -21.09 -24.90
CA ALA A 1405 -31.12 -22.07 -24.01
C ALA A 1405 -30.06 -23.00 -23.42
N ARG A 1406 -29.08 -23.40 -24.23
CA ARG A 1406 -28.02 -24.27 -23.71
C ARG A 1406 -27.24 -23.58 -22.61
N GLN A 1407 -26.89 -22.31 -22.81
CA GLN A 1407 -26.15 -21.57 -21.79
C GLN A 1407 -26.98 -21.40 -20.53
N VAL A 1408 -28.28 -21.08 -20.67
CA VAL A 1408 -29.12 -20.90 -19.49
C VAL A 1408 -29.23 -22.21 -18.71
N LEU A 1409 -29.44 -23.32 -19.42
CA LEU A 1409 -29.56 -24.60 -18.74
C LEU A 1409 -28.26 -24.99 -18.07
N GLN A 1410 -27.12 -24.73 -18.72
CA GLN A 1410 -25.83 -25.04 -18.10
C GLN A 1410 -25.62 -24.21 -16.85
N VAL A 1411 -25.99 -22.93 -16.88
CA VAL A 1411 -25.84 -22.08 -15.71
C VAL A 1411 -26.71 -22.59 -14.57
N VAL A 1412 -27.97 -22.93 -14.89
CA VAL A 1412 -28.88 -23.41 -13.85
C VAL A 1412 -28.35 -24.71 -13.25
N GLU A 1413 -27.84 -25.61 -14.09
CA GLU A 1413 -27.32 -26.87 -13.58
C GLU A 1413 -26.09 -26.65 -12.70
N GLN A 1414 -25.18 -25.75 -13.12
CA GLN A 1414 -24.01 -25.46 -12.31
C GLN A 1414 -24.40 -24.86 -10.97
N CYS A 1415 -25.39 -23.97 -10.97
CA CYS A 1415 -25.85 -23.39 -9.72
C CYS A 1415 -26.44 -24.46 -8.79
N LEU A 1416 -27.30 -25.32 -9.35
CA LEU A 1416 -27.92 -26.36 -8.54
C LEU A 1416 -26.89 -27.35 -8.02
N GLU A 1417 -25.82 -27.59 -8.77
CA GLU A 1417 -24.77 -28.49 -8.30
C GLU A 1417 -23.93 -27.84 -7.21
N ALA A 1418 -23.61 -26.54 -7.38
CA ALA A 1418 -22.85 -25.84 -6.35
C ALA A 1418 -23.66 -25.73 -5.06
N ASN A 1419 -24.99 -25.62 -5.16
CA ASN A 1419 -25.81 -25.56 -3.95
C ASN A 1419 -25.70 -26.84 -3.14
N GLN A 1420 -25.40 -27.96 -3.78
CA GLN A 1420 -25.29 -29.25 -3.08
C GLN A 1420 -23.87 -29.55 -2.65
N ARG A 1421 -22.88 -29.19 -3.47
CA ARG A 1421 -21.49 -29.46 -3.13
C ARG A 1421 -21.06 -28.62 -1.93
N SER A 1422 -19.81 -28.80 -1.52
CA SER A 1422 -19.29 -28.12 -0.33
C SER A 1422 -19.50 -26.62 -0.43
N GLN A 1423 -20.09 -26.04 0.60
CA GLN A 1423 -20.35 -24.62 0.67
C GLN A 1423 -19.19 -23.88 1.33
N PRO A 1424 -19.04 -22.59 1.05
CA PRO A 1424 -17.95 -21.82 1.67
C PRO A 1424 -18.35 -21.40 3.07
N PRO A 1425 -17.39 -20.92 3.87
CA PRO A 1425 -17.72 -20.47 5.23
C PRO A 1425 -18.54 -19.19 5.20
N GLU A 1426 -19.30 -18.99 6.28
CA GLU A 1426 -20.16 -17.83 6.40
C GLU A 1426 -19.48 -16.64 7.07
N ASN A 1427 -18.40 -16.87 7.82
CA ASN A 1427 -17.70 -15.78 8.49
C ASN A 1427 -16.74 -15.05 7.56
N ILE A 1428 -16.19 -15.76 6.57
CA ILE A 1428 -15.26 -15.12 5.63
C ILE A 1428 -16.02 -14.43 4.52
N PHE A 1429 -16.81 -15.18 3.77
CA PHE A 1429 -17.58 -14.64 2.66
C PHE A 1429 -19.06 -14.52 3.04
N VAL A 1430 -19.83 -13.90 2.16
CA VAL A 1430 -21.26 -13.70 2.38
C VAL A 1430 -21.99 -15.02 2.14
N VAL A 1431 -23.07 -15.22 2.89
CA VAL A 1431 -23.85 -16.45 2.75
C VAL A 1431 -24.44 -16.51 1.34
N LEU A 1432 -24.23 -17.64 0.67
CA LEU A 1432 -24.73 -17.81 -0.70
C LEU A 1432 -26.22 -18.09 -0.75
N GLY A 1433 -26.81 -18.57 0.35
CA GLY A 1433 -28.23 -18.84 0.38
C GLY A 1433 -29.06 -17.63 0.00
N HIS A 1434 -29.95 -17.81 -0.98
CA HIS A 1434 -30.83 -16.78 -1.53
C HIS A 1434 -30.08 -15.80 -2.42
N ALA A 1435 -28.76 -15.90 -2.53
CA ALA A 1435 -27.99 -15.00 -3.37
C ALA A 1435 -27.88 -15.48 -4.81
N ARG A 1436 -27.85 -16.79 -5.03
CA ARG A 1436 -27.75 -17.36 -6.37
C ARG A 1436 -28.99 -18.16 -6.76
N ALA A 1437 -30.03 -18.13 -5.95
CA ALA A 1437 -31.27 -18.82 -6.26
C ALA A 1437 -32.18 -17.97 -7.16
N GLY A 1438 -32.35 -16.69 -6.80
CA GLY A 1438 -33.16 -15.81 -7.62
C GLY A 1438 -32.66 -15.70 -9.04
N LEU A 1439 -31.36 -15.89 -9.24
CA LEU A 1439 -30.81 -15.88 -10.60
C LEU A 1439 -31.49 -16.94 -11.46
N ALA A 1440 -31.36 -18.21 -11.06
CA ALA A 1440 -32.01 -19.28 -11.80
C ALA A 1440 -33.52 -19.10 -11.81
N LEU A 1441 -34.09 -18.54 -10.73
CA LEU A 1441 -35.53 -18.29 -10.69
C LEU A 1441 -35.96 -17.41 -11.85
N THR A 1442 -35.34 -16.24 -11.97
CA THR A 1442 -35.71 -15.31 -13.04
C THR A 1442 -35.34 -15.86 -14.40
N LEU A 1443 -34.25 -16.62 -14.51
CA LEU A 1443 -33.91 -17.23 -15.79
C LEU A 1443 -35.01 -18.17 -16.25
N LEU A 1444 -35.45 -19.08 -15.37
CA LEU A 1444 -36.52 -20.00 -15.74
C LEU A 1444 -37.81 -19.25 -16.01
N GLN A 1445 -38.09 -18.20 -15.23
CA GLN A 1445 -39.30 -17.41 -15.46
C GLN A 1445 -39.31 -16.82 -16.86
N ARG A 1446 -38.20 -16.18 -17.26
CA ARG A 1446 -38.14 -15.55 -18.57
C ARG A 1446 -38.15 -16.59 -19.69
N LEU A 1447 -37.48 -17.72 -19.48
CA LEU A 1447 -37.48 -18.77 -20.51
C LEU A 1447 -38.86 -19.38 -20.67
N ALA A 1448 -39.65 -19.46 -19.59
CA ALA A 1448 -41.01 -19.93 -19.71
C ALA A 1448 -41.89 -18.89 -20.38
N ASP A 1449 -41.67 -17.61 -20.07
CA ASP A 1449 -42.38 -16.55 -20.76
C ASP A 1449 -42.11 -16.61 -22.26
N ALA A 1450 -40.88 -16.97 -22.64
CA ALA A 1450 -40.55 -17.15 -24.05
C ALA A 1450 -40.96 -18.51 -24.59
N ASN A 1451 -41.12 -19.51 -23.72
CA ASN A 1451 -41.53 -20.85 -24.12
C ASN A 1451 -40.54 -21.45 -25.12
N GLN A 1452 -39.29 -21.56 -24.68
CA GLN A 1452 -38.20 -22.09 -25.50
C GLN A 1452 -37.38 -23.09 -24.67
N LEU A 1453 -38.09 -24.01 -23.96
CA LEU A 1453 -37.42 -24.99 -23.14
C LEU A 1453 -37.43 -26.36 -23.80
N PRO A 1454 -36.36 -27.16 -23.64
CA PRO A 1454 -36.33 -28.49 -24.27
C PRO A 1454 -37.02 -29.55 -23.44
N ARG A 1455 -37.81 -29.14 -22.45
CA ARG A 1455 -38.52 -30.05 -21.55
C ARG A 1455 -37.62 -31.19 -21.10
N ASP A 1456 -36.45 -30.83 -20.59
CA ASP A 1456 -35.46 -31.77 -20.08
C ASP A 1456 -35.42 -31.80 -18.57
N VAL A 1457 -36.58 -31.67 -17.93
CA VAL A 1457 -36.65 -31.66 -16.47
C VAL A 1457 -36.42 -33.02 -15.86
N THR A 1458 -36.37 -34.08 -16.67
CA THR A 1458 -36.17 -35.43 -16.14
C THR A 1458 -34.93 -35.51 -15.26
N HIS A 1459 -33.91 -34.71 -15.56
CA HIS A 1459 -32.69 -34.68 -14.77
C HIS A 1459 -32.48 -33.39 -13.99
N LEU A 1460 -33.10 -32.29 -14.42
CA LEU A 1460 -32.91 -31.02 -13.73
C LEU A 1460 -33.59 -31.01 -12.36
N LEU A 1461 -34.69 -31.77 -12.21
CA LEU A 1461 -35.41 -31.77 -10.94
C LEU A 1461 -34.73 -32.59 -9.87
N ALA A 1462 -33.79 -33.47 -10.25
CA ALA A 1462 -33.10 -34.29 -9.26
C ALA A 1462 -32.29 -33.43 -8.29
N LEU A 1463 -31.56 -32.45 -8.82
CA LEU A 1463 -30.77 -31.57 -7.96
C LEU A 1463 -31.68 -30.75 -7.04
N VAL A 1464 -32.80 -30.26 -7.56
CA VAL A 1464 -33.71 -29.48 -6.74
C VAL A 1464 -34.29 -30.33 -5.63
N SER A 1465 -34.66 -31.58 -5.94
CA SER A 1465 -35.18 -32.47 -4.91
C SER A 1465 -34.13 -32.78 -3.85
N SER A 1466 -32.89 -33.05 -4.29
CA SER A 1466 -31.81 -33.31 -3.33
C SER A 1466 -31.59 -32.11 -2.43
N ALA A 1467 -31.63 -30.89 -2.99
CA ALA A 1467 -31.44 -29.69 -2.19
C ALA A 1467 -32.59 -29.53 -1.19
N ILE A 1468 -33.83 -29.72 -1.63
CA ILE A 1468 -34.97 -29.61 -0.73
C ILE A 1468 -34.89 -30.64 0.37
N HIS A 1469 -34.31 -31.80 0.09
CA HIS A 1469 -34.20 -32.85 1.11
C HIS A 1469 -33.06 -32.56 2.08
N ALA A 1470 -31.97 -31.95 1.61
CA ALA A 1470 -30.81 -31.67 2.43
C ALA A 1470 -30.73 -30.20 2.84
N VAL A 1471 -31.87 -29.57 3.09
CA VAL A 1471 -31.94 -28.17 3.48
C VAL A 1471 -32.31 -27.99 4.94
N GLU A 1472 -32.64 -29.07 5.65
CA GLU A 1472 -33.02 -29.10 7.06
C GLU A 1472 -34.44 -28.59 7.28
N ASN A 1473 -35.19 -28.33 6.22
CA ASN A 1473 -36.58 -27.91 6.32
C ASN A 1473 -36.71 -26.61 7.11
N PRO A 1474 -36.20 -25.49 6.59
CA PRO A 1474 -36.39 -24.19 7.25
C PRO A 1474 -37.70 -23.51 6.85
N PHE A 1475 -38.82 -24.23 7.03
CA PHE A 1475 -40.11 -23.69 6.60
C PHE A 1475 -40.45 -22.40 7.35
N GLY A 1476 -40.08 -22.32 8.62
CA GLY A 1476 -40.39 -21.15 9.43
C GLY A 1476 -39.19 -20.64 10.20
N ALA A 1477 -37.99 -21.06 9.80
CA ALA A 1477 -36.76 -20.63 10.45
C ALA A 1477 -36.40 -19.23 9.98
N ASN A 1478 -35.24 -18.72 10.43
CA ASN A 1478 -34.81 -17.39 10.03
C ASN A 1478 -34.51 -17.33 8.54
N ASP A 1479 -34.11 -18.45 7.94
CA ASP A 1479 -33.77 -18.50 6.52
C ASP A 1479 -35.01 -18.77 5.68
N LEU A 1480 -35.94 -17.81 5.74
CA LEU A 1480 -37.20 -17.91 5.00
C LEU A 1480 -37.01 -17.56 3.53
N PRO A 1481 -36.22 -16.53 3.20
CA PRO A 1481 -36.03 -16.22 1.76
C PRO A 1481 -35.48 -17.38 0.96
N TYR A 1482 -34.55 -18.16 1.54
CA TYR A 1482 -34.01 -19.31 0.83
C TYR A 1482 -35.09 -20.34 0.54
N PHE A 1483 -35.92 -20.63 1.54
CA PHE A 1483 -37.03 -21.57 1.33
C PHE A 1483 -37.99 -21.05 0.26
N ARG A 1484 -38.31 -19.77 0.30
CA ARG A 1484 -39.25 -19.21 -0.68
C ARG A 1484 -38.69 -19.27 -2.09
N THR A 1485 -37.41 -18.93 -2.26
CA THR A 1485 -36.82 -18.97 -3.59
C THR A 1485 -36.69 -20.40 -4.10
N LEU A 1486 -36.37 -21.34 -3.21
CA LEU A 1486 -36.37 -22.75 -3.63
C LEU A 1486 -37.75 -23.20 -4.05
N LEU A 1487 -38.78 -22.77 -3.33
CA LEU A 1487 -40.15 -23.13 -3.70
C LEU A 1487 -40.51 -22.55 -5.06
N LYS A 1488 -40.15 -21.30 -5.32
CA LYS A 1488 -40.45 -20.71 -6.62
C LYS A 1488 -39.65 -21.40 -7.73
N ILE A 1489 -38.41 -21.80 -7.45
CA ILE A 1489 -37.60 -22.49 -8.44
C ILE A 1489 -38.23 -23.83 -8.79
N LEU A 1490 -38.60 -24.62 -7.78
CA LEU A 1490 -39.23 -25.90 -8.06
C LEU A 1490 -40.58 -25.71 -8.74
N PHE A 1491 -41.29 -24.62 -8.43
CA PHE A 1491 -42.55 -24.32 -9.11
C PHE A 1491 -42.32 -24.11 -10.60
N VAL A 1492 -41.38 -23.25 -10.96
CA VAL A 1492 -41.13 -23.00 -12.38
C VAL A 1492 -40.59 -24.27 -13.05
N VAL A 1493 -39.82 -25.07 -12.33
CA VAL A 1493 -39.28 -26.30 -12.91
C VAL A 1493 -40.40 -27.28 -13.23
N LEU A 1494 -41.30 -27.51 -12.28
CA LEU A 1494 -42.40 -28.45 -12.53
C LEU A 1494 -43.37 -27.88 -13.55
N ARG A 1495 -43.48 -26.56 -13.65
CA ARG A 1495 -44.31 -25.97 -14.70
C ARG A 1495 -43.72 -26.23 -16.08
N ALA A 1496 -42.41 -26.00 -16.22
CA ALA A 1496 -41.74 -26.32 -17.48
C ALA A 1496 -41.88 -27.81 -17.80
N ALA A 1497 -41.79 -28.67 -16.78
CA ALA A 1497 -41.96 -30.10 -17.00
C ALA A 1497 -43.37 -30.41 -17.49
N LYS A 1498 -44.38 -29.71 -16.95
CA LYS A 1498 -45.75 -29.93 -17.39
C LYS A 1498 -45.90 -29.68 -18.88
N GLN A 1499 -45.13 -28.75 -19.44
CA GLN A 1499 -45.22 -28.45 -20.87
C GLN A 1499 -44.80 -29.63 -21.73
N GLY A 1500 -44.04 -30.56 -21.19
CA GLY A 1500 -43.60 -31.73 -21.94
C GLY A 1500 -44.61 -32.84 -21.93
N VAL A 1509 -45.03 -42.30 -18.95
CA VAL A 1509 -43.92 -41.38 -19.10
C VAL A 1509 -42.94 -41.55 -17.94
N ALA A 1510 -41.67 -41.29 -18.19
CA ALA A 1510 -40.63 -41.41 -17.18
C ALA A 1510 -40.55 -40.21 -16.24
N ILE A 1511 -41.54 -39.32 -16.27
CA ILE A 1511 -41.54 -38.14 -15.42
C ILE A 1511 -42.42 -38.32 -14.18
N THR A 1512 -43.40 -39.22 -14.22
CA THR A 1512 -44.31 -39.37 -13.08
C THR A 1512 -43.58 -39.86 -11.84
N GLN A 1513 -42.72 -40.87 -11.98
CA GLN A 1513 -42.02 -41.42 -10.83
C GLN A 1513 -40.98 -40.45 -10.29
N GLN A 1514 -40.47 -39.55 -11.13
CA GLN A 1514 -39.51 -38.56 -10.69
C GLN A 1514 -40.17 -37.32 -10.09
N VAL A 1515 -41.44 -37.06 -10.43
CA VAL A 1515 -42.13 -35.88 -9.94
C VAL A 1515 -43.03 -36.18 -8.74
N LEU A 1516 -43.43 -37.45 -8.54
CA LEU A 1516 -44.30 -37.76 -7.41
C LEU A 1516 -43.60 -37.57 -6.07
N THR A 1517 -42.27 -37.47 -6.06
CA THR A 1517 -41.56 -37.26 -4.80
C THR A 1517 -41.95 -35.94 -4.16
N ILE A 1518 -42.08 -34.89 -4.97
CA ILE A 1518 -42.48 -33.59 -4.42
C ILE A 1518 -43.92 -33.60 -3.97
N LEU A 1519 -44.78 -34.35 -4.68
CA LEU A 1519 -46.19 -34.42 -4.29
C LEU A 1519 -46.40 -35.25 -3.03
N ASP A 1520 -45.48 -36.18 -2.76
CA ASP A 1520 -45.63 -37.09 -1.62
C ASP A 1520 -44.92 -36.57 -0.37
N ARG A 1521 -43.65 -36.22 -0.47
CA ARG A 1521 -42.83 -35.91 0.69
C ARG A 1521 -42.63 -34.41 0.91
N VAL A 1522 -42.67 -33.61 -0.13
CA VAL A 1522 -42.35 -32.18 -0.01
C VAL A 1522 -43.60 -31.38 0.32
N VAL A 1523 -44.59 -31.42 -0.57
CA VAL A 1523 -45.78 -30.59 -0.40
C VAL A 1523 -46.49 -30.94 0.90
N ALA A 1524 -46.66 -32.24 1.17
CA ALA A 1524 -47.40 -32.65 2.36
C ALA A 1524 -46.68 -32.23 3.64
N ARG A 1525 -45.37 -32.46 3.70
CA ARG A 1525 -44.60 -32.11 4.89
C ARG A 1525 -44.62 -30.61 5.13
N CYS A 1526 -44.39 -29.82 4.08
CA CYS A 1526 -44.40 -28.37 4.24
C CYS A 1526 -45.78 -27.87 4.64
N PHE A 1527 -46.84 -28.42 4.05
CA PHE A 1527 -48.19 -28.01 4.41
C PHE A 1527 -48.49 -28.34 5.87
N ARG A 1528 -48.09 -29.53 6.32
CA ARG A 1528 -48.33 -29.90 7.71
C ARG A 1528 -47.54 -29.00 8.66
N ALA A 1529 -46.29 -28.71 8.32
CA ALA A 1529 -45.48 -27.82 9.16
C ALA A 1529 -46.12 -26.44 9.24
N LEU A 1530 -46.58 -25.91 8.11
CA LEU A 1530 -47.20 -24.59 8.11
C LEU A 1530 -48.49 -24.60 8.93
N ALA A 1531 -49.31 -25.63 8.79
CA ALA A 1531 -50.55 -25.71 9.55
C ALA A 1531 -50.27 -25.84 11.05
N ALA A 1532 -49.19 -26.53 11.42
CA ALA A 1532 -48.86 -26.67 12.83
C ALA A 1532 -48.27 -25.37 13.41
N LEU A 1533 -47.55 -24.62 12.59
CA LEU A 1533 -46.95 -23.38 13.07
C LEU A 1533 -48.00 -22.26 13.18
N VAL A 1534 -48.85 -22.13 12.17
CA VAL A 1534 -49.87 -21.08 12.17
C VAL A 1534 -50.84 -21.25 13.32
N HIS A 1535 -51.00 -22.47 13.83
CA HIS A 1535 -51.91 -22.77 14.93
C HIS A 1535 -53.25 -22.04 14.78
N THR A 1547 -46.03 -13.74 6.64
CA THR A 1547 -45.12 -14.88 6.71
C THR A 1547 -45.82 -16.17 6.29
N ALA A 1548 -46.82 -16.58 7.08
CA ALA A 1548 -47.55 -17.79 6.83
C ALA A 1548 -48.47 -17.66 5.62
N PRO A 1549 -49.16 -16.52 5.43
CA PRO A 1549 -50.06 -16.41 4.27
C PRO A 1549 -49.35 -16.59 2.95
N GLU A 1550 -48.26 -15.88 2.70
CA GLU A 1550 -47.58 -15.96 1.42
C GLU A 1550 -46.97 -17.35 1.21
N ASP A 1551 -46.42 -17.95 2.27
CA ASP A 1551 -45.85 -19.29 2.13
C ASP A 1551 -46.94 -20.31 1.80
N LEU A 1552 -48.09 -20.21 2.46
CA LEU A 1552 -49.19 -21.14 2.17
C LEU A 1552 -49.71 -20.93 0.75
N ALA A 1553 -49.80 -19.68 0.30
CA ALA A 1553 -50.24 -19.41 -1.07
C ALA A 1553 -49.25 -19.99 -2.08
N LEU A 1554 -47.95 -19.85 -1.80
CA LEU A 1554 -46.94 -20.40 -2.69
C LEU A 1554 -47.02 -21.92 -2.73
N ILE A 1555 -47.25 -22.56 -1.58
CA ILE A 1555 -47.39 -24.02 -1.57
C ILE A 1555 -48.63 -24.44 -2.33
N THR A 1556 -49.71 -23.67 -2.21
CA THR A 1556 -50.94 -23.98 -2.95
C THR A 1556 -50.69 -23.88 -4.45
N ALA A 1557 -50.01 -22.83 -4.89
CA ALA A 1557 -49.70 -22.68 -6.30
C ALA A 1557 -48.79 -23.81 -6.78
N ILE A 1558 -47.83 -24.21 -5.95
CA ILE A 1558 -46.94 -25.32 -6.29
C ILE A 1558 -47.76 -26.58 -6.52
N LEU A 1559 -48.65 -26.90 -5.59
CA LEU A 1559 -49.46 -28.12 -5.72
C LEU A 1559 -50.37 -28.03 -6.94
N GLN A 1560 -50.95 -26.86 -7.20
CA GLN A 1560 -51.82 -26.71 -8.36
C GLN A 1560 -51.05 -26.95 -9.65
N ALA A 1561 -49.87 -26.35 -9.77
CA ALA A 1561 -49.07 -26.52 -10.98
C ALA A 1561 -48.48 -27.92 -11.10
N CYS A 1562 -48.32 -28.62 -9.98
CA CYS A 1562 -47.77 -29.97 -10.02
C CYS A 1562 -48.82 -31.01 -10.37
N LEU A 1563 -50.07 -30.80 -9.93
CA LEU A 1563 -51.15 -31.73 -10.24
C LEU A 1563 -51.60 -31.66 -11.71
N SER A 1564 -50.97 -30.81 -12.52
CA SER A 1564 -51.35 -30.66 -13.92
C SER A 1564 -50.42 -31.40 -14.87
N VAL A 1565 -49.42 -32.11 -14.36
CA VAL A 1565 -48.48 -32.83 -15.22
C VAL A 1565 -49.23 -33.97 -15.91
N PRO A 1566 -48.99 -34.22 -17.21
CA PRO A 1566 -49.72 -35.31 -17.87
C PRO A 1566 -49.52 -36.67 -17.22
N GLY A 1567 -48.31 -36.93 -16.71
CA GLY A 1567 -48.01 -38.21 -16.09
C GLY A 1567 -48.86 -38.53 -14.88
N ILE A 1568 -49.55 -37.54 -14.32
CA ILE A 1568 -50.39 -37.77 -13.14
C ILE A 1568 -51.81 -38.19 -13.53
N GLU A 1569 -52.26 -37.87 -14.74
CA GLU A 1569 -53.60 -38.26 -15.16
C GLU A 1569 -53.80 -39.77 -15.15
N GLN A 1570 -52.71 -40.54 -15.21
CA GLN A 1570 -52.78 -42.00 -15.17
C GLN A 1570 -52.36 -42.59 -13.84
N CYS A 1571 -51.55 -41.87 -13.05
CA CYS A 1571 -51.12 -42.33 -11.74
C CYS A 1571 -52.03 -41.85 -10.61
N GLN A 1572 -53.31 -41.59 -10.92
CA GLN A 1572 -54.23 -41.14 -9.88
C GLN A 1572 -54.43 -42.21 -8.81
N VAL A 1573 -54.61 -43.46 -9.24
CA VAL A 1573 -54.81 -44.55 -8.28
C VAL A 1573 -53.56 -44.74 -7.42
N GLN A 1574 -52.39 -44.50 -8.01
CA GLN A 1574 -51.14 -44.67 -7.26
C GLN A 1574 -50.95 -43.55 -6.25
N VAL A 1575 -51.25 -42.31 -6.64
CA VAL A 1575 -51.06 -41.17 -5.75
C VAL A 1575 -52.18 -41.01 -4.74
N LEU A 1576 -53.32 -41.68 -4.94
CA LEU A 1576 -54.41 -41.58 -3.97
C LEU A 1576 -53.94 -42.00 -2.57
N ASN A 1577 -53.20 -43.11 -2.48
CA ASN A 1577 -52.78 -43.60 -1.18
C ASN A 1577 -51.79 -42.67 -0.51
N ILE A 1578 -50.81 -42.17 -1.27
CA ILE A 1578 -49.82 -41.28 -0.68
C ILE A 1578 -50.39 -39.90 -0.36
N MET A 1579 -51.49 -39.51 -1.00
CA MET A 1579 -52.15 -38.26 -0.67
C MET A 1579 -53.12 -38.39 0.50
N ALA A 1580 -53.73 -39.56 0.67
CA ALA A 1580 -54.66 -39.80 1.78
C ALA A 1580 -53.96 -40.29 3.04
N ALA A 1581 -52.70 -40.73 2.94
CA ALA A 1581 -52.00 -41.20 4.13
C ALA A 1581 -51.79 -40.09 5.14
N HIS A 1582 -51.62 -38.85 4.67
CA HIS A 1582 -51.42 -37.72 5.58
C HIS A 1582 -52.74 -37.13 6.07
N ASP A 1583 -53.84 -37.36 5.35
CA ASP A 1583 -55.15 -36.83 5.74
C ASP A 1583 -55.11 -35.32 5.85
N VAL A 1584 -54.60 -34.66 4.80
CA VAL A 1584 -54.48 -33.21 4.80
C VAL A 1584 -55.85 -32.53 4.79
N PHE A 1585 -56.90 -33.24 4.39
CA PHE A 1585 -58.22 -32.63 4.33
C PHE A 1585 -58.70 -32.17 5.70
N GLN A 1586 -58.38 -32.95 6.74
CA GLN A 1586 -58.81 -32.59 8.09
C GLN A 1586 -58.18 -31.26 8.52
N VAL A 1587 -56.86 -31.14 8.38
CA VAL A 1587 -56.20 -29.90 8.77
C VAL A 1587 -56.63 -28.75 7.88
N ALA A 1588 -56.90 -29.03 6.60
CA ALA A 1588 -57.37 -27.97 5.72
C ALA A 1588 -58.72 -27.42 6.19
N VAL A 1589 -59.67 -28.32 6.48
CA VAL A 1589 -60.97 -27.87 6.97
C VAL A 1589 -60.83 -27.19 8.32
N ALA A 1590 -59.90 -27.65 9.16
CA ALA A 1590 -59.69 -27.00 10.45
C ALA A 1590 -59.22 -25.56 10.27
N LEU A 1591 -58.18 -25.36 9.46
CA LEU A 1591 -57.71 -24.01 9.19
C LEU A 1591 -58.77 -23.16 8.50
N PHE A 1592 -59.66 -23.80 7.74
CA PHE A 1592 -60.74 -23.06 7.08
C PHE A 1592 -61.74 -22.51 8.09
N SER A 1593 -61.97 -23.23 9.18
CA SER A 1593 -62.92 -22.80 10.20
C SER A 1593 -62.38 -21.60 10.96
N PRO A 1622 -59.07 -13.24 6.85
CA PRO A 1622 -59.43 -14.64 6.57
C PRO A 1622 -58.68 -15.22 5.38
N VAL A 1623 -57.47 -14.69 5.12
CA VAL A 1623 -56.67 -15.18 4.01
C VAL A 1623 -56.31 -16.65 4.21
N TYR A 1624 -56.10 -17.07 5.46
CA TYR A 1624 -55.80 -18.46 5.73
C TYR A 1624 -56.93 -19.37 5.26
N GLY A 1625 -58.17 -18.98 5.53
CA GLY A 1625 -59.30 -19.77 5.06
C GLY A 1625 -59.36 -19.85 3.55
N GLU A 1626 -59.10 -18.73 2.87
CA GLU A 1626 -59.09 -18.73 1.42
C GLU A 1626 -58.02 -19.68 0.87
N LEU A 1627 -56.82 -19.63 1.46
CA LEU A 1627 -55.75 -20.50 0.99
C LEU A 1627 -56.05 -21.96 1.25
N ALA A 1628 -56.64 -22.27 2.42
CA ALA A 1628 -57.03 -23.65 2.70
C ALA A 1628 -58.11 -24.12 1.74
N LEU A 1629 -59.05 -23.25 1.39
CA LEU A 1629 -60.09 -23.61 0.45
C LEU A 1629 -59.50 -23.89 -0.93
N LEU A 1630 -58.59 -23.04 -1.39
CA LEU A 1630 -57.92 -23.28 -2.67
C LEU A 1630 -57.11 -24.58 -2.63
N PHE A 1631 -56.50 -24.87 -1.48
CA PHE A 1631 -55.70 -26.09 -1.35
C PHE A 1631 -56.58 -27.33 -1.48
N LEU A 1632 -57.68 -27.36 -0.72
CA LEU A 1632 -58.59 -28.51 -0.83
C LEU A 1632 -59.23 -28.57 -2.21
N LEU A 1633 -59.42 -27.43 -2.86
CA LEU A 1633 -59.94 -27.44 -4.23
C LEU A 1633 -58.96 -28.14 -5.18
N GLU A 1634 -57.71 -27.68 -5.20
CA GLU A 1634 -56.72 -28.33 -6.06
C GLU A 1634 -56.55 -29.79 -5.68
N LEU A 1635 -56.73 -30.13 -4.41
CA LEU A 1635 -56.69 -31.53 -4.01
C LEU A 1635 -57.84 -32.32 -4.65
N SER A 1636 -59.03 -31.72 -4.72
CA SER A 1636 -60.18 -32.39 -5.30
C SER A 1636 -60.11 -32.48 -6.82
N ALA A 1637 -59.01 -32.05 -7.44
CA ALA A 1637 -58.89 -32.13 -8.89
C ALA A 1637 -58.97 -33.56 -9.40
N LEU A 1638 -58.64 -34.55 -8.56
CA LEU A 1638 -58.69 -35.94 -8.98
C LEU A 1638 -60.06 -36.55 -8.64
N PRO A 1639 -60.50 -37.55 -9.40
CA PRO A 1639 -61.84 -38.11 -9.14
C PRO A 1639 -61.96 -38.75 -7.77
N ALA A 1640 -60.97 -39.54 -7.36
CA ALA A 1640 -61.01 -40.15 -6.03
C ALA A 1640 -61.05 -39.08 -4.95
N LEU A 1641 -60.10 -38.14 -4.98
CA LEU A 1641 -60.13 -37.05 -4.02
C LEU A 1641 -61.37 -36.19 -4.19
N ALA A 1642 -61.86 -36.05 -5.43
CA ALA A 1642 -63.09 -35.28 -5.65
C ALA A 1642 -64.24 -35.87 -4.86
N GLU A 1643 -64.46 -37.18 -4.99
CA GLU A 1643 -65.56 -37.80 -4.25
C GLU A 1643 -65.28 -37.82 -2.75
N HIS A 1644 -64.02 -38.03 -2.37
CA HIS A 1644 -63.68 -38.00 -0.94
C HIS A 1644 -64.06 -36.68 -0.31
N LEU A 1645 -63.79 -35.56 -1.01
CA LEU A 1645 -64.17 -34.26 -0.49
C LEU A 1645 -65.67 -34.00 -0.63
N ALA A 1646 -66.30 -34.55 -1.67
CA ALA A 1646 -67.74 -34.42 -1.83
C ALA A 1646 -68.51 -35.21 -0.78
N CYS A 1647 -67.85 -36.12 -0.07
CA CYS A 1647 -68.51 -36.88 0.98
C CYS A 1647 -69.10 -35.93 2.03
N ASP A 1648 -69.93 -36.51 2.91
CA ASP A 1648 -70.64 -35.71 3.90
C ASP A 1648 -69.69 -34.91 4.79
N GLY A 1649 -68.41 -35.26 4.82
CA GLY A 1649 -67.48 -34.54 5.68
C GLY A 1649 -67.39 -33.06 5.35
N LEU A 1650 -67.65 -32.69 4.08
CA LEU A 1650 -67.53 -31.30 3.67
C LEU A 1650 -68.75 -30.48 4.09
N LEU A 1651 -69.94 -30.92 3.69
CA LEU A 1651 -71.15 -30.13 3.92
C LEU A 1651 -71.31 -29.76 5.39
N GLY A 1652 -70.87 -30.63 6.30
CA GLY A 1652 -70.95 -30.34 7.72
C GLY A 1652 -70.30 -29.01 8.07
N HIS A 1653 -69.00 -28.90 7.84
CA HIS A 1653 -68.30 -27.65 8.14
C HIS A 1653 -68.72 -26.53 7.20
N LEU A 1654 -69.10 -26.86 5.98
CA LEU A 1654 -69.55 -25.83 5.04
C LEU A 1654 -70.78 -25.10 5.58
N ALA A 1655 -71.68 -25.83 6.23
CA ALA A 1655 -72.87 -25.23 6.83
C ALA A 1655 -72.64 -24.76 8.25
N ALA A 1656 -71.62 -25.28 8.93
CA ALA A 1656 -71.30 -24.89 10.30
C ALA A 1656 -70.15 -23.90 10.39
N ALA A 1657 -69.53 -23.54 9.26
CA ALA A 1657 -68.42 -22.60 9.29
C ALA A 1657 -68.86 -21.26 9.85
N ARG A 1658 -67.95 -20.61 10.58
CA ARG A 1658 -68.26 -19.31 11.16
C ARG A 1658 -68.40 -18.22 10.10
N LEU A 1659 -67.89 -18.44 8.89
CA LEU A 1659 -68.04 -17.45 7.83
C LEU A 1659 -69.50 -17.21 7.47
N ALA A 1660 -70.40 -18.14 7.80
CA ALA A 1660 -71.81 -17.94 7.52
C ALA A 1660 -72.34 -16.66 8.16
N GLY A 1661 -71.79 -16.27 9.30
CA GLY A 1661 -72.22 -15.03 9.93
C GLY A 1661 -72.08 -13.83 9.01
N TYR A 1662 -70.92 -13.72 8.35
CA TYR A 1662 -70.70 -12.63 7.41
C TYR A 1662 -71.40 -12.88 6.08
N MET A 1663 -71.51 -14.14 5.65
CA MET A 1663 -72.15 -14.43 4.37
C MET A 1663 -73.63 -14.06 4.40
N ARG A 1664 -74.33 -14.36 5.50
CA ARG A 1664 -75.74 -14.05 5.58
C ARG A 1664 -76.00 -12.55 5.51
N ARG A 1665 -75.03 -11.74 5.94
CA ARG A 1665 -75.19 -10.29 5.90
C ARG A 1665 -75.27 -9.81 4.45
N THR A 1666 -76.10 -8.79 4.23
CA THR A 1666 -76.31 -8.25 2.90
C THR A 1666 -75.17 -7.38 2.40
N ASN A 1667 -74.13 -7.17 3.21
CA ASN A 1667 -73.01 -6.34 2.80
C ASN A 1667 -72.09 -7.03 1.79
N VAL A 1668 -72.32 -8.30 1.50
CA VAL A 1668 -71.47 -9.00 0.54
C VAL A 1668 -71.55 -8.33 -0.82
N GLY A 1669 -70.43 -8.29 -1.52
CA GLY A 1669 -70.36 -7.68 -2.83
C GLY A 1669 -68.94 -7.60 -3.34
N PRO A 1670 -68.79 -7.46 -4.67
CA PRO A 1670 -67.43 -7.39 -5.22
C PRO A 1670 -66.71 -6.10 -4.89
N PHE A 1671 -67.40 -4.96 -4.97
CA PHE A 1671 -66.82 -3.65 -4.70
C PHE A 1671 -67.31 -3.07 -3.37
N ALA A 1672 -67.68 -3.94 -2.43
CA ALA A 1672 -68.17 -3.46 -1.15
C ALA A 1672 -67.08 -2.67 -0.43
N GLU A 1673 -67.48 -1.55 0.20
CA GLU A 1673 -66.52 -0.73 0.91
C GLU A 1673 -65.82 -1.52 2.01
N ASN A 1674 -66.54 -2.45 2.65
CA ASN A 1674 -65.94 -3.25 3.70
C ASN A 1674 -64.96 -4.25 3.12
N ALA A 1675 -63.77 -4.33 3.72
CA ALA A 1675 -62.75 -5.26 3.22
C ALA A 1675 -63.18 -6.71 3.40
N GLY A 1676 -63.76 -7.03 4.56
CA GLY A 1676 -64.17 -8.40 4.82
C GLY A 1676 -65.25 -8.87 3.86
N ALA A 1677 -66.22 -8.00 3.55
CA ALA A 1677 -67.28 -8.37 2.63
C ALA A 1677 -66.72 -8.69 1.25
N ALA A 1678 -65.84 -7.82 0.74
CA ALA A 1678 -65.24 -8.07 -0.57
C ALA A 1678 -64.38 -9.32 -0.56
N ARG A 1679 -63.65 -9.55 0.53
CA ARG A 1679 -62.82 -10.75 0.62
C ARG A 1679 -63.68 -12.01 0.58
N CYS A 1680 -64.78 -12.02 1.34
CA CYS A 1680 -65.67 -13.18 1.32
C CYS A 1680 -66.31 -13.36 -0.05
N TYR A 1681 -66.72 -12.26 -0.69
CA TYR A 1681 -67.30 -12.36 -2.02
C TYR A 1681 -66.31 -12.96 -3.01
N ALA A 1682 -65.05 -12.53 -2.95
CA ALA A 1682 -64.03 -13.08 -3.83
C ALA A 1682 -63.78 -14.55 -3.55
N ILE A 1683 -63.70 -14.92 -2.25
CA ILE A 1683 -63.48 -16.32 -1.89
C ILE A 1683 -64.61 -17.18 -2.41
N TRP A 1684 -65.84 -16.67 -2.37
CA TRP A 1684 -66.99 -17.45 -2.82
C TRP A 1684 -67.08 -17.51 -4.35
N ALA A 1685 -66.66 -16.44 -5.04
CA ALA A 1685 -66.80 -16.42 -6.49
C ALA A 1685 -65.68 -17.17 -7.19
N LYS A 1686 -64.45 -17.05 -6.70
CA LYS A 1686 -63.29 -17.60 -7.41
C LYS A 1686 -62.98 -19.04 -7.01
N CYS A 1687 -63.39 -19.48 -5.82
CA CYS A 1687 -63.00 -20.78 -5.30
C CYS A 1687 -64.17 -21.70 -4.98
N LEU A 1688 -65.29 -21.15 -4.52
CA LEU A 1688 -66.39 -22.02 -4.09
C LEU A 1688 -67.12 -22.65 -5.27
N LEU A 1689 -67.27 -21.91 -6.37
CA LEU A 1689 -68.05 -22.40 -7.50
C LEU A 1689 -67.30 -23.47 -8.28
N PRO A 1690 -66.00 -23.30 -8.53
CA PRO A 1690 -65.24 -24.41 -9.15
C PRO A 1690 -65.23 -25.66 -8.29
N LEU A 1691 -65.10 -25.49 -6.97
CA LEU A 1691 -65.16 -26.64 -6.07
C LEU A 1691 -66.52 -27.32 -6.12
N LEU A 1692 -67.59 -26.53 -6.19
CA LEU A 1692 -68.93 -27.09 -6.32
C LEU A 1692 -69.05 -27.90 -7.61
N LEU A 1693 -68.60 -27.32 -8.73
CA LEU A 1693 -68.64 -28.03 -10.00
C LEU A 1693 -67.84 -29.33 -9.93
N ASN A 1694 -66.68 -29.29 -9.27
CA ASN A 1694 -65.84 -30.49 -9.18
C ASN A 1694 -66.54 -31.57 -8.36
N ILE A 1695 -67.06 -31.23 -7.18
CA ILE A 1695 -67.72 -32.22 -6.36
C ILE A 1695 -69.00 -32.73 -7.03
N LEU A 1696 -69.60 -31.92 -7.90
CA LEU A 1696 -70.79 -32.37 -8.63
C LEU A 1696 -70.43 -33.31 -9.76
N ALA A 1697 -69.29 -33.07 -10.43
CA ALA A 1697 -68.89 -33.95 -11.52
C ALA A 1697 -68.81 -35.40 -11.08
N ALA A 1698 -68.34 -35.65 -9.86
CA ALA A 1698 -68.26 -37.01 -9.35
C ALA A 1698 -69.65 -37.63 -9.25
N LEU A 1699 -70.53 -37.03 -8.46
CA LEU A 1699 -71.89 -37.53 -8.31
C LEU A 1699 -72.81 -36.36 -7.99
N GLY A 1700 -73.80 -36.14 -8.85
CA GLY A 1700 -74.70 -35.02 -8.69
C GLY A 1700 -76.08 -35.42 -8.19
N SER A 1701 -76.55 -36.60 -8.60
CA SER A 1701 -77.88 -37.04 -8.23
C SER A 1701 -78.05 -37.12 -6.71
N THR A 1702 -76.99 -37.48 -5.99
CA THR A 1702 -77.06 -37.62 -4.55
C THR A 1702 -76.85 -36.30 -3.82
N VAL A 1703 -75.92 -35.46 -4.30
CA VAL A 1703 -75.61 -34.20 -3.64
C VAL A 1703 -76.49 -33.05 -4.11
N ALA A 1704 -77.46 -33.32 -4.99
CA ALA A 1704 -78.35 -32.25 -5.43
C ALA A 1704 -79.13 -31.62 -4.28
N PRO A 1705 -79.75 -32.40 -3.38
CA PRO A 1705 -80.38 -31.78 -2.20
C PRO A 1705 -79.45 -30.85 -1.44
N GLU A 1706 -78.18 -31.23 -1.27
CA GLU A 1706 -77.26 -30.42 -0.48
C GLU A 1706 -77.01 -29.08 -1.14
N VAL A 1707 -76.70 -29.08 -2.43
CA VAL A 1707 -76.44 -27.82 -3.12
C VAL A 1707 -77.71 -26.98 -3.19
N ALA A 1708 -78.87 -27.62 -3.35
CA ALA A 1708 -80.13 -26.89 -3.37
C ALA A 1708 -80.36 -26.19 -2.04
N TRP A 1709 -80.09 -26.89 -0.92
CA TRP A 1709 -80.25 -26.27 0.38
C TRP A 1709 -79.25 -25.14 0.59
N VAL A 1710 -77.99 -25.35 0.16
CA VAL A 1710 -76.99 -24.30 0.30
C VAL A 1710 -77.38 -23.06 -0.50
N LEU A 1711 -78.02 -23.26 -1.64
CA LEU A 1711 -78.45 -22.12 -2.46
C LEU A 1711 -79.64 -21.41 -1.84
N ASN A 1712 -80.69 -22.16 -1.50
CA ASN A 1712 -81.89 -21.54 -0.94
C ASN A 1712 -81.69 -21.00 0.46
N GLN A 1713 -80.57 -21.36 1.12
CA GLN A 1713 -80.28 -20.83 2.44
C GLN A 1713 -79.54 -19.50 2.40
N PHE A 1714 -78.79 -19.24 1.33
CA PHE A 1714 -78.01 -18.01 1.17
C PHE A 1714 -78.34 -17.40 -0.18
N PRO A 1715 -79.55 -16.85 -0.34
CA PRO A 1715 -79.91 -16.22 -1.62
C PRO A 1715 -79.27 -14.86 -1.83
N ASN A 1716 -78.63 -14.28 -0.81
CA ASN A 1716 -78.02 -12.97 -0.98
C ASN A 1716 -76.92 -12.99 -2.03
N LEU A 1717 -76.14 -14.08 -2.08
CA LEU A 1717 -75.10 -14.18 -3.08
C LEU A 1717 -75.67 -14.21 -4.48
N LEU A 1718 -76.74 -14.99 -4.69
CA LEU A 1718 -77.37 -15.04 -5.99
C LEU A 1718 -77.94 -13.67 -6.37
N GLN A 1719 -78.57 -12.99 -5.42
CA GLN A 1719 -79.13 -11.67 -5.70
C GLN A 1719 -78.02 -10.70 -6.10
N SER A 1720 -76.91 -10.70 -5.36
CA SER A 1720 -75.81 -9.79 -5.68
C SER A 1720 -75.19 -10.14 -7.02
N SER A 1721 -75.13 -11.41 -7.38
CA SER A 1721 -74.52 -11.79 -8.66
C SER A 1721 -75.42 -11.44 -9.83
N VAL A 1722 -76.74 -11.54 -9.65
CA VAL A 1722 -77.68 -11.26 -10.74
C VAL A 1722 -78.08 -9.79 -10.82
N GLU A 1723 -77.80 -9.00 -9.79
CA GLU A 1723 -78.17 -7.59 -9.78
C GLU A 1723 -77.00 -6.66 -10.13
N ARG A 1724 -75.76 -7.09 -9.89
CA ARG A 1724 -74.62 -6.23 -10.18
C ARG A 1724 -74.50 -5.96 -11.68
N ILE A 1725 -74.61 -7.01 -12.49
CA ILE A 1725 -74.51 -6.87 -13.94
C ILE A 1725 -75.82 -6.31 -14.46
N GLU A 1726 -75.76 -5.15 -15.10
CA GLU A 1726 -76.94 -4.51 -15.67
C GLU A 1726 -76.52 -3.78 -16.93
N PRO A 1727 -77.47 -3.46 -17.83
CA PRO A 1727 -77.14 -2.74 -19.07
C PRO A 1727 -76.40 -1.42 -18.81
N LEU A 1749 -64.90 -12.30 -17.41
CA LEU A 1749 -64.97 -11.88 -16.01
C LEU A 1749 -65.28 -13.08 -15.12
N LEU A 1750 -64.89 -12.99 -13.85
CA LEU A 1750 -65.13 -14.08 -12.91
C LEU A 1750 -66.60 -14.35 -12.70
N GLU A 1751 -67.48 -13.41 -13.07
CA GLU A 1751 -68.91 -13.63 -12.89
C GLU A 1751 -69.51 -14.45 -14.03
N ILE A 1752 -68.90 -14.41 -15.22
CA ILE A 1752 -69.38 -15.24 -16.32
C ILE A 1752 -69.16 -16.71 -16.00
N SER A 1753 -68.05 -17.02 -15.31
CA SER A 1753 -67.85 -18.39 -14.84
C SER A 1753 -68.95 -18.80 -13.87
N GLU A 1754 -69.38 -17.86 -13.01
CA GLU A 1754 -70.49 -18.16 -12.11
C GLU A 1754 -71.77 -18.41 -12.88
N ILE A 1755 -72.03 -17.61 -13.91
CA ILE A 1755 -73.22 -17.82 -14.72
C ILE A 1755 -73.19 -19.19 -15.38
N HIS A 1756 -72.03 -19.58 -15.91
CA HIS A 1756 -71.91 -20.89 -16.54
C HIS A 1756 -72.10 -22.02 -15.52
N SER A 1757 -71.53 -21.84 -14.32
CA SER A 1757 -71.70 -22.85 -13.27
C SER A 1757 -73.17 -23.00 -12.89
N LEU A 1758 -73.87 -21.87 -12.75
CA LEU A 1758 -75.29 -21.92 -12.42
C LEU A 1758 -76.09 -22.58 -13.53
N ALA A 1759 -75.74 -22.29 -14.78
CA ALA A 1759 -76.45 -22.92 -15.90
C ALA A 1759 -76.23 -24.42 -15.90
N LEU A 1760 -75.00 -24.86 -15.67
CA LEU A 1760 -74.71 -26.30 -15.63
C LEU A 1760 -75.44 -26.96 -14.46
N LEU A 1761 -75.45 -26.30 -13.30
CA LEU A 1761 -76.16 -26.85 -12.15
C LEU A 1761 -77.66 -26.98 -12.45
N THR A 1762 -78.24 -25.96 -13.06
CA THR A 1762 -79.65 -26.01 -13.43
C THR A 1762 -79.91 -27.17 -14.39
N ARG A 1763 -79.06 -27.33 -15.40
CA ARG A 1763 -79.24 -28.40 -16.37
C ARG A 1763 -79.19 -29.76 -15.69
N VAL A 1764 -78.18 -29.98 -14.84
CA VAL A 1764 -78.02 -31.29 -14.23
C VAL A 1764 -79.15 -31.57 -13.24
N LEU A 1765 -79.56 -30.57 -12.46
CA LEU A 1765 -80.64 -30.80 -11.51
C LEU A 1765 -81.97 -31.03 -12.23
N ALA A 1766 -82.17 -30.39 -13.37
CA ALA A 1766 -83.38 -30.66 -14.15
C ALA A 1766 -83.35 -32.07 -14.73
N ALA A 1767 -82.20 -32.49 -15.26
CA ALA A 1767 -82.07 -33.85 -15.77
C ALA A 1767 -82.33 -34.86 -14.66
N CYS A 1768 -81.89 -34.56 -13.43
CA CYS A 1768 -82.13 -35.47 -12.31
C CYS A 1768 -83.61 -35.48 -11.92
N ARG A 1769 -84.21 -34.30 -11.76
CA ARG A 1769 -85.62 -34.22 -11.39
C ARG A 1769 -86.52 -34.83 -12.45
N ALA A 1770 -86.04 -34.95 -13.69
CA ALA A 1770 -86.85 -35.56 -14.74
C ALA A 1770 -87.29 -36.97 -14.37
N GLN A 1771 -86.58 -37.64 -13.46
CA GLN A 1771 -86.91 -38.99 -13.03
C GLN A 1771 -87.67 -39.00 -11.70
N ASN A 1772 -87.14 -38.32 -10.69
CA ASN A 1772 -87.74 -38.27 -9.36
C ASN A 1772 -88.11 -36.84 -9.01
N ALA A 1773 -88.99 -36.70 -8.02
CA ALA A 1773 -89.46 -35.41 -7.56
C ALA A 1773 -89.19 -35.14 -6.09
N ARG A 1774 -88.72 -36.13 -5.33
CA ARG A 1774 -88.47 -35.92 -3.91
C ARG A 1774 -87.37 -34.89 -3.69
N ASP A 1775 -86.30 -34.97 -4.46
CA ASP A 1775 -85.17 -34.06 -4.33
C ASP A 1775 -85.35 -32.84 -5.21
N VAL A 1776 -84.53 -31.82 -4.97
CA VAL A 1776 -84.58 -30.57 -5.72
C VAL A 1776 -85.96 -29.96 -5.55
N PRO A 1777 -86.33 -29.51 -4.35
CA PRO A 1777 -87.67 -28.92 -4.18
C PRO A 1777 -87.82 -27.58 -4.88
N GLU A 1778 -86.80 -26.74 -4.85
CA GLU A 1778 -86.85 -25.43 -5.48
C GLU A 1778 -85.52 -25.15 -6.17
N VAL A 1779 -85.60 -24.61 -7.39
CA VAL A 1779 -84.39 -24.34 -8.17
C VAL A 1779 -83.76 -23.01 -7.79
N THR A 1780 -84.53 -22.08 -7.23
CA THR A 1780 -84.05 -20.76 -6.83
C THR A 1780 -83.08 -20.18 -7.85
N TRP A 1781 -83.55 -20.10 -9.09
CA TRP A 1781 -82.77 -19.55 -10.18
C TRP A 1781 -83.70 -19.11 -11.29
N ASP A 1782 -83.48 -17.89 -11.79
CA ASP A 1782 -84.30 -17.32 -12.85
C ASP A 1782 -83.56 -17.40 -14.17
N GLY A 1783 -84.29 -17.75 -15.24
CA GLY A 1783 -83.71 -17.87 -16.55
C GLY A 1783 -83.95 -16.66 -17.42
N ALA A 1784 -85.15 -16.07 -17.32
CA ALA A 1784 -85.49 -14.92 -18.14
C ALA A 1784 -84.50 -13.78 -17.92
N LYS A 1785 -84.22 -13.45 -16.66
CA LYS A 1785 -83.28 -12.37 -16.37
C LYS A 1785 -81.90 -12.69 -16.89
N VAL A 1786 -81.42 -13.91 -16.66
CA VAL A 1786 -80.09 -14.30 -17.12
C VAL A 1786 -80.05 -14.30 -18.64
N LEU A 1787 -81.12 -14.75 -19.29
CA LEU A 1787 -81.16 -14.74 -20.75
C LEU A 1787 -81.08 -13.32 -21.30
N GLU A 1788 -81.89 -12.41 -20.74
CA GLU A 1788 -81.84 -11.03 -21.18
C GLU A 1788 -80.47 -10.42 -20.92
N CYS A 1789 -79.83 -10.78 -19.81
CA CYS A 1789 -78.50 -10.27 -19.51
C CYS A 1789 -77.49 -10.73 -20.56
N VAL A 1790 -77.39 -12.05 -20.77
CA VAL A 1790 -76.45 -12.57 -21.75
C VAL A 1790 -76.78 -12.08 -23.15
N GLU A 1791 -78.02 -11.69 -23.42
CA GLU A 1791 -78.37 -11.14 -24.72
C GLU A 1791 -77.87 -9.70 -24.85
N TYR A 1792 -78.08 -8.88 -23.82
CA TYR A 1792 -77.63 -7.50 -23.83
C TYR A 1792 -76.13 -7.35 -23.63
N TRP A 1793 -75.41 -8.45 -23.40
CA TRP A 1793 -73.97 -8.45 -23.24
C TRP A 1793 -73.29 -9.31 -24.30
N LEU A 1794 -73.76 -9.19 -25.54
CA LEU A 1794 -73.20 -9.95 -26.65
C LEU A 1794 -73.59 -9.34 -27.98
N LYS A 1798 -67.25 -2.78 -28.34
CA LYS A 1798 -66.37 -1.77 -27.75
C LYS A 1798 -66.96 -1.25 -26.45
N VAL A 1799 -68.29 -1.20 -26.38
CA VAL A 1799 -68.96 -0.72 -25.16
C VAL A 1799 -68.67 -1.62 -23.98
N LEU A 1800 -68.28 -2.87 -24.22
CA LEU A 1800 -67.99 -3.79 -23.13
C LEU A 1800 -66.87 -3.28 -22.22
N ARG A 1801 -65.99 -2.42 -22.73
CA ARG A 1801 -64.88 -1.88 -21.94
C ARG A 1801 -65.31 -0.78 -20.99
N GLU A 1802 -66.62 -0.57 -20.81
CA GLU A 1802 -67.07 0.48 -19.90
C GLU A 1802 -66.68 0.19 -18.46
N ARG A 1803 -66.85 -1.06 -18.03
CA ARG A 1803 -66.57 -1.48 -16.66
C ARG A 1803 -65.52 -2.58 -16.61
N LEU A 1804 -64.45 -2.42 -17.40
CA LEU A 1804 -63.33 -3.36 -17.42
C LEU A 1804 -62.10 -2.61 -16.92
N VAL A 1805 -61.81 -2.76 -15.63
CA VAL A 1805 -60.66 -2.09 -15.01
C VAL A 1805 -59.92 -3.12 -14.16
N PRO A 1806 -59.16 -4.03 -14.77
CA PRO A 1806 -58.43 -5.04 -13.97
C PRO A 1806 -57.49 -4.36 -12.97
N LEU A 1807 -57.68 -4.69 -11.69
CA LEU A 1807 -56.87 -4.13 -10.63
C LEU A 1807 -55.70 -5.03 -10.26
N GLY A 1808 -55.90 -6.34 -10.30
CA GLY A 1808 -54.86 -7.28 -9.97
C GLY A 1808 -53.76 -7.32 -11.01
N PRO A 1809 -54.09 -7.79 -12.22
CA PRO A 1809 -53.08 -7.86 -13.29
C PRO A 1809 -52.81 -6.49 -13.88
N ARG A 1810 -51.56 -6.02 -13.76
CA ARG A 1810 -51.17 -4.73 -14.30
C ARG A 1810 -49.81 -4.78 -15.00
N GLU A 1811 -49.34 -5.98 -15.36
CA GLU A 1811 -48.04 -6.13 -16.01
C GLU A 1811 -48.15 -6.67 -17.43
N VAL A 1812 -49.36 -6.95 -17.92
CA VAL A 1812 -49.55 -7.47 -19.27
C VAL A 1812 -50.75 -6.81 -19.91
N ASN A 1836 -58.23 -8.52 -25.76
CA ASN A 1836 -57.01 -9.24 -26.10
C ASN A 1836 -56.65 -10.26 -25.03
N ARG A 1837 -57.03 -9.96 -23.79
CA ARG A 1837 -56.74 -10.82 -22.64
C ARG A 1837 -57.97 -11.52 -22.10
N LEU A 1838 -59.07 -10.79 -21.87
CA LEU A 1838 -60.26 -11.34 -21.26
C LEU A 1838 -61.43 -11.51 -22.22
N GLU A 1839 -61.42 -10.82 -23.36
CA GLU A 1839 -62.54 -10.94 -24.29
C GLU A 1839 -62.61 -12.34 -24.90
N GLU A 1840 -61.46 -12.95 -25.17
CA GLU A 1840 -61.45 -14.33 -25.68
C GLU A 1840 -62.10 -15.27 -24.67
N LYS A 1841 -61.71 -15.18 -23.41
CA LYS A 1841 -62.30 -16.02 -22.38
C LYS A 1841 -63.79 -15.74 -22.23
N ALA A 1842 -64.18 -14.47 -22.34
CA ALA A 1842 -65.60 -14.12 -22.21
C ALA A 1842 -66.41 -14.75 -23.33
N VAL A 1843 -65.94 -14.65 -24.57
CA VAL A 1843 -66.68 -15.23 -25.69
C VAL A 1843 -66.69 -16.75 -25.58
N GLY A 1844 -65.59 -17.35 -25.09
CA GLY A 1844 -65.58 -18.79 -24.89
C GLY A 1844 -66.61 -19.23 -23.86
N LEU A 1845 -66.68 -18.50 -22.74
CA LEU A 1845 -67.68 -18.83 -21.73
C LEU A 1845 -69.09 -18.62 -22.24
N LEU A 1846 -69.31 -17.60 -23.06
CA LEU A 1846 -70.63 -17.39 -23.65
C LEU A 1846 -71.00 -18.53 -24.58
N VAL A 1847 -70.04 -19.00 -25.39
CA VAL A 1847 -70.30 -20.14 -26.26
C VAL A 1847 -70.62 -21.38 -25.44
N GLY A 1848 -69.89 -21.57 -24.34
CA GLY A 1848 -70.18 -22.70 -23.46
C GLY A 1848 -71.57 -22.63 -22.88
N VAL A 1849 -71.97 -21.44 -22.42
CA VAL A 1849 -73.31 -21.25 -21.87
C VAL A 1849 -74.37 -21.55 -22.93
N ARG A 1850 -74.15 -21.06 -24.15
CA ARG A 1850 -75.09 -21.35 -25.24
C ARG A 1850 -75.14 -22.84 -25.53
N GLU A 1851 -74.02 -23.54 -25.39
CA GLU A 1851 -74.00 -24.97 -25.67
C GLU A 1851 -74.69 -25.78 -24.59
N VAL A 1852 -74.58 -25.36 -23.33
CA VAL A 1852 -75.22 -26.10 -22.25
C VAL A 1852 -76.69 -25.70 -22.09
N LEU A 1853 -77.03 -24.45 -22.37
CA LEU A 1853 -78.42 -23.99 -22.26
C LEU A 1853 -79.18 -24.05 -23.57
N GLU A 1854 -78.48 -23.95 -24.71
CA GLU A 1854 -79.13 -23.99 -26.01
C GLU A 1854 -78.45 -24.99 -26.93
N ASP B 9 -29.41 12.53 -30.80
CA ASP B 9 -29.52 11.40 -29.89
C ASP B 9 -28.78 11.69 -28.60
N VAL B 10 -27.53 12.15 -28.71
CA VAL B 10 -26.73 12.47 -27.53
C VAL B 10 -27.37 13.61 -26.75
N ASP B 11 -27.96 14.57 -27.46
CA ASP B 11 -28.61 15.69 -26.79
C ASP B 11 -29.74 15.19 -25.89
N THR B 12 -30.63 14.36 -26.42
CA THR B 12 -31.73 13.83 -25.62
C THR B 12 -31.20 12.92 -24.51
N TYR B 13 -30.17 12.13 -24.80
CA TYR B 13 -29.60 11.26 -23.78
C TYR B 13 -29.09 12.06 -22.60
N LEU B 14 -28.41 13.18 -22.87
CA LEU B 14 -27.90 14.01 -21.78
C LEU B 14 -29.01 14.80 -21.11
N SER B 15 -30.08 15.13 -21.84
CA SER B 15 -31.18 15.88 -21.25
C SER B 15 -31.97 15.01 -20.28
N ASN B 16 -32.25 13.76 -20.65
CA ASN B 16 -33.01 12.85 -19.81
C ASN B 16 -32.13 12.00 -18.90
N LEU B 17 -30.94 12.47 -18.58
CA LEU B 17 -30.02 11.73 -17.72
C LEU B 17 -30.20 12.16 -16.26
N GLN B 18 -30.01 11.20 -15.36
CA GLN B 18 -30.13 11.42 -13.93
C GLN B 18 -28.79 11.13 -13.25
N THR B 19 -28.40 12.00 -12.33
CA THR B 19 -27.14 11.85 -11.60
C THR B 19 -27.32 10.76 -10.55
N LYS B 20 -26.88 9.54 -10.88
CA LYS B 20 -26.99 8.41 -9.97
C LYS B 20 -26.18 7.26 -10.55
N THR B 21 -25.74 6.36 -9.66
CA THR B 21 -24.93 5.23 -10.08
C THR B 21 -25.71 4.37 -11.07
N THR B 22 -24.98 3.79 -12.03
CA THR B 22 -25.62 2.99 -13.07
C THR B 22 -25.99 1.59 -12.55
N LEU B 23 -25.16 1.01 -11.70
CA LEU B 23 -25.43 -0.33 -11.19
C LEU B 23 -26.72 -0.40 -10.38
N SER B 24 -27.29 0.73 -9.99
CA SER B 24 -28.55 0.73 -9.27
C SER B 24 -29.76 0.71 -10.21
N MET B 25 -29.65 1.32 -11.38
CA MET B 25 -30.75 1.30 -12.33
C MET B 25 -30.96 -0.10 -12.89
N ILE B 26 -29.87 -0.76 -13.30
CA ILE B 26 -29.97 -2.12 -13.82
C ILE B 26 -30.53 -3.05 -12.75
N ALA B 27 -30.28 -2.75 -11.48
CA ALA B 27 -30.81 -3.57 -10.40
C ALA B 27 -32.34 -3.58 -10.39
N ASP B 28 -32.97 -2.58 -11.00
CA ASP B 28 -34.43 -2.55 -11.08
C ASP B 28 -35.00 -3.74 -11.82
N GLY B 29 -34.17 -4.46 -12.59
CA GLY B 29 -34.65 -5.65 -13.26
C GLY B 29 -35.14 -6.71 -12.29
N LEU B 30 -34.45 -6.86 -11.16
CA LEU B 30 -34.88 -7.83 -10.15
C LEU B 30 -36.27 -7.47 -9.63
N GLU B 31 -36.49 -6.19 -9.29
CA GLU B 31 -37.79 -5.77 -8.80
C GLU B 31 -38.86 -5.95 -9.88
N ARG B 32 -38.54 -5.64 -11.13
CA ARG B 32 -39.51 -5.81 -12.21
C ARG B 32 -39.89 -7.28 -12.37
N SER B 33 -38.90 -8.17 -12.31
CA SER B 33 -39.19 -9.60 -12.42
C SER B 33 -40.02 -10.08 -11.24
N ALA B 34 -39.70 -9.60 -10.03
CA ALA B 34 -40.46 -10.01 -8.85
C ALA B 34 -41.90 -9.54 -8.94
N ARG B 35 -42.12 -8.35 -9.51
CA ARG B 35 -43.48 -7.83 -9.65
C ARG B 35 -44.25 -8.52 -10.77
N ASP B 36 -43.54 -8.93 -11.84
CA ASP B 36 -44.20 -9.63 -12.93
C ASP B 36 -44.46 -11.09 -12.62
N PHE B 37 -43.72 -11.67 -11.67
CA PHE B 37 -43.95 -13.07 -11.29
C PHE B 37 -45.36 -13.27 -10.74
N ASP B 38 -45.90 -12.26 -10.06
CA ASP B 38 -47.26 -12.37 -9.53
C ASP B 38 -48.26 -12.52 -10.67
N ALA B 39 -48.19 -11.64 -11.65
CA ALA B 39 -49.09 -11.73 -12.80
C ALA B 39 -48.86 -13.02 -13.58
N PHE B 40 -47.60 -13.47 -13.66
CA PHE B 40 -47.32 -14.72 -14.37
C PHE B 40 -47.97 -15.90 -13.67
N LEU B 41 -47.86 -15.97 -12.34
CA LEU B 41 -48.52 -17.04 -11.59
C LEU B 41 -50.03 -16.94 -11.70
N GLU B 42 -50.57 -15.72 -11.71
CA GLU B 42 -52.01 -15.55 -11.88
C GLU B 42 -52.46 -16.11 -13.23
N GLU B 43 -51.74 -15.77 -14.29
CA GLU B 43 -52.08 -16.30 -15.61
C GLU B 43 -51.93 -17.81 -15.65
N ASN B 44 -50.92 -18.34 -14.96
CA ASN B 44 -50.73 -19.79 -14.92
C ASN B 44 -51.93 -20.48 -14.28
N VAL B 45 -52.35 -20.00 -13.10
CA VAL B 45 -53.49 -20.62 -12.43
C VAL B 45 -54.76 -20.43 -13.25
N THR B 46 -54.90 -19.29 -13.94
CA THR B 46 -56.08 -19.06 -14.75
C THR B 46 -56.14 -20.04 -15.92
N LEU B 47 -55.03 -20.23 -16.64
CA LEU B 47 -55.02 -21.17 -17.74
C LEU B 47 -55.16 -22.61 -17.23
N GLU B 48 -54.68 -22.89 -16.03
CA GLU B 48 -54.87 -24.22 -15.45
C GLU B 48 -56.35 -24.48 -15.17
N TRP B 49 -57.04 -23.50 -14.58
CA TRP B 49 -58.47 -23.63 -14.37
C TRP B 49 -59.21 -23.77 -15.69
N GLU B 50 -58.78 -23.04 -16.71
CA GLU B 50 -59.41 -23.14 -18.03
C GLU B 50 -59.23 -24.54 -18.61
N ALA B 51 -58.03 -25.09 -18.50
CA ALA B 51 -57.79 -26.44 -19.02
C ALA B 51 -58.59 -27.48 -18.23
N GLN B 52 -58.72 -27.28 -16.92
CA GLN B 52 -59.52 -28.20 -16.11
C GLN B 52 -60.98 -28.15 -16.54
N ARG B 53 -61.52 -26.94 -16.74
CA ARG B 53 -62.89 -26.82 -17.21
C ARG B 53 -63.06 -27.44 -18.58
N LYS B 54 -62.08 -27.27 -19.47
CA LYS B 54 -62.17 -27.85 -20.80
C LYS B 54 -62.18 -29.37 -20.75
N ARG B 55 -61.31 -29.96 -19.92
CA ARG B 55 -61.29 -31.41 -19.82
C ARG B 55 -62.57 -31.94 -19.18
N ILE B 56 -63.11 -31.21 -18.20
CA ILE B 56 -64.37 -31.62 -17.61
C ILE B 56 -65.50 -31.58 -18.64
N TYR B 57 -65.51 -30.53 -19.47
CA TYR B 57 -66.53 -30.44 -20.52
C TYR B 57 -66.38 -31.58 -21.54
N GLN B 58 -65.14 -31.89 -21.92
CA GLN B 58 -64.92 -33.00 -22.85
C GLN B 58 -65.31 -34.33 -22.24
N HIS B 59 -65.15 -34.47 -20.92
CA HIS B 59 -65.57 -35.71 -20.26
C HIS B 59 -67.09 -35.82 -20.20
N PHE B 60 -67.77 -34.72 -19.89
CA PHE B 60 -69.24 -34.74 -19.88
C PHE B 60 -69.78 -35.01 -21.28
N GLY B 61 -69.28 -34.27 -22.27
CA GLY B 61 -69.73 -34.44 -23.64
C GLY B 61 -71.13 -33.92 -23.87
#